data_8G1A
#
_entry.id   8G1A
#
_cell.length_a   1.00
_cell.length_b   1.00
_cell.length_c   1.00
_cell.angle_alpha   90.00
_cell.angle_beta   90.00
_cell.angle_gamma   90.00
#
_symmetry.space_group_name_H-M   'P 1'
#
loop_
_entity.id
_entity.type
_entity.pdbx_description
1 polymer 'Sodium channel protein type 9 subunit alpha'
2 polymer 'Sodium channel subunit beta-1'
3 polymer 'Sodium channel subunit beta-2'
4 branched 2-acetamido-2-deoxy-beta-D-glucopyranose-(1-4)-2-acetamido-2-deoxy-beta-D-glucopyranose
5 non-polymer 2-acetamido-2-deoxy-beta-D-glucopyranose
6 non-polymer cannabidiol
7 non-polymer O-[(R)-{[(2R)-2,3-bis(octadecanoyloxy)propyl]oxy}(hydroxy)phosphoryl]-L-serine
8 non-polymer 'CHOLESTEROL HEMISUCCINATE'
9 non-polymer (3beta,14beta,17beta,25R)-3-[4-methoxy-3-(methoxymethyl)butoxy]spirost-5-en
10 non-polymer 1-O-OCTADECYL-SN-GLYCERO-3-PHOSPHOCHOLINE
11 non-polymer 1,2-DIOLEOYL-SN-GLYCERO-3-PHOSPHOCHOLINE
#
loop_
_entity_poly.entity_id
_entity_poly.type
_entity_poly.pdbx_seq_one_letter_code
_entity_poly.pdbx_strand_id
1 'polypeptide(L)'
;MAMLPPPGPQSFVHFTKQSLALIEQRIAERKSKEPKEEKKDDDEEAPKPSSDLEAGKQLPFIYGDIPPGMVSEPLEDLDP
YYADKKTFIVLNKGKTIFRFNATPALYMLSPFSPLRRISIKILVHSLFSMLIMCTILTNCIFMTMNNPPDWTKNVEYTFT
GIYTFESLVKILARGFCVGEFTFLRDPWNWLDFVVIVFAYLTEFVNLGNVSALRTFRVLRALKTISVIPGLKTIVGALIQ
SVKKLSDVMILTVFCLSVFALIGLQLFMGNLKHKCFRNSLENNETLESIMNTLESEEDFRKYFYYLEGSKDALLCGFSTD
SGQCPEGYTCVKIGRNPDYGYTSFDTFSWAFLALFRLMTQDYWENLYQQTLRAAGKTYMIFFVVVIFLGSFYLINLILAV
VAMAYEEQNQANIEEAKQKELEFQQMLDRLKKEQEEAEAIAAAAAEYTSIRRSRIMGLSESSSETSKLSSKSAKERRNRR
KKKNQKKLSSGEEKGDAEKLSKSESEDSIRRKSFHLGVEGHRRAHEKRLSTPNQSPLSIRGSLFSARRSSRTSLFSFKGR
GRDIGSETEFADDEHSIFGDNESRRGSLFVPHRPQERRSSNISQASRSPPMLPVNGKMHSAVDCNGVVSLVDGRSALMLP
NGQLLPEVIIDKATSDDSGTTNQIHKKRRCSSYLLSEDMLNDPNLRQRAMSRASILTNTVEELEESRQKCPPWWYRFAHK
FLIWNCSPYWIKFKKCIYFIVMDPFVDLAITICIVLNTLFMAMEHHPMTEEFKNVLAIGNLVFTGIFAAEMVLKLIAMDP
YEYFQVGWNIFDSLIVTLSLVELFLADVEGLSVLRSFRLLRVFKLAKSWPTLNMLIKIIGNSVGALGNLTLVLAIIVFIF
AVVGMQLFGKSYKECVCKINDDCTLPRWHMNDFFHSFLIVFRVLCGEWIETMWDCMEVAGQAMCLIVYMMVMVIGNLVVL
NLFLALLLSSFSSDNLTAIEEDPDANNLQIAVTRIKKGINYVKQTLREFILKAFSKKPKISREIRQAEDLNTKKENYISN
HTLAEMSKGHNFLKEKDKISGFGSSVDKHLMEDSDGQSFIHNPSLTVTVPIAPGESDLENMNAEELSSDSDSEYSKVRLN
RSSSSECSTVDNPLPGEGEEAEAEPMNSDEPEACFTDGCVWRFSCCQVNIESGKGKIWWNIRKTCYKIVEHSWFESFIVL
MILLSSGALAFEDIYIERKKTIKIILEYADKIFTYIFILEMLLKWIAYGYKTYFTNAWCWLDFLIVDVSLVTLVANTLGY
SDLGPIKSLRTLRALRPLRALSRFEGMRVVVNALIGAIPSIMNVLLVCLIFWLIFSIMGVNLFAGKFYECINTTDGSRFP
ASQVPNRSECFALMNVSQNVRWKNLKVNFDNVGLGYLSLLQVATFKGWTIIMYAAVDSVNVDKQPKYEYSLYMYIYFVVF
IIFGSFFTLNLFIGVIIDNFNQQKKKLGGQDIFMTEEQKKYYNAMKKLGSKKPQKPIPRPGNKIQGCIFDLVTNQAFDIS
IMVLICLNMVTMMVEKEGQSQHMTEVLYWINVVFIILFTGECVLKLISLRHYYFTVGWNIFDFVVVIISIVGMFLADLIE
TYFVSPTLFRVIRLARIGRILRLVKGAKGIRTLLFALMMSLPALFNIGLLLFLVMFIYAIFGMSNFAYVKKEDGINDMFN
FETFGNSMICLFQITTSAGWDGLLAPILNSKPPDCDPKKVHPGSSVEGDCGNPSVGIFYFVSYIIISFLVVVNMYIAVIL
ENFSVATEESTEPLSEDDFEMFYEVWEKFDPDATQFIEFSKLSDFAAALDPPLLIAKPNKVQLIAMDLPMVSGDRIHCLD
ILFAFTKRVLGESGEMDSLRSQMEERFMSANPSKVSYEPITTTLKRKQEDVSATVIQRAYRRYRLRQNVKNISSIYIKDG
DRDDDLLNKKDMAFDNVNENSSPEKTDATSSTTSPPSYDSVTKPDKEKYEQDRTEKEDKGKDSKESKK
;
A
2 'polypeptide(L)'
;MGRLLALVVGAALVSSACGGCVEVDSETEAVYGMTFKILCISCKRRSETNAETFTEWTFRQKGTEEFVKILRYENEVLQL
EEDERFEGRVVWNGSRGTKDLQDLSIFITNVTYNHSGDYECHVYRLLFFENYEHNTSVVKKIHIEVVDKANRDMASIVSE
IMMYVLIVVLTIWLVAEMIYCYKKIAAATETAAQENASEYLAITSESKENCTGVQVAE
;
B
3 'polypeptide(L)'
;MHRDAWLPRPAFSLTGLSLFFSLVPPGRSMEVTVPATLNVLNGSDARLPCTFNSCYTVNHKQFSLNWTYQECNNCSEEMF
LQFRMKIINLKLERFQDRVEFSGNPSKYDVSVMLRNVQPEDEGIYNCYIMNPPDRHRGHGKIHLQVLMEEPPERDSTVAV
IVGASVGGFLAVVILVLMVVKCVRRKKEQKLSTDDLKTEEEGKTDGEGNPDDGAK
;
C
#
loop_
_chem_comp.id
_chem_comp.type
_chem_comp.name
_chem_comp.formula
9Z9 non-polymer (3beta,14beta,17beta,25R)-3-[4-methoxy-3-(methoxymethyl)butoxy]spirost-5-en 'C34 H56 O5'
LPE non-polymer 1-O-OCTADECYL-SN-GLYCERO-3-PHOSPHOCHOLINE 'C26 H57 N O6 P 1'
NAG D-saccharide, beta linking 2-acetamido-2-deoxy-beta-D-glucopyranose 'C8 H15 N O6'
P0T non-polymer cannabidiol 'C21 H30 O2'
P5S non-polymer O-[(R)-{[(2R)-2,3-bis(octadecanoyloxy)propyl]oxy}(hydroxy)phosphoryl]-L-serine 'C42 H82 N O10 P'
PCW non-polymer 1,2-DIOLEOYL-SN-GLYCERO-3-PHOSPHOCHOLINE 'C44 H85 N O8 P 1'
Y01 non-polymer 'CHOLESTEROL HEMISUCCINATE' 'C31 H50 O4'
#
# COMPACT_ATOMS: atom_id res chain seq x y z
N SER A 11 38.23 -30.66 42.54
CA SER A 11 38.64 -29.80 41.39
C SER A 11 38.38 -28.32 41.68
N PHE A 12 37.47 -28.05 42.62
CA PHE A 12 37.10 -26.69 42.99
C PHE A 12 36.88 -26.61 44.48
N VAL A 13 37.75 -25.88 45.19
CA VAL A 13 37.56 -25.67 46.62
C VAL A 13 36.39 -24.72 46.84
N HIS A 14 35.86 -24.74 48.06
N HIS A 14 35.85 -24.74 48.06
CA HIS A 14 34.69 -23.95 48.45
CA HIS A 14 34.69 -23.94 48.40
C HIS A 14 35.02 -22.48 48.70
C HIS A 14 35.02 -22.49 48.73
N PHE A 15 36.19 -22.01 48.29
CA PHE A 15 36.59 -20.62 48.47
C PHE A 15 36.59 -20.24 49.95
N THR A 16 37.47 -20.90 50.70
CA THR A 16 37.51 -20.72 52.14
C THR A 16 38.14 -19.38 52.51
N LYS A 17 38.09 -19.08 53.81
CA LYS A 17 38.67 -17.83 54.32
C LYS A 17 40.13 -17.71 53.94
N GLN A 18 40.91 -18.77 54.15
CA GLN A 18 42.32 -18.75 53.80
C GLN A 18 42.50 -18.54 52.30
N SER A 19 41.65 -19.19 51.49
CA SER A 19 41.76 -19.04 50.04
C SER A 19 41.58 -17.58 49.64
N LEU A 20 40.52 -16.94 50.15
CA LEU A 20 40.27 -15.54 49.82
C LEU A 20 41.43 -14.67 50.29
N ALA A 21 41.91 -14.92 51.51
CA ALA A 21 43.00 -14.11 52.06
C ALA A 21 44.25 -14.23 51.20
N LEU A 22 44.59 -15.45 50.79
CA LEU A 22 45.81 -15.66 50.01
C LEU A 22 45.66 -15.07 48.61
N ILE A 23 44.48 -15.20 48.01
CA ILE A 23 44.26 -14.61 46.68
C ILE A 23 44.43 -13.10 46.75
N GLU A 24 43.82 -12.47 47.76
CA GLU A 24 43.95 -11.04 47.93
C GLU A 24 45.40 -10.64 48.15
N GLN A 25 46.12 -11.43 48.97
CA GLN A 25 47.52 -11.10 49.26
C GLN A 25 48.36 -11.18 47.99
N ARG A 26 48.16 -12.23 47.18
CA ARG A 26 48.93 -12.37 45.95
C ARG A 26 48.63 -11.22 44.99
N ILE A 27 47.35 -10.88 44.84
CA ILE A 27 46.98 -9.78 43.94
C ILE A 27 47.60 -8.48 44.41
N ALA A 28 47.52 -8.20 45.72
CA ALA A 28 48.10 -6.97 46.25
C ALA A 28 49.60 -6.93 46.06
N GLU A 29 50.28 -8.06 46.28
CA GLU A 29 51.72 -8.10 46.07
C GLU A 29 52.08 -7.83 44.62
N ARG A 30 51.34 -8.42 43.69
CA ARG A 30 51.60 -8.17 42.27
C ARG A 30 51.38 -6.70 41.93
N LYS A 31 50.29 -6.11 42.44
CA LYS A 31 50.04 -4.69 42.17
C LYS A 31 51.14 -3.81 42.75
N SER A 32 51.61 -4.13 43.97
CA SER A 32 52.68 -3.36 44.57
C SER A 32 53.96 -3.46 43.75
N LYS A 33 54.30 -4.66 43.29
CA LYS A 33 55.49 -4.84 42.46
C LYS A 33 55.34 -4.24 41.07
N GLU A 34 54.10 -3.99 40.62
CA GLU A 34 53.88 -3.37 39.32
C GLU A 34 54.28 -1.91 39.35
N PRO A 47 45.66 -10.43 29.22
CA PRO A 47 44.95 -11.26 28.25
C PRO A 47 43.48 -10.88 28.12
N LYS A 48 42.66 -11.76 27.57
CA LYS A 48 41.24 -11.52 27.39
C LYS A 48 40.43 -12.68 27.95
N PRO A 49 39.20 -12.42 28.38
CA PRO A 49 38.37 -13.52 28.89
C PRO A 49 38.02 -14.51 27.79
N SER A 50 37.86 -15.77 28.19
CA SER A 50 37.50 -16.83 27.27
C SER A 50 35.99 -16.94 27.15
N SER A 51 35.49 -16.96 25.91
CA SER A 51 34.05 -17.00 25.69
C SER A 51 33.44 -18.36 25.95
N ASP A 52 34.25 -19.42 25.98
CA ASP A 52 33.70 -20.77 26.14
C ASP A 52 32.98 -20.95 27.47
N LEU A 53 33.42 -20.25 28.53
CA LEU A 53 32.78 -20.38 29.83
C LEU A 53 32.49 -19.02 30.45
N GLU A 54 32.24 -18.01 29.61
CA GLU A 54 31.86 -16.70 30.13
C GLU A 54 30.57 -16.82 30.93
N ALA A 55 30.49 -16.07 32.03
CA ALA A 55 29.37 -16.17 32.95
C ALA A 55 28.05 -16.02 32.21
N GLY A 56 27.25 -17.10 32.19
CA GLY A 56 25.95 -17.08 31.54
C GLY A 56 25.85 -17.94 30.30
N LYS A 57 26.89 -18.68 29.90
CA LYS A 57 26.81 -19.48 28.69
C LYS A 57 26.39 -20.92 28.97
N GLN A 58 27.21 -21.66 29.72
CA GLN A 58 26.95 -23.07 29.99
C GLN A 58 28.08 -23.61 30.86
N LEU A 59 27.91 -24.85 31.30
CA LEU A 59 28.97 -25.55 32.03
C LEU A 59 29.93 -26.21 31.06
N PRO A 60 31.22 -25.91 31.10
CA PRO A 60 32.17 -26.62 30.24
C PRO A 60 32.22 -28.10 30.58
N PHE A 61 32.45 -28.92 29.55
CA PHE A 61 32.50 -30.36 29.70
C PHE A 61 33.89 -30.86 30.10
N ILE A 62 34.77 -29.96 30.54
CA ILE A 62 36.11 -30.37 30.96
C ILE A 62 36.01 -31.38 32.11
N TYR A 63 35.19 -31.07 33.11
CA TYR A 63 34.97 -31.97 34.23
C TYR A 63 33.63 -32.68 34.14
N GLY A 64 32.93 -32.56 33.02
CA GLY A 64 31.65 -33.22 32.87
C GLY A 64 30.63 -32.77 33.89
N ASP A 65 30.29 -33.65 34.82
CA ASP A 65 29.32 -33.34 35.87
C ASP A 65 30.04 -32.68 37.05
N ILE A 66 29.28 -32.40 38.11
CA ILE A 66 29.81 -31.78 39.31
C ILE A 66 29.33 -32.60 40.50
N PRO A 67 30.12 -32.73 41.57
CA PRO A 67 29.66 -33.49 42.74
C PRO A 67 28.37 -32.92 43.30
N PRO A 68 27.45 -33.78 43.77
CA PRO A 68 26.16 -33.28 44.28
C PRO A 68 26.21 -32.76 45.71
N GLY A 69 27.35 -32.84 46.37
CA GLY A 69 27.48 -32.39 47.75
C GLY A 69 27.81 -30.92 47.91
N MET A 70 27.73 -30.14 46.83
CA MET A 70 28.05 -28.72 46.90
C MET A 70 27.38 -28.03 45.73
N VAL A 71 26.38 -27.19 46.01
CA VAL A 71 25.66 -26.45 44.99
C VAL A 71 25.40 -25.04 45.51
N SER A 72 25.62 -24.05 44.64
CA SER A 72 25.38 -22.63 44.90
C SER A 72 26.33 -22.05 45.93
N GLU A 73 27.24 -22.84 46.49
CA GLU A 73 28.20 -22.31 47.44
C GLU A 73 29.24 -21.48 46.71
N PRO A 74 29.65 -20.32 47.25
CA PRO A 74 30.74 -19.56 46.62
C PRO A 74 31.96 -20.42 46.38
N LEU A 75 32.29 -20.64 45.11
CA LEU A 75 33.38 -21.49 44.70
C LEU A 75 34.49 -20.65 44.07
N GLU A 76 35.69 -21.21 44.05
CA GLU A 76 36.81 -20.55 43.38
C GLU A 76 36.46 -20.32 41.92
N ASP A 77 36.71 -19.09 41.44
CA ASP A 77 36.36 -18.74 40.08
C ASP A 77 37.16 -19.58 39.10
N LEU A 78 36.45 -20.26 38.20
CA LEU A 78 37.07 -21.18 37.25
C LEU A 78 37.62 -20.43 36.04
N ASP A 79 38.47 -19.44 36.31
CA ASP A 79 39.04 -18.67 35.21
C ASP A 79 40.37 -18.03 35.60
N PRO A 80 41.47 -18.34 34.90
CA PRO A 80 42.74 -17.67 35.22
C PRO A 80 42.71 -16.17 34.98
N TYR A 81 41.96 -15.69 33.98
CA TYR A 81 41.96 -14.26 33.68
C TYR A 81 41.34 -13.46 34.83
N TYR A 82 40.25 -13.96 35.41
CA TYR A 82 39.65 -13.35 36.60
C TYR A 82 40.30 -13.83 37.89
N ALA A 83 41.26 -14.75 37.82
CA ALA A 83 41.96 -15.17 39.02
C ALA A 83 42.67 -13.98 39.68
N ASP A 84 43.30 -13.14 38.86
CA ASP A 84 43.96 -11.95 39.40
C ASP A 84 42.97 -10.92 39.92
N LYS A 85 41.68 -11.08 39.63
CA LYS A 85 40.64 -10.20 40.14
C LYS A 85 39.94 -10.87 41.32
N LYS A 86 39.00 -10.14 41.92
CA LYS A 86 38.30 -10.57 43.12
C LYS A 86 36.87 -10.96 42.72
N THR A 87 36.57 -12.25 42.78
CA THR A 87 35.25 -12.75 42.44
C THR A 87 35.18 -14.23 42.79
N PHE A 88 34.02 -14.83 42.53
CA PHE A 88 33.80 -16.25 42.75
C PHE A 88 32.73 -16.73 41.77
N ILE A 89 32.38 -18.01 41.89
CA ILE A 89 31.43 -18.64 40.99
C ILE A 89 30.34 -19.32 41.80
N VAL A 90 29.18 -19.50 41.18
CA VAL A 90 28.03 -20.14 41.80
C VAL A 90 27.45 -21.16 40.84
N LEU A 91 26.68 -22.10 41.40
CA LEU A 91 26.02 -23.14 40.63
C LEU A 91 24.53 -23.16 40.97
N ASN A 92 23.72 -23.60 40.01
CA ASN A 92 22.27 -23.57 40.13
C ASN A 92 21.67 -24.91 39.74
N LYS A 93 22.44 -25.99 39.88
CA LYS A 93 22.00 -27.30 39.39
C LYS A 93 21.65 -27.18 37.91
N GLY A 94 22.67 -26.92 37.09
CA GLY A 94 22.45 -26.75 35.67
C GLY A 94 23.72 -26.33 34.98
N LYS A 95 23.60 -26.11 33.66
CA LYS A 95 24.77 -25.72 32.88
C LYS A 95 25.18 -24.28 33.16
N THR A 96 24.21 -23.40 33.44
CA THR A 96 24.50 -21.99 33.57
C THR A 96 25.40 -21.73 34.79
N ILE A 97 26.41 -20.89 34.60
CA ILE A 97 27.30 -20.47 35.66
C ILE A 97 27.38 -18.95 35.65
N PHE A 98 27.31 -18.35 36.82
CA PHE A 98 27.32 -16.89 36.98
C PHE A 98 28.46 -16.50 37.89
N ARG A 99 29.16 -15.43 37.54
CA ARG A 99 30.29 -14.95 38.33
C ARG A 99 29.83 -13.80 39.22
N PHE A 100 30.10 -13.93 40.52
CA PHE A 100 29.71 -12.95 41.52
C PHE A 100 30.95 -12.25 42.05
N ASN A 101 30.87 -10.94 42.23
CA ASN A 101 31.98 -10.17 42.77
C ASN A 101 32.21 -10.54 44.24
N ALA A 102 33.47 -10.71 44.61
CA ALA A 102 33.82 -11.05 45.99
C ALA A 102 33.89 -9.82 46.90
N THR A 103 33.85 -8.63 46.34
CA THR A 103 33.77 -7.43 47.17
C THR A 103 32.47 -7.45 47.96
N PRO A 104 32.46 -6.84 49.17
CA PRO A 104 31.28 -6.87 50.05
C PRO A 104 30.10 -6.11 49.48
N ALA A 105 28.89 -6.66 49.61
CA ALA A 105 27.68 -6.03 49.09
C ALA A 105 27.38 -4.77 49.89
N LEU A 106 27.65 -3.61 49.27
CA LEU A 106 27.35 -2.29 49.84
C LEU A 106 28.33 -1.92 50.96
N TYR A 107 29.30 -2.79 51.23
CA TYR A 107 30.33 -2.64 52.25
C TYR A 107 29.91 -3.10 53.65
N MET A 108 28.67 -3.56 53.84
CA MET A 108 28.27 -4.12 55.13
C MET A 108 27.74 -5.54 55.01
N LEU A 109 28.19 -6.30 54.02
CA LEU A 109 27.73 -7.68 53.82
C LEU A 109 28.88 -8.48 53.22
N SER A 110 29.53 -9.29 54.05
CA SER A 110 30.65 -10.09 53.60
C SER A 110 30.16 -11.20 52.67
N PRO A 111 31.02 -11.71 51.79
CA PRO A 111 30.58 -12.75 50.85
C PRO A 111 30.28 -14.08 51.51
N PHE A 112 30.72 -14.29 52.75
CA PHE A 112 30.45 -15.52 53.49
C PHE A 112 29.26 -15.39 54.42
N SER A 113 28.57 -14.26 54.42
CA SER A 113 27.48 -14.05 55.35
C SER A 113 26.26 -14.88 54.94
N PRO A 114 25.58 -15.51 55.91
CA PRO A 114 24.44 -16.37 55.54
C PRO A 114 23.35 -15.62 54.79
N LEU A 115 23.15 -14.33 55.08
CA LEU A 115 22.19 -13.55 54.31
C LEU A 115 22.55 -13.58 52.83
N ARG A 116 23.82 -13.30 52.51
CA ARG A 116 24.24 -13.32 51.11
C ARG A 116 24.13 -14.72 50.52
N ARG A 117 24.50 -15.75 51.28
CA ARG A 117 24.43 -17.10 50.72
C ARG A 117 22.99 -17.47 50.38
N ILE A 118 22.04 -17.16 51.27
CA ILE A 118 20.65 -17.47 51.01
C ILE A 118 20.13 -16.66 49.83
N SER A 119 20.52 -15.39 49.75
CA SER A 119 20.09 -14.56 48.63
C SER A 119 20.61 -15.12 47.31
N ILE A 120 21.86 -15.57 47.28
CA ILE A 120 22.42 -16.17 46.08
C ILE A 120 21.66 -17.43 45.72
N LYS A 121 21.36 -18.26 46.71
CA LYS A 121 20.62 -19.50 46.45
C LYS A 121 19.26 -19.19 45.81
N ILE A 122 18.53 -18.23 46.38
CA ILE A 122 17.24 -17.87 45.81
C ILE A 122 17.41 -17.32 44.40
N LEU A 123 18.39 -16.45 44.20
CA LEU A 123 18.59 -15.84 42.88
C LEU A 123 18.91 -16.90 41.83
N VAL A 124 19.65 -17.94 42.21
CA VAL A 124 20.04 -18.95 41.22
C VAL A 124 18.97 -20.00 41.00
N HIS A 125 18.07 -20.21 41.96
CA HIS A 125 17.03 -21.22 41.78
C HIS A 125 16.15 -20.86 40.58
N SER A 126 15.77 -21.90 39.82
CA SER A 126 14.97 -21.69 38.61
C SER A 126 13.52 -21.37 38.94
N LEU A 127 13.04 -21.83 40.09
CA LEU A 127 11.70 -21.45 40.52
C LEU A 127 11.59 -19.93 40.66
N PHE A 128 12.69 -19.26 40.99
CA PHE A 128 12.71 -17.81 41.01
C PHE A 128 12.39 -17.24 39.63
N SER A 129 13.09 -17.72 38.60
CA SER A 129 12.85 -17.23 37.25
C SER A 129 11.42 -17.51 36.81
N MET A 130 10.90 -18.70 37.15
CA MET A 130 9.51 -18.98 36.82
C MET A 130 8.55 -18.07 37.56
N LEU A 131 8.87 -17.70 38.80
CA LEU A 131 8.06 -16.72 39.52
C LEU A 131 8.03 -15.39 38.76
N ILE A 132 9.20 -14.93 38.31
CA ILE A 132 9.23 -13.68 37.55
C ILE A 132 8.41 -13.81 36.27
N MET A 133 8.55 -14.95 35.59
CA MET A 133 7.78 -15.16 34.36
C MET A 133 6.29 -15.03 34.62
N CYS A 134 5.79 -15.74 35.63
CA CYS A 134 4.37 -15.67 35.94
C CYS A 134 3.95 -14.25 36.28
N THR A 135 4.76 -13.56 37.11
CA THR A 135 4.41 -12.21 37.51
C THR A 135 4.29 -11.29 36.30
N ILE A 136 5.32 -11.27 35.46
CA ILE A 136 5.32 -10.33 34.33
C ILE A 136 4.26 -10.68 33.31
N LEU A 137 4.00 -11.97 33.07
CA LEU A 137 2.94 -12.30 32.11
C LEU A 137 1.56 -11.94 32.64
N THR A 138 1.32 -12.12 33.94
CA THR A 138 0.07 -11.66 34.51
C THR A 138 -0.04 -10.14 34.42
N ASN A 139 1.07 -9.42 34.65
CA ASN A 139 1.05 -7.97 34.50
C ASN A 139 0.76 -7.58 33.06
N CYS A 140 1.31 -8.33 32.09
CA CYS A 140 1.04 -8.05 30.69
C CYS A 140 -0.44 -8.23 30.37
N ILE A 141 -1.05 -9.31 30.87
CA ILE A 141 -2.48 -9.49 30.67
C ILE A 141 -3.26 -8.37 31.35
N PHE A 142 -2.71 -7.82 32.44
CA PHE A 142 -3.44 -6.78 33.17
C PHE A 142 -3.37 -5.43 32.49
N MET A 143 -2.24 -5.08 31.87
CA MET A 143 -2.18 -3.78 31.19
C MET A 143 -3.06 -3.76 29.95
N THR A 144 -3.51 -4.93 29.48
CA THR A 144 -4.45 -4.98 28.36
C THR A 144 -5.78 -4.34 28.71
N MET A 145 -6.07 -4.16 30.00
CA MET A 145 -7.36 -3.61 30.39
C MET A 145 -7.42 -2.11 30.14
N ASN A 146 -8.55 -1.64 29.65
CA ASN A 146 -8.71 -0.25 29.25
C ASN A 146 -9.17 0.64 30.41
N ASN A 147 -10.19 0.19 31.15
CA ASN A 147 -10.72 0.93 32.30
C ASN A 147 -10.82 -0.03 33.47
N PRO A 148 -9.69 -0.38 34.08
CA PRO A 148 -9.69 -1.40 35.14
C PRO A 148 -10.57 -0.99 36.31
N PRO A 149 -11.27 -1.93 36.94
CA PRO A 149 -12.08 -1.61 38.11
C PRO A 149 -11.22 -1.43 39.35
N ASP A 150 -11.90 -1.27 40.49
CA ASP A 150 -11.19 -0.97 41.74
C ASP A 150 -10.31 -2.13 42.19
N TRP A 151 -10.79 -3.36 42.04
CA TRP A 151 -10.07 -4.51 42.60
C TRP A 151 -8.70 -4.72 41.97
N THR A 152 -8.43 -4.09 40.82
CA THR A 152 -7.12 -4.25 40.19
C THR A 152 -6.03 -3.52 40.97
N LYS A 153 -6.40 -2.61 41.86
CA LYS A 153 -5.39 -1.89 42.63
C LYS A 153 -4.68 -2.82 43.59
N ASN A 154 -5.42 -3.76 44.20
CA ASN A 154 -4.80 -4.76 45.05
C ASN A 154 -3.81 -5.61 44.27
N VAL A 155 -4.19 -6.01 43.04
CA VAL A 155 -3.30 -6.80 42.21
C VAL A 155 -2.06 -6.00 41.84
N GLU A 156 -2.22 -4.71 41.54
CA GLU A 156 -1.08 -3.86 41.24
C GLU A 156 -0.15 -3.77 42.44
N TYR A 157 -0.71 -3.64 43.65
CA TYR A 157 0.12 -3.55 44.84
C TYR A 157 0.91 -4.84 45.06
N THR A 158 0.25 -6.00 44.95
CA THR A 158 0.98 -7.25 45.12
C THR A 158 2.01 -7.41 44.00
N PHE A 159 1.74 -6.83 42.84
CA PHE A 159 2.68 -6.93 41.72
C PHE A 159 3.95 -6.14 42.00
N THR A 160 3.79 -4.89 42.47
CA THR A 160 4.96 -4.12 42.86
C THR A 160 5.69 -4.78 44.02
N GLY A 161 4.94 -5.41 44.93
CA GLY A 161 5.60 -6.15 46.00
C GLY A 161 6.43 -7.31 45.48
N ILE A 162 5.89 -8.07 44.55
CA ILE A 162 6.62 -9.20 43.98
C ILE A 162 7.84 -8.71 43.22
N TYR A 163 7.72 -7.57 42.54
CA TYR A 163 8.89 -6.99 41.88
C TYR A 163 9.94 -6.58 42.92
N THR A 164 9.50 -6.08 44.07
CA THR A 164 10.32 -6.07 45.26
C THR A 164 10.54 -7.52 45.73
N PHE A 165 11.58 -7.74 46.52
CA PHE A 165 12.04 -9.05 46.96
C PHE A 165 12.79 -9.76 45.84
N GLU A 166 12.79 -9.23 44.62
CA GLU A 166 13.60 -9.75 43.54
C GLU A 166 14.77 -8.81 43.23
N SER A 167 14.49 -7.52 43.03
CA SER A 167 15.57 -6.55 42.93
C SER A 167 16.38 -6.51 44.21
N LEU A 168 15.69 -6.61 45.35
CA LEU A 168 16.39 -6.67 46.63
C LEU A 168 17.29 -7.88 46.70
N VAL A 169 16.81 -9.03 46.19
CA VAL A 169 17.64 -10.24 46.17
C VAL A 169 18.87 -10.01 45.29
N LYS A 170 18.67 -9.38 44.14
CA LYS A 170 19.81 -9.11 43.25
C LYS A 170 20.85 -8.24 43.95
N ILE A 171 20.41 -7.18 44.62
CA ILE A 171 21.38 -6.32 45.30
C ILE A 171 22.05 -7.06 46.44
N LEU A 172 21.28 -7.79 47.24
CA LEU A 172 21.85 -8.57 48.33
C LEU A 172 22.84 -9.61 47.84
N ALA A 173 22.70 -10.08 46.61
CA ALA A 173 23.62 -11.04 46.02
C ALA A 173 24.88 -10.39 45.47
N ARG A 174 24.76 -9.28 44.76
CA ARG A 174 25.91 -8.65 44.12
C ARG A 174 26.24 -7.28 44.69
N GLY A 175 25.31 -6.35 44.69
CA GLY A 175 25.55 -4.99 45.16
C GLY A 175 25.03 -3.97 44.17
N PHE A 176 24.82 -2.74 44.68
CA PHE A 176 24.25 -1.68 43.86
C PHE A 176 25.30 -1.11 42.92
N CYS A 177 26.33 -0.47 43.48
CA CYS A 177 27.40 0.13 42.68
C CYS A 177 28.77 -0.12 43.32
N VAL A 178 28.93 -1.26 43.99
CA VAL A 178 30.17 -1.53 44.71
C VAL A 178 31.35 -1.56 43.75
N GLY A 179 31.19 -2.24 42.62
CA GLY A 179 32.25 -2.38 41.64
C GLY A 179 31.82 -3.22 40.46
N GLU A 180 32.72 -4.06 39.96
CA GLU A 180 32.37 -4.94 38.85
C GLU A 180 31.50 -6.09 39.34
N PHE A 181 30.71 -6.64 38.41
CA PHE A 181 29.84 -7.78 38.70
C PHE A 181 28.86 -7.45 39.83
N THR A 182 28.32 -6.24 39.81
CA THR A 182 27.29 -5.82 40.75
C THR A 182 25.95 -5.70 40.02
N PHE A 183 24.90 -5.40 40.78
CA PHE A 183 23.54 -5.42 40.24
C PHE A 183 23.40 -4.51 39.03
N LEU A 184 24.09 -3.38 39.03
CA LEU A 184 23.85 -2.34 38.03
C LEU A 184 24.84 -2.36 36.88
N ARG A 185 25.80 -3.29 36.86
CA ARG A 185 26.80 -3.29 35.80
C ARG A 185 26.25 -3.86 34.49
N ASP A 186 25.37 -4.85 34.54
CA ASP A 186 24.76 -5.39 33.33
C ASP A 186 23.68 -4.43 32.85
N PRO A 187 23.71 -3.99 31.59
CA PRO A 187 22.78 -2.93 31.18
C PRO A 187 21.32 -3.28 31.38
N TRP A 188 20.96 -4.56 31.34
CA TRP A 188 19.54 -4.92 31.32
C TRP A 188 18.88 -4.83 32.69
N ASN A 189 19.64 -4.61 33.76
CA ASN A 189 19.04 -4.41 35.07
C ASN A 189 18.68 -2.96 35.35
N TRP A 190 19.11 -2.02 34.50
CA TRP A 190 18.72 -0.63 34.67
C TRP A 190 17.21 -0.48 34.55
N LEU A 191 16.60 -1.20 33.62
CA LEU A 191 15.16 -1.07 33.39
C LEU A 191 14.37 -1.45 34.63
N ASP A 192 14.75 -2.54 35.30
CA ASP A 192 14.02 -3.00 36.47
C ASP A 192 14.08 -1.95 37.57
N PHE A 193 15.27 -1.41 37.84
CA PHE A 193 15.39 -0.37 38.86
C PHE A 193 14.57 0.85 38.48
N VAL A 194 14.61 1.25 37.20
CA VAL A 194 13.86 2.42 36.77
C VAL A 194 12.38 2.22 37.02
N VAL A 195 11.84 1.05 36.67
CA VAL A 195 10.40 0.84 36.85
C VAL A 195 10.06 0.79 38.33
N ILE A 196 10.93 0.19 39.14
CA ILE A 196 10.66 0.13 40.57
C ILE A 196 10.55 1.53 41.16
N VAL A 197 11.55 2.38 40.88
CA VAL A 197 11.52 3.72 41.45
C VAL A 197 10.37 4.53 40.87
N PHE A 198 10.06 4.37 39.59
CA PHE A 198 8.93 5.11 39.03
C PHE A 198 7.62 4.70 39.70
N ALA A 199 7.41 3.40 39.88
CA ALA A 199 6.18 2.93 40.52
C ALA A 199 6.07 3.47 41.93
N TYR A 200 7.14 3.35 42.73
CA TYR A 200 7.06 3.81 44.10
C TYR A 200 7.18 5.32 44.22
N LEU A 201 7.49 6.02 43.13
CA LEU A 201 7.47 7.48 43.15
C LEU A 201 6.07 8.01 42.85
N THR A 202 5.38 7.42 41.88
CA THR A 202 4.01 7.80 41.60
C THR A 202 3.00 7.12 42.54
N GLU A 203 3.46 6.23 43.41
CA GLU A 203 2.55 5.62 44.38
C GLU A 203 1.85 6.68 45.21
N PHE A 204 2.58 7.68 45.69
CA PHE A 204 2.02 8.73 46.54
C PHE A 204 2.12 10.12 45.93
N VAL A 205 3.26 10.49 45.36
CA VAL A 205 3.45 11.83 44.83
C VAL A 205 2.51 12.04 43.65
N ASN A 206 1.82 13.18 43.64
CA ASN A 206 0.87 13.51 42.59
C ASN A 206 1.51 14.50 41.63
N LEU A 207 1.82 14.04 40.42
CA LEU A 207 2.41 14.89 39.40
C LEU A 207 2.12 14.30 38.02
N GLY A 208 1.91 15.18 37.04
CA GLY A 208 1.72 14.76 35.68
C GLY A 208 0.33 14.22 35.40
N ASN A 209 0.01 14.01 34.13
CA ASN A 209 -1.28 13.46 33.76
C ASN A 209 -1.27 11.94 33.92
N VAL A 210 -2.48 11.37 33.99
CA VAL A 210 -2.61 9.94 34.25
C VAL A 210 -1.98 9.13 33.12
N SER A 211 -2.23 9.53 31.87
CA SER A 211 -1.78 8.73 30.73
C SER A 211 -0.26 8.60 30.71
N ALA A 212 0.46 9.71 30.92
CA ALA A 212 1.91 9.66 30.89
C ALA A 212 2.46 8.75 31.98
N LEU A 213 1.90 8.83 33.18
CA LEU A 213 2.34 7.95 34.26
C LEU A 213 2.07 6.48 33.92
N ARG A 214 0.86 6.19 33.42
CA ARG A 214 0.51 4.82 33.11
C ARG A 214 1.33 4.26 31.95
N THR A 215 1.86 5.13 31.09
CA THR A 215 2.63 4.62 29.95
C THR A 215 3.85 3.85 30.40
N PHE A 216 4.54 4.32 31.44
CA PHE A 216 5.85 3.77 31.79
C PHE A 216 5.80 2.35 32.34
N ARG A 217 4.64 1.85 32.76
CA ARG A 217 4.59 0.47 33.21
C ARG A 217 4.75 -0.53 32.06
N VAL A 218 4.69 -0.06 30.81
CA VAL A 218 4.93 -0.96 29.68
C VAL A 218 6.38 -1.41 29.65
N LEU A 219 7.30 -0.65 30.26
CA LEU A 219 8.70 -1.06 30.29
C LEU A 219 8.88 -2.39 31.00
N ARG A 220 7.93 -2.76 31.87
CA ARG A 220 8.01 -4.06 32.52
C ARG A 220 7.81 -5.21 31.53
N ALA A 221 7.35 -4.90 30.31
CA ALA A 221 7.26 -5.92 29.29
C ALA A 221 8.64 -6.30 28.75
N LEU A 222 9.59 -5.36 28.77
CA LEU A 222 10.96 -5.68 28.37
C LEU A 222 11.63 -6.63 29.35
N LYS A 223 11.08 -6.76 30.56
CA LYS A 223 11.57 -7.80 31.45
C LYS A 223 11.40 -9.18 30.83
N THR A 224 10.43 -9.33 29.92
CA THR A 224 10.32 -10.58 29.17
C THR A 224 11.59 -10.85 28.38
N ILE A 225 12.07 -9.85 27.64
CA ILE A 225 13.35 -9.97 26.94
C ILE A 225 14.45 -10.27 27.93
N SER A 226 14.40 -9.65 29.10
CA SER A 226 15.45 -9.85 30.09
C SER A 226 15.51 -11.30 30.56
N VAL A 227 14.36 -11.91 30.84
CA VAL A 227 14.35 -13.20 31.52
C VAL A 227 14.39 -14.35 30.52
N ILE A 228 13.53 -14.31 29.51
CA ILE A 228 13.38 -15.46 28.60
C ILE A 228 14.68 -15.65 27.82
N PRO A 229 15.25 -16.85 27.80
CA PRO A 229 16.54 -17.04 27.10
C PRO A 229 16.41 -16.80 25.60
N GLY A 230 17.51 -16.38 25.00
CA GLY A 230 17.62 -16.18 23.56
C GLY A 230 17.25 -14.79 23.10
N LEU A 231 16.14 -14.26 23.62
CA LEU A 231 15.69 -12.93 23.23
C LEU A 231 16.76 -11.87 23.49
N LYS A 232 17.59 -12.06 24.52
CA LYS A 232 18.73 -11.17 24.72
C LYS A 232 19.61 -11.11 23.48
N THR A 233 20.03 -12.28 22.98
CA THR A 233 20.90 -12.32 21.81
C THR A 233 20.20 -11.76 20.59
N ILE A 234 18.91 -12.07 20.43
CA ILE A 234 18.18 -11.59 19.26
C ILE A 234 18.13 -10.07 19.26
N VAL A 235 17.80 -9.47 20.40
CA VAL A 235 17.70 -8.02 20.48
C VAL A 235 19.08 -7.39 20.27
N GLY A 236 20.12 -7.99 20.84
CA GLY A 236 21.46 -7.47 20.60
C GLY A 236 21.81 -7.46 19.13
N ALA A 237 21.48 -8.55 18.42
CA ALA A 237 21.75 -8.62 16.99
C ALA A 237 20.98 -7.54 16.24
N LEU A 238 19.70 -7.35 16.58
CA LEU A 238 18.92 -6.32 15.89
C LEU A 238 19.49 -4.93 16.12
N ILE A 239 19.90 -4.63 17.35
CA ILE A 239 20.47 -3.31 17.64
C ILE A 239 21.77 -3.12 16.87
N GLN A 240 22.62 -4.15 16.83
CA GLN A 240 23.87 -4.04 16.08
C GLN A 240 23.59 -3.81 14.61
N SER A 241 22.57 -4.47 14.06
CA SER A 241 22.23 -4.29 12.65
C SER A 241 21.75 -2.87 12.39
N VAL A 242 20.92 -2.33 13.28
CA VAL A 242 20.45 -0.95 13.11
C VAL A 242 21.63 0.01 13.15
N LYS A 243 22.53 -0.18 14.11
CA LYS A 243 23.71 0.69 14.17
C LYS A 243 24.55 0.57 12.91
N LYS A 244 24.67 -0.64 12.35
CA LYS A 244 25.38 -0.81 11.09
C LYS A 244 24.68 -0.05 9.96
N LEU A 245 23.36 -0.01 9.97
CA LEU A 245 22.59 0.70 8.95
C LEU A 245 22.58 2.20 9.25
N SER A 246 23.55 2.92 8.68
CA SER A 246 23.60 4.38 8.80
C SER A 246 23.75 5.08 7.45
N ASP A 247 24.62 4.58 6.58
CA ASP A 247 24.86 5.25 5.30
C ASP A 247 23.63 5.17 4.40
N VAL A 248 22.97 4.01 4.35
CA VAL A 248 21.76 3.90 3.55
C VAL A 248 20.69 4.84 4.08
N MET A 249 20.55 4.92 5.42
CA MET A 249 19.54 5.79 6.00
C MET A 249 19.80 7.24 5.65
N ILE A 250 21.06 7.68 5.77
CA ILE A 250 21.36 9.09 5.49
C ILE A 250 21.19 9.40 4.01
N LEU A 251 21.57 8.45 3.14
CA LEU A 251 21.37 8.66 1.71
C LEU A 251 19.89 8.74 1.38
N THR A 252 19.07 7.88 1.98
CA THR A 252 17.63 7.94 1.74
C THR A 252 17.05 9.27 2.21
N VAL A 253 17.50 9.75 3.37
CA VAL A 253 17.02 11.04 3.87
C VAL A 253 17.41 12.15 2.89
N PHE A 254 18.65 12.13 2.40
CA PHE A 254 19.08 13.17 1.47
C PHE A 254 18.28 13.14 0.18
N CYS A 255 18.01 11.93 -0.35
CA CYS A 255 17.24 11.85 -1.58
C CYS A 255 15.81 12.31 -1.39
N LEU A 256 15.16 11.88 -0.30
CA LEU A 256 13.83 12.39 0.00
C LEU A 256 13.85 13.90 0.13
N SER A 257 14.92 14.47 0.69
CA SER A 257 14.99 15.91 0.85
C SER A 257 15.10 16.62 -0.49
N VAL A 258 15.95 16.09 -1.38
CA VAL A 258 16.09 16.71 -2.71
C VAL A 258 14.77 16.66 -3.45
N PHE A 259 14.10 15.52 -3.43
CA PHE A 259 12.83 15.42 -4.14
C PHE A 259 11.74 16.22 -3.45
N ALA A 260 11.84 16.40 -2.13
CA ALA A 260 10.92 17.29 -1.43
C ALA A 260 11.12 18.74 -1.88
N LEU A 261 12.37 19.14 -2.10
CA LEU A 261 12.62 20.47 -2.63
C LEU A 261 12.03 20.62 -4.03
N ILE A 262 12.17 19.58 -4.86
CA ILE A 262 11.59 19.63 -6.20
C ILE A 262 10.08 19.78 -6.12
N GLY A 263 9.44 18.97 -5.28
CA GLY A 263 8.01 19.04 -5.12
C GLY A 263 7.54 20.36 -4.56
N LEU A 264 8.27 20.90 -3.59
CA LEU A 264 7.92 22.19 -3.01
C LEU A 264 8.02 23.30 -4.04
N GLN A 265 9.05 23.28 -4.87
CA GLN A 265 9.17 24.28 -5.92
C GLN A 265 8.02 24.16 -6.91
N LEU A 266 7.79 22.96 -7.45
CA LEU A 266 6.77 22.79 -8.47
C LEU A 266 5.37 23.08 -7.93
N PHE A 267 4.99 22.43 -6.84
CA PHE A 267 3.70 22.63 -6.19
C PHE A 267 3.93 23.39 -4.90
N MET A 268 3.25 24.51 -4.74
CA MET A 268 3.32 25.27 -3.49
C MET A 268 2.03 26.05 -3.37
N GLY A 269 1.13 25.59 -2.50
CA GLY A 269 -0.21 26.12 -2.46
C GLY A 269 -1.11 25.62 -3.55
N ASN A 270 -0.63 24.70 -4.40
CA ASN A 270 -1.46 24.17 -5.47
C ASN A 270 -2.64 23.39 -4.90
N LEU A 271 -2.42 22.64 -3.81
CA LEU A 271 -3.49 21.93 -3.15
C LEU A 271 -4.39 22.85 -2.35
N LYS A 272 -4.10 24.15 -2.32
CA LYS A 272 -4.98 25.13 -1.71
C LYS A 272 -5.99 25.69 -2.69
N HIS A 273 -6.01 25.20 -3.93
CA HIS A 273 -6.98 25.64 -4.91
C HIS A 273 -8.37 25.12 -4.58
N LYS A 274 -9.36 25.99 -4.63
CA LYS A 274 -10.76 25.61 -4.47
C LYS A 274 -11.59 26.43 -5.43
N CYS A 275 -12.88 26.12 -5.51
CA CYS A 275 -13.79 26.79 -6.41
C CYS A 275 -14.78 27.63 -5.60
N PHE A 276 -14.68 28.94 -5.75
CA PHE A 276 -15.44 29.91 -4.98
C PHE A 276 -16.57 30.49 -5.82
N ARG A 277 -17.72 30.70 -5.19
CA ARG A 277 -18.88 31.26 -5.88
C ARG A 277 -18.50 32.48 -6.69
N ASN A 278 -19.24 32.71 -7.78
CA ASN A 278 -19.09 33.92 -8.56
C ASN A 278 -19.99 35.05 -8.06
N SER A 279 -20.97 34.75 -7.21
CA SER A 279 -21.95 35.73 -6.78
C SER A 279 -21.49 36.49 -5.54
N LEU A 280 -21.16 35.77 -4.47
CA LEU A 280 -20.75 36.37 -3.20
C LEU A 280 -21.67 37.55 -2.83
N GLU A 281 -22.93 37.20 -2.60
CA GLU A 281 -23.97 38.20 -2.37
C GLU A 281 -23.58 39.13 -1.23
N ASN A 282 -24.33 40.22 -1.11
CA ASN A 282 -24.08 41.25 -0.09
C ASN A 282 -22.73 41.92 -0.28
N ASN A 283 -22.26 41.95 -1.52
CA ASN A 283 -20.97 42.55 -1.90
C ASN A 283 -19.90 42.28 -0.83
N GLU A 284 -19.69 41.00 -0.56
CA GLU A 284 -18.67 40.54 0.37
C GLU A 284 -17.46 40.05 -0.42
N THR A 285 -16.29 40.58 -0.09
CA THR A 285 -15.06 40.13 -0.74
C THR A 285 -14.63 38.78 -0.18
N LEU A 286 -13.79 38.07 -0.93
CA LEU A 286 -13.35 36.75 -0.51
C LEU A 286 -12.67 36.80 0.86
N GLU A 287 -11.80 37.79 1.08
CA GLU A 287 -11.17 37.96 2.38
C GLU A 287 -12.19 38.26 3.46
N SER A 288 -13.21 39.07 3.13
CA SER A 288 -14.26 39.37 4.11
C SER A 288 -15.10 38.15 4.43
N ILE A 289 -15.17 37.18 3.53
CA ILE A 289 -15.94 35.97 3.78
C ILE A 289 -15.13 34.96 4.58
N MET A 290 -13.85 34.80 4.26
CA MET A 290 -13.03 33.82 4.95
C MET A 290 -12.45 34.37 6.25
N ASN A 291 -13.34 34.93 7.07
CA ASN A 291 -13.02 35.28 8.44
C ASN A 291 -14.08 34.81 9.43
N THR A 292 -15.30 34.52 8.97
CA THR A 292 -16.37 33.99 9.81
C THR A 292 -16.73 32.55 9.43
N LEU A 293 -15.88 31.88 8.66
CA LEU A 293 -16.15 30.52 8.19
C LEU A 293 -15.38 29.55 9.09
N GLU A 294 -16.11 28.71 9.82
CA GLU A 294 -15.47 27.77 10.74
C GLU A 294 -15.93 26.34 10.51
N SER A 295 -17.21 26.16 10.17
CA SER A 295 -17.83 24.83 10.11
C SER A 295 -17.83 24.31 8.68
N GLU A 296 -17.87 22.97 8.57
CA GLU A 296 -17.86 22.33 7.26
C GLU A 296 -19.11 22.70 6.47
N GLU A 297 -20.27 22.74 7.12
CA GLU A 297 -21.50 23.09 6.41
C GLU A 297 -21.53 24.56 6.03
N ASP A 298 -20.80 25.42 6.75
CA ASP A 298 -20.69 26.82 6.33
C ASP A 298 -19.75 26.96 5.15
N PHE A 299 -18.60 26.27 5.18
CA PHE A 299 -17.76 26.20 4.00
C PHE A 299 -18.53 25.68 2.81
N ARG A 300 -19.45 24.75 3.04
CA ARG A 300 -20.22 24.11 1.97
C ARG A 300 -21.14 25.08 1.24
N LYS A 301 -21.41 26.25 1.81
CA LYS A 301 -22.30 27.21 1.18
C LYS A 301 -21.56 28.11 0.21
N TYR A 302 -20.26 28.31 0.38
CA TYR A 302 -19.49 29.21 -0.48
C TYR A 302 -18.56 28.49 -1.44
N PHE A 303 -18.08 27.30 -1.09
CA PHE A 303 -17.22 26.51 -1.96
C PHE A 303 -17.98 25.28 -2.43
N TYR A 304 -17.36 24.55 -3.36
CA TYR A 304 -17.99 23.40 -3.98
C TYR A 304 -17.45 22.12 -3.36
N TYR A 305 -18.32 21.37 -2.70
CA TYR A 305 -18.00 20.06 -2.14
C TYR A 305 -18.73 18.98 -2.92
N LEU A 306 -18.03 17.90 -3.23
CA LEU A 306 -18.69 16.73 -3.76
C LEU A 306 -19.59 16.12 -2.69
N GLU A 307 -20.55 15.32 -3.13
CA GLU A 307 -21.51 14.73 -2.21
C GLU A 307 -20.80 13.71 -1.32
N GLY A 308 -20.77 13.96 -0.02
CA GLY A 308 -20.19 13.06 0.95
C GLY A 308 -18.73 13.34 1.27
N SER A 309 -18.06 14.17 0.48
CA SER A 309 -16.67 14.48 0.75
C SER A 309 -16.55 15.43 1.93
N LYS A 310 -15.38 15.40 2.58
CA LYS A 310 -15.11 16.28 3.71
C LYS A 310 -14.24 17.47 3.31
N ASP A 311 -13.52 17.38 2.20
CA ASP A 311 -12.72 18.48 1.69
C ASP A 311 -13.34 19.05 0.42
N ALA A 312 -13.10 20.33 0.19
CA ALA A 312 -13.62 20.98 -1.00
C ALA A 312 -12.90 20.48 -2.24
N LEU A 313 -13.63 20.45 -3.35
CA LEU A 313 -13.08 19.94 -4.60
C LEU A 313 -11.92 20.82 -5.07
N LEU A 314 -10.87 20.17 -5.55
CA LEU A 314 -9.71 20.90 -6.04
C LEU A 314 -9.96 21.44 -7.44
N CYS A 315 -9.06 22.32 -7.86
CA CYS A 315 -9.25 23.20 -9.00
C CYS A 315 -8.09 23.08 -9.97
N GLY A 316 -8.05 23.98 -10.94
CA GLY A 316 -6.94 24.05 -11.87
C GLY A 316 -7.07 25.27 -12.76
N PHE A 317 -5.93 25.74 -13.25
CA PHE A 317 -5.86 26.90 -14.13
C PHE A 317 -5.57 26.52 -15.57
N SER A 318 -4.73 25.52 -15.80
CA SER A 318 -4.54 24.99 -17.14
C SER A 318 -5.79 24.22 -17.56
N THR A 319 -5.90 23.97 -18.87
CA THR A 319 -7.04 23.24 -19.38
C THR A 319 -6.94 21.75 -19.07
N ASP A 320 -5.73 21.22 -18.93
CA ASP A 320 -5.56 19.81 -18.62
C ASP A 320 -5.85 19.49 -17.16
N SER A 321 -5.92 20.50 -16.31
CA SER A 321 -6.24 20.30 -14.90
C SER A 321 -7.76 20.18 -14.72
N GLY A 322 -8.19 20.02 -13.48
CA GLY A 322 -9.60 19.83 -13.21
C GLY A 322 -10.41 21.09 -13.47
N GLN A 323 -11.71 20.87 -13.65
CA GLN A 323 -12.66 21.96 -13.83
C GLN A 323 -13.76 21.84 -12.78
N CYS A 324 -14.44 22.94 -12.52
CA CYS A 324 -15.57 22.96 -11.59
C CYS A 324 -16.70 23.81 -12.15
N PRO A 325 -17.90 23.72 -11.56
CA PRO A 325 -19.11 24.11 -12.28
C PRO A 325 -19.18 25.57 -12.73
N GLU A 326 -20.27 25.89 -13.43
CA GLU A 326 -20.40 27.15 -14.13
C GLU A 326 -20.39 28.34 -13.17
N GLY A 327 -21.09 28.21 -12.05
CA GLY A 327 -21.24 29.33 -11.14
C GLY A 327 -20.08 29.49 -10.19
N TYR A 328 -18.98 28.79 -10.45
CA TYR A 328 -17.85 28.74 -9.55
C TYR A 328 -16.57 29.09 -10.29
N THR A 329 -15.89 30.13 -9.83
CA THR A 329 -14.57 30.47 -10.34
C THR A 329 -13.52 29.85 -9.43
N CYS A 330 -12.26 30.00 -9.81
CA CYS A 330 -11.16 29.29 -9.18
C CYS A 330 -10.31 30.26 -8.35
N VAL A 331 -10.00 29.84 -7.12
CA VAL A 331 -9.24 30.66 -6.18
C VAL A 331 -8.22 29.79 -5.48
N LYS A 332 -7.32 30.42 -4.75
CA LYS A 332 -6.19 29.77 -4.06
C LYS A 332 -6.24 30.01 -2.56
N ILE A 333 -7.41 29.87 -1.94
CA ILE A 333 -7.61 30.23 -0.55
C ILE A 333 -8.26 29.06 0.18
N GLY A 334 -7.80 28.78 1.40
CA GLY A 334 -8.37 27.78 2.26
C GLY A 334 -7.31 26.91 2.88
N ARG A 335 -7.73 25.80 3.47
CA ARG A 335 -6.84 24.82 4.06
C ARG A 335 -6.60 23.68 3.09
N ASN A 336 -5.48 22.98 3.28
CA ASN A 336 -5.13 21.89 2.40
C ASN A 336 -6.01 20.67 2.71
N PRO A 337 -6.12 19.74 1.75
CA PRO A 337 -6.96 18.57 1.98
C PRO A 337 -6.38 17.64 3.03
N ASP A 338 -7.23 16.74 3.52
CA ASP A 338 -6.87 15.78 4.56
C ASP A 338 -6.48 16.49 5.85
N TYR A 339 -7.43 17.24 6.39
CA TYR A 339 -7.27 17.96 7.66
C TYR A 339 -6.17 19.00 7.60
N GLY A 340 -5.65 19.30 6.41
CA GLY A 340 -4.54 20.21 6.27
C GLY A 340 -3.17 19.57 6.33
N TYR A 341 -3.10 18.24 6.35
CA TYR A 341 -1.82 17.54 6.46
C TYR A 341 -1.24 17.13 5.13
N THR A 342 -2.05 17.08 4.07
CA THR A 342 -1.59 16.76 2.73
C THR A 342 -1.33 18.06 1.99
N SER A 343 -0.06 18.40 1.77
CA SER A 343 0.30 19.66 1.13
C SER A 343 1.78 19.60 0.74
N PHE A 344 2.18 20.57 -0.08
CA PHE A 344 3.57 20.79 -0.45
C PHE A 344 4.04 22.19 -0.02
N ASP A 345 3.22 22.90 0.75
CA ASP A 345 3.52 24.30 1.06
C ASP A 345 4.81 24.43 1.86
N THR A 346 4.92 23.69 2.96
CA THR A 346 6.07 23.75 3.85
C THR A 346 6.99 22.58 3.56
N PHE A 347 8.30 22.81 3.69
CA PHE A 347 9.26 21.75 3.43
C PHE A 347 8.97 20.50 4.24
N SER A 348 8.52 20.67 5.48
CA SER A 348 8.22 19.51 6.31
C SER A 348 7.05 18.70 5.76
N TRP A 349 5.97 19.39 5.37
CA TRP A 349 4.82 18.66 4.81
C TRP A 349 5.18 18.03 3.47
N ALA A 350 6.02 18.70 2.68
CA ALA A 350 6.48 18.11 1.44
C ALA A 350 7.32 16.86 1.70
N PHE A 351 8.15 16.89 2.73
CA PHE A 351 8.91 15.69 3.10
C PHE A 351 7.99 14.58 3.55
N LEU A 352 6.94 14.91 4.31
CA LEU A 352 5.98 13.88 4.72
C LEU A 352 5.30 13.26 3.49
N ALA A 353 4.89 14.10 2.54
CA ALA A 353 4.25 13.59 1.33
C ALA A 353 5.22 12.72 0.53
N LEU A 354 6.48 13.13 0.45
CA LEU A 354 7.46 12.36 -0.31
C LEU A 354 7.76 11.03 0.37
N PHE A 355 7.77 11.00 1.70
CA PHE A 355 7.91 9.73 2.40
C PHE A 355 6.72 8.81 2.15
N ARG A 356 5.51 9.38 2.19
CA ARG A 356 4.33 8.59 1.90
C ARG A 356 4.38 8.01 0.50
N LEU A 357 4.80 8.83 -0.47
CA LEU A 357 4.90 8.37 -1.86
C LEU A 357 6.06 7.41 -2.05
N MET A 358 7.06 7.48 -1.16
CA MET A 358 8.12 6.47 -1.13
C MET A 358 7.57 5.13 -0.71
N THR A 359 6.81 5.10 0.37
CA THR A 359 6.25 3.86 0.89
C THR A 359 5.00 3.42 0.15
N GLN A 360 4.54 4.20 -0.83
CA GLN A 360 3.38 3.85 -1.65
C GLN A 360 2.10 3.73 -0.83
N ASP A 361 2.07 4.34 0.35
CA ASP A 361 0.92 4.23 1.23
C ASP A 361 -0.13 5.25 0.80
N TYR A 362 -1.24 4.76 0.26
CA TYR A 362 -2.34 5.62 -0.18
C TYR A 362 -1.88 6.68 -1.16
N TRP A 363 -0.79 6.40 -1.87
CA TRP A 363 -0.22 7.39 -2.79
C TRP A 363 -1.12 7.68 -3.97
N GLU A 364 -2.13 6.85 -4.23
CA GLU A 364 -3.04 7.13 -5.33
C GLU A 364 -3.83 8.42 -5.07
N ASN A 365 -4.23 8.64 -3.82
CA ASN A 365 -4.95 9.87 -3.49
C ASN A 365 -4.07 11.09 -3.71
N LEU A 366 -2.80 11.02 -3.30
CA LEU A 366 -1.88 12.13 -3.53
C LEU A 366 -1.69 12.35 -5.03
N TYR A 367 -1.54 11.27 -5.78
CA TYR A 367 -1.37 11.35 -7.22
C TYR A 367 -2.55 12.08 -7.86
N GLN A 368 -3.77 11.65 -7.52
CA GLN A 368 -4.95 12.25 -8.11
C GLN A 368 -5.13 13.69 -7.67
N GLN A 369 -4.88 13.99 -6.40
CA GLN A 369 -5.01 15.37 -5.92
C GLN A 369 -4.03 16.29 -6.62
N THR A 370 -2.77 15.86 -6.74
CA THR A 370 -1.78 16.68 -7.42
C THR A 370 -2.14 16.88 -8.89
N LEU A 371 -2.57 15.82 -9.57
CA LEU A 371 -2.92 15.96 -10.98
C LEU A 371 -4.09 16.91 -11.15
N ARG A 372 -5.12 16.78 -10.31
CA ARG A 372 -6.27 17.67 -10.43
C ARG A 372 -5.88 19.11 -10.15
N ALA A 373 -5.05 19.34 -9.12
CA ALA A 373 -4.72 20.70 -8.74
C ALA A 373 -3.82 21.37 -9.79
N ALA A 374 -2.79 20.68 -10.24
CA ALA A 374 -1.81 21.28 -11.14
C ALA A 374 -2.11 20.99 -12.60
N GLY A 375 -2.15 19.73 -12.98
CA GLY A 375 -2.37 19.34 -14.36
C GLY A 375 -1.88 17.94 -14.63
N LYS A 376 -2.48 17.31 -15.64
CA LYS A 376 -2.07 15.96 -16.01
C LYS A 376 -0.65 15.91 -16.56
N THR A 377 -0.08 17.06 -16.93
CA THR A 377 1.29 17.06 -17.44
C THR A 377 2.29 16.72 -16.36
N TYR A 378 1.93 16.93 -15.10
CA TYR A 378 2.84 16.68 -13.99
C TYR A 378 2.88 15.21 -13.56
N MET A 379 2.18 14.33 -14.27
CA MET A 379 2.31 12.90 -13.97
C MET A 379 3.73 12.43 -14.23
N ILE A 380 4.52 13.20 -14.99
CA ILE A 380 5.92 12.84 -15.21
C ILE A 380 6.68 12.87 -13.89
N PHE A 381 6.36 13.83 -13.03
CA PHE A 381 6.98 13.89 -11.71
C PHE A 381 6.72 12.61 -10.93
N PHE A 382 5.45 12.16 -10.92
CA PHE A 382 5.10 10.94 -10.20
C PHE A 382 5.77 9.73 -10.83
N VAL A 383 5.83 9.66 -12.15
CA VAL A 383 6.51 8.54 -12.80
C VAL A 383 7.97 8.49 -12.35
N VAL A 384 8.67 9.63 -12.42
CA VAL A 384 10.09 9.64 -12.08
C VAL A 384 10.29 9.27 -10.62
N VAL A 385 9.48 9.81 -9.71
CA VAL A 385 9.71 9.55 -8.29
C VAL A 385 9.38 8.11 -7.94
N ILE A 386 8.29 7.57 -8.51
CA ILE A 386 7.95 6.18 -8.27
C ILE A 386 9.05 5.27 -8.82
N PHE A 387 9.72 5.69 -9.90
CA PHE A 387 10.80 4.89 -10.43
C PHE A 387 12.07 5.00 -9.60
N LEU A 388 12.31 6.15 -8.97
CA LEU A 388 13.59 6.37 -8.32
C LEU A 388 13.56 6.01 -6.84
N GLY A 389 12.55 6.45 -6.11
CA GLY A 389 12.48 6.16 -4.69
C GLY A 389 11.72 4.91 -4.35
N SER A 390 10.48 4.80 -4.85
CA SER A 390 9.64 3.65 -4.55
C SER A 390 10.15 2.37 -5.18
N PHE A 391 11.10 2.45 -6.12
CA PHE A 391 11.69 1.28 -6.74
C PHE A 391 13.12 1.01 -6.27
N TYR A 392 14.00 2.00 -6.39
CA TYR A 392 15.43 1.76 -6.28
C TYR A 392 15.94 1.84 -4.85
N LEU A 393 15.58 2.91 -4.14
CA LEU A 393 16.12 3.11 -2.80
C LEU A 393 15.56 2.07 -1.82
N ILE A 394 14.27 1.75 -1.91
CA ILE A 394 13.72 0.70 -1.07
C ILE A 394 14.37 -0.64 -1.40
N ASN A 395 14.53 -0.93 -2.69
CA ASN A 395 15.14 -2.19 -3.10
C ASN A 395 16.55 -2.31 -2.53
N LEU A 396 17.32 -1.22 -2.56
CA LEU A 396 18.68 -1.32 -2.05
C LEU A 396 18.75 -1.25 -0.53
N ILE A 397 17.75 -0.67 0.13
CA ILE A 397 17.64 -0.84 1.58
C ILE A 397 17.52 -2.34 1.90
N LEU A 398 16.63 -3.03 1.18
CA LEU A 398 16.50 -4.47 1.38
C LEU A 398 17.80 -5.20 1.03
N ALA A 399 18.44 -4.82 -0.06
CA ALA A 399 19.66 -5.49 -0.49
C ALA A 399 20.86 -5.16 0.38
N VAL A 400 20.77 -4.16 1.24
CA VAL A 400 21.86 -3.83 2.15
C VAL A 400 21.62 -4.52 3.49
N VAL A 401 20.36 -4.63 3.91
CA VAL A 401 20.09 -5.43 5.11
C VAL A 401 20.26 -6.92 4.85
N ALA A 402 20.13 -7.36 3.59
CA ALA A 402 20.32 -8.76 3.27
C ALA A 402 21.79 -9.17 3.30
N MET A 403 22.71 -8.27 2.94
CA MET A 403 24.12 -8.61 3.00
C MET A 403 24.59 -8.77 4.45
N ALA A 404 24.03 -7.99 5.36
CA ALA A 404 24.33 -8.18 6.78
C ALA A 404 24.01 -9.60 7.20
N TYR A 405 22.86 -10.12 6.76
CA TYR A 405 22.53 -11.52 7.02
C TYR A 405 23.51 -12.46 6.34
N GLU A 406 23.78 -12.24 5.05
CA GLU A 406 24.64 -13.14 4.32
C GLU A 406 26.06 -13.17 4.88
N GLU A 407 26.45 -12.17 5.66
CA GLU A 407 27.74 -12.16 6.35
C GLU A 407 27.65 -12.76 7.75
N GLN A 408 26.65 -12.34 8.53
CA GLN A 408 26.53 -12.82 9.90
C GLN A 408 26.27 -14.33 9.94
N ASN A 409 25.37 -14.82 9.09
CA ASN A 409 25.08 -16.25 9.06
C ASN A 409 26.29 -17.03 8.57
N GLN A 410 27.02 -16.50 7.59
CA GLN A 410 28.24 -17.15 7.13
C GLN A 410 29.24 -17.28 8.28
N ALA A 411 29.46 -16.20 9.03
CA ALA A 411 30.38 -16.26 10.15
C ALA A 411 29.89 -17.24 11.21
N ASN A 412 28.59 -17.26 11.48
CA ASN A 412 28.05 -18.15 12.49
C ASN A 412 28.24 -19.61 12.10
N ILE A 413 27.94 -19.95 10.85
CA ILE A 413 28.11 -21.34 10.41
C ILE A 413 29.58 -21.71 10.39
N GLU A 414 30.45 -20.78 10.00
CA GLU A 414 31.89 -21.06 10.02
C GLU A 414 32.37 -21.37 11.43
N GLU A 415 31.97 -20.54 12.39
CA GLU A 415 32.40 -20.76 13.77
C GLU A 415 31.78 -22.02 14.36
N ALA A 416 30.54 -22.33 13.99
CA ALA A 416 29.94 -23.59 14.44
C ALA A 416 30.69 -24.78 13.89
N LYS A 417 31.07 -24.73 12.61
CA LYS A 417 31.85 -25.82 12.02
C LYS A 417 33.20 -25.96 12.73
N GLN A 418 33.86 -24.83 13.00
CA GLN A 418 35.14 -24.89 13.70
C GLN A 418 34.98 -25.48 15.10
N LYS A 419 33.93 -25.07 15.82
CA LYS A 419 33.69 -25.61 17.15
C LYS A 419 33.41 -27.11 17.09
N GLU A 420 32.62 -27.55 16.11
CA GLU A 420 32.34 -28.97 15.98
C GLU A 420 33.61 -29.76 15.66
N LEU A 421 34.46 -29.22 14.79
CA LEU A 421 35.72 -29.88 14.48
C LEU A 421 36.61 -29.97 15.71
N GLU A 422 36.67 -28.89 16.50
CA GLU A 422 37.45 -28.92 17.73
C GLU A 422 36.90 -29.94 18.71
N PHE A 423 35.58 -30.03 18.82
CA PHE A 423 34.96 -31.02 19.70
C PHE A 423 35.30 -32.44 19.24
N GLN A 424 35.25 -32.69 17.93
CA GLN A 424 35.60 -34.00 17.42
C GLN A 424 37.06 -34.32 17.70
N GLN A 425 37.95 -33.34 17.52
CA GLN A 425 39.36 -33.56 17.82
C GLN A 425 39.57 -33.87 19.30
N MET A 426 38.86 -33.16 20.18
CA MET A 426 38.98 -33.42 21.61
C MET A 426 38.47 -34.82 21.94
N LEU A 427 37.37 -35.25 21.31
CA LEU A 427 36.86 -36.60 21.54
C LEU A 427 37.87 -37.63 21.06
N ASP A 428 38.51 -37.40 19.92
CA ASP A 428 39.52 -38.32 19.43
C ASP A 428 40.71 -38.37 20.39
N ARG A 429 41.13 -37.22 20.92
CA ARG A 429 42.21 -37.20 21.88
C ARG A 429 41.85 -37.97 23.15
N LEU A 430 40.62 -37.79 23.63
CA LEU A 430 40.18 -38.54 24.81
C LEU A 430 40.15 -40.03 24.55
N LYS A 431 39.69 -40.44 23.36
CA LYS A 431 39.69 -41.85 23.01
C LYS A 431 41.10 -42.41 22.96
N LYS A 432 42.04 -41.65 22.38
CA LYS A 432 43.43 -42.08 22.34
C LYS A 432 44.00 -42.21 23.75
N GLU A 433 43.69 -41.26 24.63
CA GLU A 433 44.12 -41.35 26.02
C GLU A 433 43.57 -42.60 26.68
N GLN A 434 42.29 -42.90 26.43
CA GLN A 434 41.70 -44.12 26.97
C GLN A 434 42.44 -45.35 26.48
N GLU A 435 42.76 -45.38 25.19
CA GLU A 435 43.50 -46.50 24.61
C GLU A 435 44.87 -46.66 25.28
N PRO A 728 -2.65 -68.99 18.78
CA PRO A 728 -2.74 -67.53 18.69
C PRO A 728 -3.97 -66.98 19.41
N TYR A 729 -4.00 -65.66 19.62
CA TYR A 729 -5.15 -65.00 20.23
C TYR A 729 -5.83 -64.06 19.26
N TRP A 730 -5.11 -63.05 18.75
CA TRP A 730 -5.62 -62.20 17.68
C TRP A 730 -4.60 -61.87 16.60
N ILE A 731 -3.31 -62.16 16.77
CA ILE A 731 -2.31 -61.74 15.81
C ILE A 731 -2.46 -62.50 14.50
N LYS A 732 -2.83 -63.78 14.57
CA LYS A 732 -3.04 -64.55 13.35
C LYS A 732 -4.11 -63.93 12.47
N PHE A 733 -5.06 -63.23 13.07
CA PHE A 733 -6.13 -62.57 12.33
C PHE A 733 -5.84 -61.09 12.09
N LYS A 734 -4.85 -60.52 12.79
CA LYS A 734 -4.37 -59.18 12.50
C LYS A 734 -3.35 -59.15 11.37
N LYS A 735 -2.76 -60.30 11.02
CA LYS A 735 -1.78 -60.31 9.93
C LYS A 735 -2.38 -59.79 8.63
N CYS A 736 -3.60 -60.22 8.29
CA CYS A 736 -4.22 -59.77 7.05
C CYS A 736 -4.29 -58.26 6.99
N ILE A 737 -4.84 -57.64 8.03
CA ILE A 737 -4.93 -56.18 8.06
C ILE A 737 -3.56 -55.54 8.11
N TYR A 738 -2.53 -56.27 8.56
CA TYR A 738 -1.18 -55.73 8.58
C TYR A 738 -0.77 -55.22 7.20
N PHE A 739 -1.14 -55.94 6.15
CA PHE A 739 -0.81 -55.54 4.78
C PHE A 739 -2.01 -55.02 3.99
N ILE A 740 -3.23 -55.18 4.51
CA ILE A 740 -4.39 -54.64 3.79
C ILE A 740 -4.58 -53.15 4.04
N VAL A 741 -4.08 -52.61 5.15
CA VAL A 741 -4.17 -51.17 5.42
C VAL A 741 -2.86 -50.44 5.16
N MET A 742 -1.82 -51.15 4.70
CA MET A 742 -0.55 -50.52 4.38
C MET A 742 -0.10 -50.79 2.95
N ASP A 743 -0.95 -51.42 2.15
CA ASP A 743 -0.67 -51.59 0.72
C ASP A 743 -0.97 -50.30 -0.03
N PRO A 744 -0.36 -50.12 -1.21
CA PRO A 744 -0.56 -48.84 -1.93
C PRO A 744 -2.01 -48.55 -2.29
N PHE A 745 -2.82 -49.57 -2.54
CA PHE A 745 -4.18 -49.34 -3.02
C PHE A 745 -4.99 -48.54 -2.00
N VAL A 746 -4.91 -48.91 -0.73
CA VAL A 746 -5.69 -48.22 0.29
C VAL A 746 -5.22 -46.78 0.45
N ASP A 747 -3.91 -46.56 0.44
CA ASP A 747 -3.40 -45.20 0.63
C ASP A 747 -3.78 -44.30 -0.53
N LEU A 748 -3.65 -44.79 -1.76
CA LEU A 748 -4.05 -43.98 -2.92
C LEU A 748 -5.55 -43.76 -2.92
N ALA A 749 -6.33 -44.74 -2.49
CA ALA A 749 -7.76 -44.54 -2.35
C ALA A 749 -8.05 -43.43 -1.35
N ILE A 750 -7.32 -43.41 -0.24
CA ILE A 750 -7.51 -42.35 0.76
C ILE A 750 -7.16 -40.99 0.17
N THR A 751 -6.07 -40.92 -0.59
CA THR A 751 -5.70 -39.64 -1.21
C THR A 751 -6.77 -39.16 -2.18
N ILE A 752 -7.27 -40.07 -3.02
CA ILE A 752 -8.34 -39.70 -3.95
C ILE A 752 -9.56 -39.24 -3.17
N CYS A 753 -9.88 -39.93 -2.07
CA CYS A 753 -11.02 -39.53 -1.26
C CYS A 753 -10.81 -38.14 -0.67
N ILE A 754 -9.58 -37.81 -0.28
CA ILE A 754 -9.29 -36.47 0.24
C ILE A 754 -9.56 -35.43 -0.83
N VAL A 755 -9.08 -35.69 -2.04
CA VAL A 755 -9.29 -34.72 -3.12
C VAL A 755 -10.76 -34.58 -3.45
N LEU A 756 -11.50 -35.69 -3.52
CA LEU A 756 -12.92 -35.61 -3.78
C LEU A 756 -13.65 -34.85 -2.68
N ASN A 757 -13.25 -35.06 -1.42
CA ASN A 757 -13.87 -34.32 -0.33
C ASN A 757 -13.60 -32.83 -0.45
N THR A 758 -12.38 -32.45 -0.83
CA THR A 758 -12.08 -31.04 -1.03
C THR A 758 -12.95 -30.45 -2.13
N LEU A 759 -13.05 -31.14 -3.27
CA LEU A 759 -13.89 -30.64 -4.36
C LEU A 759 -15.36 -30.59 -3.95
N PHE A 760 -15.78 -31.52 -3.09
CA PHE A 760 -17.16 -31.58 -2.65
C PHE A 760 -17.49 -30.44 -1.71
N MET A 761 -16.55 -30.08 -0.84
CA MET A 761 -16.75 -28.97 0.09
C MET A 761 -16.53 -27.62 -0.57
N ALA A 762 -15.78 -27.55 -1.67
CA ALA A 762 -15.67 -26.30 -2.41
C ALA A 762 -16.84 -26.19 -3.40
N MET A 763 -18.04 -26.43 -2.91
CA MET A 763 -19.23 -26.38 -3.75
C MET A 763 -20.41 -25.74 -3.05
N GLU A 764 -20.30 -25.39 -1.77
CA GLU A 764 -21.36 -24.65 -1.09
C GLU A 764 -21.43 -23.23 -1.64
N HIS A 765 -22.63 -22.65 -1.59
CA HIS A 765 -22.83 -21.28 -2.04
C HIS A 765 -24.07 -20.74 -1.35
N HIS A 766 -24.20 -19.41 -1.36
CA HIS A 766 -25.31 -18.79 -0.63
C HIS A 766 -26.66 -19.26 -1.14
N PRO A 767 -27.06 -19.00 -2.39
CA PRO A 767 -28.42 -19.39 -2.78
C PRO A 767 -28.52 -20.88 -3.12
N MET A 768 -28.36 -21.70 -2.08
CA MET A 768 -28.38 -23.15 -2.23
C MET A 768 -29.77 -23.70 -2.04
N THR A 769 -30.13 -24.65 -2.89
CA THR A 769 -31.42 -25.32 -2.81
C THR A 769 -31.34 -26.50 -1.83
N GLU A 770 -32.48 -26.89 -1.27
CA GLU A 770 -32.46 -27.79 -0.11
C GLU A 770 -32.01 -29.21 -0.47
N GLU A 771 -32.34 -29.69 -1.67
CA GLU A 771 -31.86 -31.02 -2.14
C GLU A 771 -30.34 -30.96 -2.24
N PHE A 772 -29.78 -29.83 -2.67
CA PHE A 772 -28.34 -29.62 -2.74
C PHE A 772 -27.73 -29.61 -1.34
N LYS A 773 -28.38 -28.91 -0.40
CA LYS A 773 -27.85 -28.83 0.95
C LYS A 773 -27.77 -30.20 1.59
N ASN A 774 -28.83 -31.00 1.47
CA ASN A 774 -28.80 -32.32 2.10
C ASN A 774 -27.87 -33.27 1.34
N VAL A 775 -27.70 -33.07 0.03
CA VAL A 775 -26.71 -33.86 -0.70
C VAL A 775 -25.33 -33.59 -0.14
N LEU A 776 -25.00 -32.32 0.08
CA LEU A 776 -23.71 -32.00 0.70
C LEU A 776 -23.59 -32.62 2.09
N ALA A 777 -24.66 -32.55 2.89
CA ALA A 777 -24.62 -33.12 4.22
C ALA A 777 -24.31 -34.61 4.18
N ILE A 778 -25.04 -35.37 3.36
CA ILE A 778 -24.84 -36.81 3.30
C ILE A 778 -23.47 -37.15 2.72
N GLY A 779 -22.99 -36.38 1.74
CA GLY A 779 -21.67 -36.65 1.21
C GLY A 779 -20.59 -36.48 2.25
N ASN A 780 -20.65 -35.38 3.01
CA ASN A 780 -19.67 -35.19 4.08
C ASN A 780 -19.82 -36.25 5.17
N LEU A 781 -21.05 -36.70 5.43
CA LEU A 781 -21.24 -37.79 6.37
C LEU A 781 -20.54 -39.05 5.90
N VAL A 782 -20.68 -39.38 4.61
CA VAL A 782 -20.02 -40.56 4.07
C VAL A 782 -18.51 -40.42 4.18
N PHE A 783 -17.99 -39.23 3.88
CA PHE A 783 -16.54 -39.03 3.92
C PHE A 783 -16.01 -39.19 5.35
N THR A 784 -16.68 -38.58 6.32
CA THR A 784 -16.22 -38.70 7.70
C THR A 784 -16.35 -40.14 8.21
N GLY A 785 -17.40 -40.85 7.78
CA GLY A 785 -17.49 -42.25 8.13
C GLY A 785 -16.35 -43.06 7.56
N ILE A 786 -15.98 -42.80 6.31
CA ILE A 786 -14.86 -43.49 5.70
C ILE A 786 -13.58 -43.24 6.50
N PHE A 787 -13.34 -41.99 6.87
CA PHE A 787 -12.11 -41.68 7.57
C PHE A 787 -12.09 -42.27 8.98
N ALA A 788 -13.22 -42.24 9.68
CA ALA A 788 -13.30 -42.87 10.99
C ALA A 788 -13.07 -44.38 10.89
N ALA A 789 -13.63 -45.02 9.86
CA ALA A 789 -13.40 -46.44 9.67
C ALA A 789 -11.92 -46.72 9.39
N GLU A 790 -11.28 -45.87 8.58
CA GLU A 790 -9.88 -46.10 8.26
C GLU A 790 -8.96 -45.81 9.44
N MET A 791 -9.40 -45.03 10.43
CA MET A 791 -8.63 -44.87 11.65
C MET A 791 -8.89 -46.02 12.62
N VAL A 792 -10.13 -46.51 12.70
CA VAL A 792 -10.41 -47.63 13.59
C VAL A 792 -9.70 -48.88 13.07
N LEU A 793 -9.57 -49.03 11.75
CA LEU A 793 -8.81 -50.14 11.19
C LEU A 793 -7.31 -49.99 11.41
N LYS A 794 -6.86 -48.92 12.06
CA LYS A 794 -5.48 -48.78 12.47
C LYS A 794 -5.34 -48.73 13.99
N LEU A 795 -6.45 -48.58 14.72
CA LEU A 795 -6.43 -48.68 16.17
C LEU A 795 -6.84 -50.05 16.69
N ILE A 796 -8.02 -50.56 16.33
CA ILE A 796 -8.44 -51.88 16.79
C ILE A 796 -7.81 -53.00 15.99
N ALA A 797 -7.35 -52.74 14.78
CA ALA A 797 -6.70 -53.75 13.95
C ALA A 797 -5.19 -53.60 13.94
N MET A 798 -4.64 -52.51 14.47
CA MET A 798 -3.21 -52.32 14.59
C MET A 798 -2.90 -51.85 16.00
N ASP A 799 -1.62 -51.74 16.30
CA ASP A 799 -1.19 -51.51 17.68
C ASP A 799 -1.59 -50.11 18.13
N PRO A 800 -2.44 -49.98 19.18
CA PRO A 800 -2.85 -48.67 19.68
C PRO A 800 -1.65 -47.83 20.14
N TYR A 801 -0.54 -48.45 20.54
CA TYR A 801 0.62 -47.74 21.03
C TYR A 801 1.59 -47.36 19.94
N GLU A 802 1.66 -48.14 18.85
CA GLU A 802 2.46 -47.75 17.70
C GLU A 802 1.74 -46.78 16.78
N TYR A 803 0.42 -46.67 16.88
CA TYR A 803 -0.32 -45.73 16.05
C TYR A 803 -0.01 -44.28 16.39
N PHE A 804 0.64 -44.01 17.52
CA PHE A 804 0.89 -42.64 17.98
C PHE A 804 2.36 -42.26 17.89
N GLN A 805 3.16 -42.96 17.08
CA GLN A 805 4.56 -42.62 16.88
C GLN A 805 4.80 -41.79 15.63
N VAL A 806 3.75 -41.41 14.90
CA VAL A 806 3.88 -40.65 13.66
C VAL A 806 2.99 -39.41 13.74
N GLY A 807 3.57 -38.26 13.39
CA GLY A 807 2.81 -37.02 13.43
C GLY A 807 1.60 -37.04 12.50
N TRP A 808 1.72 -37.69 11.34
CA TRP A 808 0.57 -37.82 10.47
C TRP A 808 -0.55 -38.62 11.14
N ASN A 809 -0.17 -39.68 11.87
CA ASN A 809 -1.18 -40.45 12.61
C ASN A 809 -1.88 -39.58 13.65
N ILE A 810 -1.11 -38.82 14.43
CA ILE A 810 -1.74 -37.96 15.44
C ILE A 810 -2.63 -36.92 14.76
N PHE A 811 -2.18 -36.40 13.62
CA PHE A 811 -2.91 -35.34 12.94
C PHE A 811 -4.25 -35.86 12.41
N ASP A 812 -4.23 -37.04 11.79
CA ASP A 812 -5.45 -37.68 11.33
C ASP A 812 -6.39 -38.00 12.49
N SER A 813 -5.84 -38.51 13.60
CA SER A 813 -6.69 -38.78 14.76
C SER A 813 -7.37 -37.51 15.23
N LEU A 814 -6.62 -36.41 15.30
CA LEU A 814 -7.22 -35.15 15.72
C LEU A 814 -8.35 -34.75 14.79
N ILE A 815 -8.11 -34.84 13.48
CA ILE A 815 -9.16 -34.44 12.53
C ILE A 815 -10.41 -35.27 12.76
N VAL A 816 -10.25 -36.58 12.90
CA VAL A 816 -11.42 -37.45 12.97
C VAL A 816 -12.18 -37.21 14.27
N THR A 817 -11.49 -37.01 15.39
CA THR A 817 -12.21 -36.68 16.62
C THR A 817 -12.96 -35.37 16.49
N LEU A 818 -12.35 -34.36 15.86
CA LEU A 818 -13.08 -33.09 15.68
C LEU A 818 -14.32 -33.30 14.81
N SER A 819 -14.20 -34.09 13.74
CA SER A 819 -15.35 -34.35 12.88
C SER A 819 -16.44 -35.09 13.64
N LEU A 820 -16.06 -36.09 14.44
CA LEU A 820 -17.06 -36.81 15.24
C LEU A 820 -17.73 -35.88 16.23
N VAL A 821 -16.97 -34.96 16.84
CA VAL A 821 -17.54 -33.99 17.76
C VAL A 821 -18.58 -33.15 17.03
N GLU A 822 -18.23 -32.64 15.85
CA GLU A 822 -19.18 -31.84 15.09
C GLU A 822 -20.43 -32.65 14.76
N LEU A 823 -20.25 -33.93 14.39
CA LEU A 823 -21.41 -34.74 14.01
C LEU A 823 -22.32 -35.00 15.20
N PHE A 824 -21.77 -35.47 16.31
CA PHE A 824 -22.57 -35.83 17.49
C PHE A 824 -22.75 -34.65 18.43
N LEU A 825 -22.54 -33.44 17.91
CA LEU A 825 -22.80 -32.22 18.68
C LEU A 825 -24.20 -32.23 19.26
N LEU A 831 -21.07 -24.70 16.33
CA LEU A 831 -20.83 -23.44 15.63
C LEU A 831 -20.59 -23.69 14.14
N SER A 832 -20.28 -22.62 13.41
CA SER A 832 -20.02 -22.70 11.99
C SER A 832 -18.53 -22.78 11.66
N VAL A 833 -17.65 -22.86 12.66
CA VAL A 833 -16.22 -22.92 12.43
C VAL A 833 -15.67 -24.33 12.51
N LEU A 834 -16.39 -25.27 13.13
CA LEU A 834 -15.88 -26.62 13.27
C LEU A 834 -15.80 -27.34 11.93
N ARG A 835 -16.68 -26.97 10.99
CA ARG A 835 -16.68 -27.61 9.68
C ARG A 835 -15.48 -27.23 8.84
N SER A 836 -14.71 -26.23 9.24
CA SER A 836 -13.52 -25.84 8.50
C SER A 836 -12.30 -26.67 8.87
N PHE A 837 -12.35 -27.40 9.99
CA PHE A 837 -11.20 -28.20 10.39
C PHE A 837 -11.04 -29.44 9.51
N ARG A 838 -12.06 -29.79 8.73
CA ARG A 838 -11.88 -30.85 7.73
C ARG A 838 -10.94 -30.40 6.63
N LEU A 839 -10.90 -29.09 6.35
CA LEU A 839 -10.03 -28.59 5.29
C LEU A 839 -8.57 -28.89 5.57
N LEU A 840 -8.20 -29.07 6.83
CA LEU A 840 -6.81 -29.35 7.16
C LEU A 840 -6.31 -30.64 6.54
N ARG A 841 -7.23 -31.53 6.15
CA ARG A 841 -6.82 -32.83 5.64
C ARG A 841 -6.03 -32.72 4.33
N VAL A 842 -6.25 -31.66 3.55
CA VAL A 842 -5.55 -31.52 2.29
C VAL A 842 -4.04 -31.44 2.46
N PHE A 843 -3.56 -31.29 3.70
CA PHE A 843 -2.13 -31.32 3.96
C PHE A 843 -1.58 -32.73 3.98
N LYS A 844 -2.44 -33.75 3.96
CA LYS A 844 -1.96 -35.13 3.85
C LYS A 844 -1.28 -35.35 2.51
N LEU A 845 -1.67 -34.62 1.47
CA LEU A 845 -0.99 -34.70 0.18
C LEU A 845 0.43 -34.16 0.26
N ALA A 846 0.76 -33.42 1.32
CA ALA A 846 2.14 -32.97 1.51
C ALA A 846 3.11 -34.13 1.61
N LYS A 847 2.62 -35.31 2.01
CA LYS A 847 3.49 -36.47 2.18
C LYS A 847 3.97 -37.03 0.84
N SER A 848 3.33 -36.63 -0.27
CA SER A 848 3.76 -37.02 -1.60
C SER A 848 4.04 -35.83 -2.51
N TRP A 849 3.62 -34.63 -2.11
CA TRP A 849 3.84 -33.43 -2.91
C TRP A 849 5.00 -32.64 -2.32
N PRO A 850 6.17 -32.61 -2.96
CA PRO A 850 7.32 -31.94 -2.33
C PRO A 850 7.37 -30.44 -2.56
N THR A 851 6.23 -29.77 -2.38
CA THR A 851 6.21 -28.31 -2.28
C THR A 851 5.31 -27.95 -1.11
N LEU A 852 4.21 -28.68 -0.94
CA LEU A 852 3.44 -28.60 0.29
C LEU A 852 4.33 -28.96 1.47
N ASN A 853 5.23 -29.92 1.29
CA ASN A 853 6.22 -30.23 2.30
C ASN A 853 7.10 -29.03 2.59
N MET A 854 7.49 -28.30 1.55
CA MET A 854 8.32 -27.11 1.75
C MET A 854 7.57 -26.04 2.54
N LEU A 855 6.27 -25.87 2.26
CA LEU A 855 5.48 -24.91 3.03
C LEU A 855 5.37 -25.36 4.50
N ILE A 856 5.16 -26.66 4.72
CA ILE A 856 5.12 -27.18 6.08
C ILE A 856 6.43 -26.88 6.79
N LYS A 857 7.55 -27.10 6.09
CA LYS A 857 8.86 -26.82 6.69
C LYS A 857 9.02 -25.34 7.00
N ILE A 858 8.54 -24.47 6.12
CA ILE A 858 8.64 -23.04 6.35
C ILE A 858 7.89 -22.66 7.64
N ILE A 859 6.65 -23.12 7.76
CA ILE A 859 5.87 -22.76 8.95
C ILE A 859 6.49 -23.37 10.21
N GLY A 860 6.94 -24.62 10.13
CA GLY A 860 7.56 -25.24 11.29
C GLY A 860 8.82 -24.52 11.73
N ASN A 861 9.64 -24.10 10.76
CA ASN A 861 10.82 -23.32 11.10
C ASN A 861 10.43 -21.97 11.68
N SER A 862 9.31 -21.41 11.23
CA SER A 862 8.81 -20.18 11.85
C SER A 862 8.51 -20.40 13.33
N VAL A 863 7.82 -21.49 13.66
CA VAL A 863 7.54 -21.80 15.06
C VAL A 863 8.66 -22.60 15.73
N GLY A 864 9.56 -23.19 14.94
CA GLY A 864 10.58 -24.06 15.50
C GLY A 864 11.89 -23.37 15.78
N ALA A 865 12.90 -23.63 14.95
CA ALA A 865 14.22 -23.08 15.19
C ALA A 865 14.19 -21.57 15.26
N LEU A 866 13.55 -20.92 14.30
CA LEU A 866 13.40 -19.46 14.30
C LEU A 866 12.11 -19.04 15.00
N GLY A 867 11.91 -19.56 16.22
CA GLY A 867 10.74 -19.21 17.00
C GLY A 867 11.01 -18.04 17.93
N ASN A 868 12.28 -17.82 18.28
CA ASN A 868 12.63 -16.69 19.12
C ASN A 868 12.39 -15.36 18.41
N LEU A 869 12.67 -15.32 17.10
CA LEU A 869 12.38 -14.10 16.34
C LEU A 869 10.87 -13.83 16.31
N THR A 870 10.07 -14.87 16.12
CA THR A 870 8.61 -14.69 16.14
C THR A 870 8.15 -14.22 17.51
N LEU A 871 8.72 -14.77 18.57
CA LEU A 871 8.36 -14.33 19.91
C LEU A 871 8.72 -12.86 20.13
N VAL A 872 9.90 -12.45 19.64
CA VAL A 872 10.30 -11.06 19.76
C VAL A 872 9.32 -10.16 19.01
N LEU A 873 8.94 -10.56 17.80
CA LEU A 873 7.97 -9.77 17.04
C LEU A 873 6.64 -9.67 17.77
N ALA A 874 6.19 -10.77 18.37
CA ALA A 874 4.95 -10.74 19.13
C ALA A 874 5.05 -9.77 20.30
N ILE A 875 6.17 -9.80 21.02
CA ILE A 875 6.35 -8.87 22.13
C ILE A 875 6.36 -7.43 21.65
N ILE A 876 7.03 -7.18 20.52
CA ILE A 876 7.09 -5.83 19.97
C ILE A 876 5.69 -5.32 19.65
N VAL A 877 4.89 -6.15 18.98
CA VAL A 877 3.54 -5.74 18.60
C VAL A 877 2.68 -5.50 19.84
N PHE A 878 2.80 -6.38 20.84
CA PHE A 878 2.04 -6.18 22.08
C PHE A 878 2.42 -4.88 22.75
N ILE A 879 3.73 -4.59 22.82
CA ILE A 879 4.19 -3.37 23.47
C ILE A 879 3.67 -2.15 22.73
N PHE A 880 3.75 -2.15 21.40
CA PHE A 880 3.25 -1.02 20.64
C PHE A 880 1.75 -0.83 20.83
N ALA A 881 0.99 -1.92 20.82
CA ALA A 881 -0.45 -1.80 21.03
C ALA A 881 -0.75 -1.19 22.40
N VAL A 882 -0.07 -1.66 23.44
CA VAL A 882 -0.34 -1.14 24.78
C VAL A 882 0.08 0.32 24.88
N VAL A 883 1.23 0.67 24.30
CA VAL A 883 1.70 2.05 24.36
C VAL A 883 0.72 2.97 23.65
N GLY A 884 0.25 2.58 22.47
CA GLY A 884 -0.72 3.39 21.77
C GLY A 884 -2.00 3.55 22.56
N MET A 885 -2.51 2.46 23.13
CA MET A 885 -3.70 2.56 23.95
C MET A 885 -3.51 3.56 25.09
N GLN A 886 -2.43 3.40 25.85
CA GLN A 886 -2.20 4.27 27.00
C GLN A 886 -2.05 5.72 26.57
N LEU A 887 -1.24 5.98 25.54
CA LEU A 887 -1.02 7.35 25.11
C LEU A 887 -2.32 7.99 24.61
N PHE A 888 -2.88 7.46 23.52
CA PHE A 888 -4.10 8.02 22.96
C PHE A 888 -5.17 6.93 22.93
N GLY A 889 -5.80 6.69 24.06
CA GLY A 889 -7.07 6.00 24.07
C GLY A 889 -8.20 6.87 24.59
N LYS A 890 -7.87 7.76 25.54
CA LYS A 890 -8.84 8.74 26.01
C LYS A 890 -9.01 9.90 25.05
N SER A 891 -7.97 10.24 24.28
CA SER A 891 -8.13 11.23 23.23
C SER A 891 -9.18 10.78 22.22
N TYR A 892 -9.08 9.52 21.77
CA TYR A 892 -10.05 9.00 20.81
C TYR A 892 -11.47 9.04 21.37
N LYS A 893 -11.63 8.98 22.69
CA LYS A 893 -12.96 8.96 23.29
C LYS A 893 -13.52 10.36 23.50
N GLU A 894 -12.71 11.31 23.98
CA GLU A 894 -13.20 12.66 24.21
C GLU A 894 -13.29 13.43 22.91
N CYS A 895 -12.17 13.54 22.18
CA CYS A 895 -12.07 14.39 21.01
C CYS A 895 -12.51 13.63 19.76
N VAL A 896 -13.63 12.90 19.84
CA VAL A 896 -14.06 12.04 18.73
C VAL A 896 -14.88 12.75 17.67
N CYS A 897 -15.55 13.86 18.01
CA CYS A 897 -16.28 14.65 17.03
C CYS A 897 -15.34 15.46 16.16
N LYS A 898 -14.04 15.43 16.44
CA LYS A 898 -13.06 16.01 15.53
C LYS A 898 -12.86 15.14 14.30
N ILE A 899 -13.11 13.83 14.41
CA ILE A 899 -12.83 12.88 13.34
C ILE A 899 -14.04 12.03 12.99
N ASN A 900 -15.20 12.28 13.59
CA ASN A 900 -16.41 11.58 13.17
C ASN A 900 -17.60 12.52 13.28
N ASP A 901 -18.35 12.66 12.17
CA ASP A 901 -19.53 13.51 12.19
C ASP A 901 -20.62 12.93 13.09
N ASP A 902 -20.73 11.60 13.13
CA ASP A 902 -21.69 10.95 14.00
C ASP A 902 -21.31 11.04 15.47
N CYS A 903 -20.10 11.54 15.78
CA CYS A 903 -19.64 11.73 17.15
C CYS A 903 -19.51 10.40 17.89
N THR A 904 -19.13 9.35 17.16
CA THR A 904 -18.83 8.04 17.74
C THR A 904 -17.47 7.58 17.24
N LEU A 905 -16.97 6.51 17.84
CA LEU A 905 -15.63 6.05 17.54
C LEU A 905 -15.54 5.62 16.07
N PRO A 906 -14.44 5.95 15.38
CA PRO A 906 -14.28 5.46 14.01
C PRO A 906 -14.04 3.96 13.96
N ARG A 907 -13.88 3.40 12.76
CA ARG A 907 -13.59 1.99 12.66
C ARG A 907 -12.24 1.64 13.29
N TRP A 908 -11.23 2.47 13.06
CA TRP A 908 -9.88 2.22 13.55
C TRP A 908 -9.57 3.27 14.61
N HIS A 909 -9.29 2.83 15.83
CA HIS A 909 -8.99 3.72 16.94
C HIS A 909 -8.12 2.96 17.93
N MET A 910 -7.82 3.58 19.08
CA MET A 910 -6.99 2.97 20.11
C MET A 910 -7.66 3.02 21.48
N ASN A 911 -8.99 3.13 21.53
CA ASN A 911 -9.68 3.09 22.81
C ASN A 911 -9.58 1.73 23.47
N ASP A 912 -9.49 0.66 22.68
CA ASP A 912 -9.45 -0.70 23.17
C ASP A 912 -8.13 -1.37 22.76
N PHE A 913 -7.76 -2.41 23.50
CA PHE A 913 -6.52 -3.13 23.19
C PHE A 913 -6.60 -3.82 21.84
N PHE A 914 -7.73 -4.47 21.54
CA PHE A 914 -7.85 -5.16 20.25
C PHE A 914 -7.74 -4.17 19.10
N HIS A 915 -8.40 -3.02 19.22
CA HIS A 915 -8.37 -2.05 18.14
C HIS A 915 -6.98 -1.41 18.01
N SER A 916 -6.31 -1.18 19.13
CA SER A 916 -4.94 -0.70 19.08
C SER A 916 -4.03 -1.71 18.37
N PHE A 917 -4.20 -2.99 18.70
CA PHE A 917 -3.41 -4.02 18.02
C PHE A 917 -3.73 -4.07 16.54
N LEU A 918 -5.00 -3.86 16.18
CA LEU A 918 -5.36 -3.82 14.76
C LEU A 918 -4.68 -2.65 14.06
N ILE A 919 -4.61 -1.50 14.71
CA ILE A 919 -3.91 -0.37 14.12
C ILE A 919 -2.44 -0.70 13.92
N VAL A 920 -1.82 -1.35 14.92
CA VAL A 920 -0.41 -1.71 14.80
C VAL A 920 -0.22 -2.68 13.64
N PHE A 921 -1.14 -3.65 13.51
CA PHE A 921 -1.08 -4.59 12.40
C PHE A 921 -1.19 -3.88 11.06
N ARG A 922 -2.10 -2.90 10.96
CA ARG A 922 -2.21 -2.13 9.73
C ARG A 922 -0.92 -1.40 9.42
N VAL A 923 -0.31 -0.76 10.42
CA VAL A 923 0.94 -0.05 10.16
C VAL A 923 2.02 -1.01 9.70
N LEU A 924 2.04 -2.22 10.28
CA LEU A 924 3.01 -3.22 9.83
C LEU A 924 2.74 -3.64 8.40
N CYS A 925 1.48 -3.78 8.02
CA CYS A 925 1.14 -4.13 6.65
C CYS A 925 1.51 -3.03 5.66
N GLY A 926 1.44 -1.77 6.08
CA GLY A 926 1.88 -0.67 5.25
C GLY A 926 0.85 0.43 5.06
N GLU A 927 -0.16 0.46 5.92
CA GLU A 927 -1.23 1.45 5.85
C GLU A 927 -1.25 2.24 7.15
N TRP A 928 -0.54 3.37 7.17
CA TRP A 928 -0.36 4.12 8.41
C TRP A 928 -0.87 5.55 8.34
N ILE A 929 -0.89 6.16 7.16
CA ILE A 929 -1.15 7.60 7.07
C ILE A 929 -2.61 7.91 7.36
N GLU A 930 -3.54 7.07 6.90
CA GLU A 930 -4.95 7.34 7.13
C GLU A 930 -5.28 7.36 8.61
N THR A 931 -4.69 6.43 9.38
CA THR A 931 -4.87 6.43 10.82
C THR A 931 -4.06 7.54 11.48
N MET A 932 -2.90 7.87 10.91
CA MET A 932 -2.07 8.93 11.46
C MET A 932 -2.80 10.27 11.43
N TRP A 933 -3.57 10.51 10.37
CA TRP A 933 -4.30 11.78 10.30
C TRP A 933 -5.25 11.93 11.49
N ASP A 934 -6.01 10.88 11.79
CA ASP A 934 -6.90 10.94 12.95
C ASP A 934 -6.14 11.01 14.26
N CYS A 935 -5.01 10.30 14.35
CA CYS A 935 -4.17 10.40 15.54
C CYS A 935 -3.74 11.84 15.77
N MET A 936 -3.23 12.49 14.73
CA MET A 936 -2.77 13.87 14.85
C MET A 936 -3.92 14.82 15.12
N GLU A 937 -5.12 14.51 14.63
CA GLU A 937 -6.28 15.34 14.92
C GLU A 937 -6.71 15.24 16.38
N VAL A 938 -6.61 14.05 16.98
CA VAL A 938 -7.16 13.85 18.32
C VAL A 938 -6.12 14.17 19.39
N ALA A 939 -4.87 13.75 19.20
CA ALA A 939 -3.87 13.74 20.25
C ALA A 939 -2.59 14.44 19.82
N GLY A 940 -2.71 15.63 19.24
CA GLY A 940 -1.54 16.42 18.92
C GLY A 940 -0.71 15.79 17.82
N GLN A 941 0.22 16.59 17.30
CA GLN A 941 1.02 16.23 16.14
C GLN A 941 2.30 15.49 16.48
N ALA A 942 3.12 16.05 17.38
CA ALA A 942 4.43 15.47 17.65
C ALA A 942 4.30 14.08 18.25
N MET A 943 3.39 13.91 19.21
CA MET A 943 3.25 12.62 19.87
C MET A 943 2.92 11.53 18.86
N CYS A 944 1.90 11.76 18.04
CA CYS A 944 1.49 10.76 17.06
C CYS A 944 2.59 10.51 16.04
N LEU A 945 3.28 11.57 15.61
CA LEU A 945 4.33 11.38 14.62
C LEU A 945 5.44 10.49 15.18
N ILE A 946 5.89 10.76 16.41
CA ILE A 946 6.95 9.94 16.99
C ILE A 946 6.48 8.51 17.17
N VAL A 947 5.28 8.33 17.71
CA VAL A 947 4.80 6.96 17.97
C VAL A 947 4.71 6.18 16.66
N TYR A 948 4.07 6.75 15.64
CA TYR A 948 3.89 6.03 14.39
C TYR A 948 5.23 5.76 13.70
N MET A 949 6.13 6.75 13.69
CA MET A 949 7.40 6.56 13.03
C MET A 949 8.21 5.46 13.72
N MET A 950 8.22 5.46 15.05
CA MET A 950 8.91 4.40 15.78
C MET A 950 8.28 3.05 15.47
N VAL A 951 6.95 2.98 15.43
CA VAL A 951 6.28 1.73 15.11
C VAL A 951 6.73 1.21 13.77
N MET A 952 6.70 2.05 12.73
CA MET A 952 7.17 1.60 11.43
C MET A 952 8.61 1.14 11.49
N VAL A 953 9.51 2.00 11.97
CA VAL A 953 10.93 1.72 11.86
C VAL A 953 11.30 0.44 12.58
N ILE A 954 10.66 0.16 13.72
CA ILE A 954 11.00 -1.04 14.47
C ILE A 954 10.27 -2.25 13.91
N GLY A 955 8.95 -2.18 13.77
CA GLY A 955 8.19 -3.34 13.36
C GLY A 955 8.54 -3.82 11.95
N ASN A 956 8.66 -2.89 11.01
CA ASN A 956 9.01 -3.29 9.65
C ASN A 956 10.39 -3.93 9.61
N LEU A 957 11.35 -3.38 10.37
CA LEU A 957 12.68 -3.96 10.39
C LEU A 957 12.65 -5.36 10.96
N VAL A 958 11.89 -5.58 12.04
CA VAL A 958 11.85 -6.91 12.64
C VAL A 958 11.14 -7.91 11.72
N VAL A 959 10.07 -7.47 11.07
CA VAL A 959 9.36 -8.35 10.14
C VAL A 959 10.27 -8.70 8.97
N LEU A 960 11.02 -7.73 8.46
CA LEU A 960 11.95 -8.01 7.36
C LEU A 960 13.06 -8.95 7.81
N ASN A 961 13.55 -8.79 9.03
CA ASN A 961 14.56 -9.70 9.56
C ASN A 961 14.02 -11.12 9.65
N LEU A 962 12.79 -11.27 10.15
CA LEU A 962 12.16 -12.59 10.21
C LEU A 962 12.02 -13.18 8.82
N PHE A 963 11.51 -12.38 7.87
CA PHE A 963 11.35 -12.84 6.50
C PHE A 963 12.66 -13.36 5.94
N LEU A 964 13.72 -12.55 6.04
CA LEU A 964 14.99 -12.93 5.43
C LEU A 964 15.61 -14.13 6.11
N ALA A 965 15.60 -14.18 7.44
CA ALA A 965 16.19 -15.31 8.14
C ALA A 965 15.44 -16.60 7.82
N LEU A 966 14.11 -16.55 7.85
CA LEU A 966 13.31 -17.73 7.53
C LEU A 966 13.54 -18.17 6.10
N LEU A 967 13.60 -17.22 5.17
CA LEU A 967 13.85 -17.56 3.76
C LEU A 967 15.20 -18.25 3.60
N LEU A 968 16.26 -17.67 4.18
CA LEU A 968 17.58 -18.26 4.03
C LEU A 968 17.63 -19.65 4.66
N SER A 969 17.04 -19.80 5.85
CA SER A 969 17.05 -21.10 6.51
C SER A 969 16.34 -22.14 5.66
N SER A 970 15.11 -21.86 5.23
CA SER A 970 14.37 -22.82 4.43
C SER A 970 15.06 -23.10 3.10
N PHE A 971 15.76 -22.12 2.54
CA PHE A 971 16.42 -22.32 1.25
C PHE A 971 17.63 -23.24 1.41
N SER A 972 18.58 -22.85 2.26
CA SER A 972 19.84 -23.57 2.37
C SER A 972 19.88 -24.57 3.52
N SER A 973 19.59 -24.12 4.75
CA SER A 973 19.77 -25.00 5.90
C SER A 973 18.81 -26.18 5.85
N ASP A 974 17.69 -26.06 5.16
CA ASP A 974 16.68 -27.11 5.12
C ASP A 974 16.87 -28.04 3.91
N ASN A 975 17.03 -27.47 2.73
CA ASN A 975 17.21 -28.27 1.51
C ASN A 975 18.69 -28.59 1.35
N LEU A 976 19.04 -29.87 1.55
CA LEU A 976 20.41 -30.32 1.39
C LEU A 976 20.55 -31.65 0.67
N THR A 977 19.44 -32.29 0.28
CA THR A 977 19.48 -33.57 -0.42
C THR A 977 20.27 -34.60 0.39
N ALA A 978 20.06 -34.60 1.71
CA ALA A 978 20.71 -35.60 2.56
C ALA A 978 20.24 -37.00 2.20
N ILE A 979 18.95 -37.16 1.94
CA ILE A 979 18.38 -38.44 1.56
C ILE A 979 17.88 -38.35 0.12
N GLU A 980 17.59 -39.51 -0.46
CA GLU A 980 17.12 -39.56 -1.84
C GLU A 980 15.69 -39.03 -1.92
N GLU A 981 15.15 -39.03 -3.14
CA GLU A 981 13.77 -38.60 -3.37
C GLU A 981 12.83 -39.67 -2.84
N ASP A 982 12.28 -39.46 -1.65
CA ASP A 982 11.42 -40.44 -1.00
C ASP A 982 12.18 -41.75 -0.85
N PRO A 983 13.20 -41.81 0.03
CA PRO A 983 13.95 -43.06 0.16
C PRO A 983 13.08 -44.25 0.51
N ASP A 984 12.10 -44.06 1.37
CA ASP A 984 11.10 -45.08 1.62
C ASP A 984 10.15 -45.17 0.43
N ALA A 985 9.82 -46.39 0.02
CA ALA A 985 8.98 -46.58 -1.15
C ALA A 985 7.65 -45.86 -0.97
N ASN A 986 7.44 -44.80 -1.75
CA ASN A 986 6.21 -44.02 -1.63
C ASN A 986 5.04 -44.87 -2.10
N ASN A 987 3.93 -44.80 -1.36
CA ASN A 987 2.74 -45.54 -1.75
C ASN A 987 2.21 -45.06 -3.09
N LEU A 988 2.23 -43.75 -3.33
CA LEU A 988 1.81 -43.22 -4.62
C LEU A 988 2.69 -43.75 -5.74
N GLN A 989 4.01 -43.79 -5.53
CA GLN A 989 4.91 -44.29 -6.56
C GLN A 989 4.67 -45.77 -6.82
N ILE A 990 4.46 -46.55 -5.76
CA ILE A 990 4.19 -47.98 -5.94
C ILE A 990 2.91 -48.17 -6.74
N ALA A 991 1.85 -47.43 -6.38
CA ALA A 991 0.59 -47.56 -7.09
C ALA A 991 0.73 -47.14 -8.54
N VAL A 992 1.49 -46.09 -8.80
CA VAL A 992 1.72 -45.65 -10.18
C VAL A 992 2.44 -46.74 -10.96
N THR A 993 3.43 -47.38 -10.34
CA THR A 993 4.13 -48.47 -11.01
C THR A 993 3.19 -49.62 -11.33
N ARG A 994 2.34 -50.01 -10.37
CA ARG A 994 1.40 -51.09 -10.62
C ARG A 994 0.43 -50.72 -11.74
N ILE A 995 -0.05 -49.48 -11.74
CA ILE A 995 -0.98 -49.04 -12.78
C ILE A 995 -0.30 -49.06 -14.14
N LYS A 996 0.93 -48.58 -14.22
CA LYS A 996 1.66 -48.59 -15.49
C LYS A 996 1.85 -50.01 -16.00
N LYS A 997 2.28 -50.92 -15.13
CA LYS A 997 2.49 -52.29 -15.55
C LYS A 997 1.19 -52.94 -16.00
N GLY A 998 0.11 -52.73 -15.25
CA GLY A 998 -1.17 -53.30 -15.65
C GLY A 998 -1.67 -52.76 -16.97
N ILE A 999 -1.55 -51.44 -17.17
CA ILE A 999 -1.99 -50.84 -18.42
C ILE A 999 -1.17 -51.38 -19.59
N ASN A 1000 0.15 -51.47 -19.42
CA ASN A 1000 0.99 -51.99 -20.49
C ASN A 1000 0.62 -53.44 -20.81
N TYR A 1001 0.44 -54.27 -19.79
CA TYR A 1001 0.09 -55.66 -20.03
C TYR A 1001 -1.25 -55.79 -20.72
N VAL A 1002 -2.25 -55.02 -20.28
CA VAL A 1002 -3.57 -55.10 -20.87
C VAL A 1002 -3.53 -54.64 -22.33
N LYS A 1003 -2.80 -53.55 -22.61
CA LYS A 1003 -2.70 -53.07 -23.98
C LYS A 1003 -2.01 -54.09 -24.87
N GLN A 1004 -0.93 -54.70 -24.37
CA GLN A 1004 -0.23 -55.71 -25.17
C GLN A 1004 -1.14 -56.91 -25.45
N THR A 1005 -1.87 -57.36 -24.43
CA THR A 1005 -2.78 -58.49 -24.63
C THR A 1005 -3.88 -58.14 -25.63
N LEU A 1006 -4.42 -56.93 -25.53
CA LEU A 1006 -5.46 -56.50 -26.47
C LEU A 1006 -4.92 -56.45 -27.89
N ARG A 1007 -3.71 -55.91 -28.07
CA ARG A 1007 -3.11 -55.86 -29.40
C ARG A 1007 -2.89 -57.26 -29.95
N GLU A 1008 -2.39 -58.18 -29.11
CA GLU A 1008 -2.18 -59.55 -29.55
C GLU A 1008 -3.50 -60.22 -29.95
N PHE A 1009 -4.55 -59.99 -29.15
CA PHE A 1009 -5.85 -60.57 -29.48
C PHE A 1009 -6.40 -59.99 -30.79
N ILE A 1010 -6.24 -58.69 -31.01
CA ILE A 1010 -6.71 -58.07 -32.24
C ILE A 1010 -5.94 -58.63 -33.43
N LEU A 1011 -4.62 -58.79 -33.29
CA LEU A 1011 -3.83 -59.36 -34.37
C LEU A 1011 -4.25 -60.79 -34.66
N LYS A 1012 -4.51 -61.58 -33.61
CA LYS A 1012 -4.99 -62.94 -33.79
C LYS A 1012 -6.31 -62.95 -34.55
N ALA A 1013 -7.23 -62.05 -34.19
CA ALA A 1013 -8.51 -61.96 -34.88
C ALA A 1013 -8.31 -61.61 -36.35
N PHE A 1014 -7.40 -60.67 -36.63
CA PHE A 1014 -7.11 -60.28 -38.00
C PHE A 1014 -5.85 -60.96 -38.50
N GLY A 1175 13.16 -27.66 -64.55
CA GLY A 1175 12.44 -26.42 -64.33
C GLY A 1175 12.88 -25.72 -63.05
N LYS A 1176 13.94 -24.92 -63.16
CA LYS A 1176 14.50 -24.20 -62.03
C LYS A 1176 13.79 -22.88 -61.77
N ILE A 1177 12.65 -22.63 -62.41
CA ILE A 1177 11.97 -21.34 -62.28
C ILE A 1177 11.46 -21.16 -60.86
N TRP A 1178 10.88 -22.21 -60.29
CA TRP A 1178 10.31 -22.12 -58.95
C TRP A 1178 11.38 -21.76 -57.93
N TRP A 1179 12.54 -22.40 -58.01
CA TRP A 1179 13.66 -22.01 -57.16
C TRP A 1179 14.10 -20.59 -57.47
N ASN A 1180 14.16 -20.25 -58.75
CA ASN A 1180 14.65 -18.95 -59.18
C ASN A 1180 13.78 -17.80 -58.70
N ILE A 1181 12.52 -18.08 -58.34
CA ILE A 1181 11.69 -17.08 -57.70
C ILE A 1181 11.69 -17.19 -56.17
N ARG A 1182 11.76 -18.42 -55.63
CA ARG A 1182 11.75 -18.56 -54.18
C ARG A 1182 12.99 -17.94 -53.54
N LYS A 1183 14.16 -18.11 -54.19
CA LYS A 1183 15.35 -17.44 -53.67
C LYS A 1183 15.18 -15.93 -53.67
N THR A 1184 14.57 -15.39 -54.74
CA THR A 1184 14.34 -13.94 -54.78
C THR A 1184 13.50 -13.50 -53.60
N CYS A 1185 12.36 -14.18 -53.38
CA CYS A 1185 11.48 -13.74 -52.31
C CYS A 1185 12.12 -13.92 -50.94
N TYR A 1186 12.88 -15.01 -50.75
CA TYR A 1186 13.56 -15.22 -49.48
C TYR A 1186 14.56 -14.11 -49.21
N LYS A 1187 15.32 -13.71 -50.23
CA LYS A 1187 16.27 -12.61 -50.04
C LYS A 1187 15.55 -11.27 -49.95
N ILE A 1188 14.37 -11.16 -50.54
CA ILE A 1188 13.59 -9.93 -50.39
C ILE A 1188 13.20 -9.73 -48.94
N VAL A 1189 12.70 -10.78 -48.28
CA VAL A 1189 12.49 -10.64 -46.84
C VAL A 1189 13.75 -11.06 -46.12
N GLU A 1190 14.80 -10.24 -46.26
CA GLU A 1190 15.97 -10.25 -45.37
C GLU A 1190 16.52 -8.86 -45.08
N HIS A 1191 16.26 -7.87 -45.94
CA HIS A 1191 17.05 -6.64 -45.92
C HIS A 1191 16.60 -5.70 -44.81
N SER A 1192 17.56 -4.90 -44.35
CA SER A 1192 17.24 -3.86 -43.38
C SER A 1192 16.19 -2.91 -43.90
N TRP A 1193 16.15 -2.69 -45.22
CA TRP A 1193 15.12 -1.81 -45.78
C TRP A 1193 13.73 -2.39 -45.56
N PHE A 1194 13.55 -3.66 -45.90
CA PHE A 1194 12.25 -4.30 -45.69
C PHE A 1194 11.89 -4.31 -44.20
N GLU A 1195 12.84 -4.67 -43.34
CA GLU A 1195 12.54 -4.73 -41.91
C GLU A 1195 12.17 -3.36 -41.37
N SER A 1196 12.90 -2.32 -41.76
CA SER A 1196 12.60 -0.98 -41.30
C SER A 1196 11.24 -0.51 -41.82
N PHE A 1197 10.93 -0.81 -43.08
CA PHE A 1197 9.64 -0.42 -43.63
C PHE A 1197 8.50 -1.06 -42.85
N ILE A 1198 8.64 -2.36 -42.55
CA ILE A 1198 7.57 -3.06 -41.85
C ILE A 1198 7.46 -2.57 -40.41
N VAL A 1199 8.59 -2.28 -39.77
CA VAL A 1199 8.54 -1.76 -38.40
C VAL A 1199 7.89 -0.38 -38.38
N LEU A 1200 8.20 0.46 -39.36
CA LEU A 1200 7.57 1.77 -39.46
C LEU A 1200 6.05 1.62 -39.65
N MET A 1201 5.65 0.70 -40.51
CA MET A 1201 4.21 0.47 -40.71
C MET A 1201 3.56 -0.05 -39.43
N ILE A 1202 4.26 -0.90 -38.70
CA ILE A 1202 3.72 -1.40 -37.43
C ILE A 1202 3.52 -0.25 -36.45
N LEU A 1203 4.52 0.63 -36.34
CA LEU A 1203 4.37 1.78 -35.45
C LEU A 1203 3.19 2.65 -35.86
N LEU A 1204 3.06 2.92 -37.16
CA LEU A 1204 1.95 3.76 -37.63
C LEU A 1204 0.60 3.11 -37.36
N SER A 1205 0.47 1.82 -37.66
CA SER A 1205 -0.81 1.15 -37.48
C SER A 1205 -1.17 1.04 -36.00
N SER A 1206 -0.17 0.84 -35.14
CA SER A 1206 -0.42 0.79 -33.71
C SER A 1206 -0.84 2.16 -33.19
N GLY A 1207 -0.11 3.21 -33.54
CA GLY A 1207 -0.45 4.55 -33.11
C GLY A 1207 -1.79 5.02 -33.61
N ALA A 1208 -2.23 4.56 -34.78
CA ALA A 1208 -3.53 4.96 -35.29
C ALA A 1208 -4.66 4.50 -34.38
N LEU A 1209 -4.40 3.53 -33.50
CA LEU A 1209 -5.43 3.05 -32.59
C LEU A 1209 -5.67 4.02 -31.44
N ALA A 1210 -4.65 4.80 -31.06
CA ALA A 1210 -4.79 5.72 -29.95
C ALA A 1210 -5.79 6.84 -30.23
N PHE A 1211 -6.18 7.04 -31.48
CA PHE A 1211 -7.04 8.15 -31.85
C PHE A 1211 -8.52 7.83 -31.75
N GLU A 1212 -8.89 6.57 -31.52
CA GLU A 1212 -10.29 6.17 -31.50
C GLU A 1212 -10.90 6.43 -30.12
N ASP A 1213 -10.78 7.68 -29.68
CA ASP A 1213 -11.34 8.10 -28.41
C ASP A 1213 -12.86 8.18 -28.53
N ILE A 1214 -13.54 8.58 -27.45
CA ILE A 1214 -14.95 8.91 -27.54
C ILE A 1214 -15.18 10.19 -28.32
N TYR A 1215 -14.12 10.96 -28.58
CA TYR A 1215 -14.21 12.23 -29.29
C TYR A 1215 -13.94 12.07 -30.79
N ILE A 1216 -13.83 10.84 -31.28
CA ILE A 1216 -13.51 10.65 -32.69
C ILE A 1216 -14.63 11.19 -33.57
N GLU A 1217 -15.86 11.19 -33.08
CA GLU A 1217 -16.98 11.69 -33.88
C GLU A 1217 -16.77 13.15 -34.25
N ARG A 1218 -16.26 13.96 -33.32
CA ARG A 1218 -16.05 15.37 -33.64
C ARG A 1218 -14.75 15.61 -34.44
N LYS A 1219 -14.11 14.58 -35.01
CA LYS A 1219 -12.93 14.77 -35.87
C LYS A 1219 -13.18 13.98 -37.16
N LYS A 1220 -13.94 14.60 -38.09
CA LYS A 1220 -14.35 13.90 -39.31
C LYS A 1220 -13.16 13.60 -40.20
N THR A 1221 -12.29 14.58 -40.42
CA THR A 1221 -11.16 14.39 -41.31
C THR A 1221 -10.27 13.25 -40.83
N ILE A 1222 -9.90 13.28 -39.55
CA ILE A 1222 -9.03 12.23 -39.01
C ILE A 1222 -9.74 10.89 -39.01
N LYS A 1223 -11.04 10.87 -38.73
CA LYS A 1223 -11.78 9.61 -38.81
C LYS A 1223 -11.69 9.01 -40.22
N ILE A 1224 -11.88 9.84 -41.25
CA ILE A 1224 -11.84 9.33 -42.61
C ILE A 1224 -10.44 8.85 -42.98
N ILE A 1225 -9.42 9.64 -42.65
CA ILE A 1225 -8.06 9.23 -42.98
C ILE A 1225 -7.71 7.91 -42.30
N LEU A 1226 -8.15 7.72 -41.05
CA LEU A 1226 -7.86 6.45 -40.38
C LEU A 1226 -8.64 5.31 -40.99
N GLU A 1227 -9.93 5.54 -41.29
CA GLU A 1227 -10.77 4.52 -41.90
C GLU A 1227 -10.23 4.07 -43.25
N TYR A 1228 -9.46 4.91 -43.93
CA TYR A 1228 -8.79 4.49 -45.16
C TYR A 1228 -7.38 3.95 -44.94
N ALA A 1229 -6.67 4.42 -43.91
CA ALA A 1229 -5.32 3.95 -43.65
C ALA A 1229 -5.29 2.51 -43.18
N ASP A 1230 -6.32 2.08 -42.42
CA ASP A 1230 -6.35 0.69 -41.99
C ASP A 1230 -6.33 -0.26 -43.19
N LYS A 1231 -6.90 0.16 -44.32
CA LYS A 1231 -6.91 -0.69 -45.51
C LYS A 1231 -5.52 -0.87 -46.09
N ILE A 1232 -4.75 0.22 -46.20
CA ILE A 1232 -3.38 0.08 -46.68
C ILE A 1232 -2.58 -0.78 -45.73
N PHE A 1233 -2.80 -0.63 -44.42
CA PHE A 1233 -2.07 -1.44 -43.46
C PHE A 1233 -2.39 -2.93 -43.64
N THR A 1234 -3.67 -3.25 -43.79
CA THR A 1234 -4.05 -4.64 -44.00
C THR A 1234 -3.43 -5.19 -45.27
N TYR A 1235 -3.47 -4.41 -46.35
CA TYR A 1235 -2.88 -4.86 -47.62
C TYR A 1235 -1.39 -5.12 -47.47
N ILE A 1236 -0.68 -4.20 -46.82
CA ILE A 1236 0.76 -4.35 -46.67
C ILE A 1236 1.09 -5.60 -45.86
N PHE A 1237 0.37 -5.81 -44.76
CA PHE A 1237 0.68 -6.96 -43.92
C PHE A 1237 0.31 -8.27 -44.59
N ILE A 1238 -0.77 -8.30 -45.36
CA ILE A 1238 -1.11 -9.50 -46.13
C ILE A 1238 -0.02 -9.79 -47.16
N LEU A 1239 0.47 -8.75 -47.83
CA LEU A 1239 1.54 -8.94 -48.80
C LEU A 1239 2.79 -9.47 -48.11
N GLU A 1240 3.12 -8.95 -46.93
CA GLU A 1240 4.26 -9.46 -46.18
C GLU A 1240 4.08 -10.93 -45.82
N MET A 1241 2.87 -11.31 -45.40
CA MET A 1241 2.61 -12.70 -45.06
C MET A 1241 2.80 -13.60 -46.27
N LEU A 1242 2.28 -13.19 -47.42
CA LEU A 1242 2.44 -14.00 -48.64
C LEU A 1242 3.89 -14.08 -49.05
N LEU A 1243 4.63 -12.97 -48.95
CA LEU A 1243 6.05 -13.00 -49.28
C LEU A 1243 6.80 -13.96 -48.37
N LYS A 1244 6.48 -13.98 -47.09
CA LYS A 1244 7.13 -14.94 -46.19
C LYS A 1244 6.75 -16.37 -46.53
N TRP A 1245 5.48 -16.60 -46.85
CA TRP A 1245 5.03 -17.93 -47.27
C TRP A 1245 5.87 -18.43 -48.43
N ILE A 1246 6.02 -17.61 -49.48
CA ILE A 1246 6.82 -18.02 -50.62
C ILE A 1246 8.31 -17.95 -50.34
N ALA A 1247 8.73 -17.26 -49.27
CA ALA A 1247 10.13 -17.11 -48.96
C ALA A 1247 10.69 -18.37 -48.32
N TYR A 1248 10.13 -18.75 -47.17
CA TYR A 1248 10.57 -19.97 -46.49
C TYR A 1248 9.72 -21.18 -46.86
N GLY A 1249 8.42 -21.11 -46.61
CA GLY A 1249 7.55 -22.25 -46.85
C GLY A 1249 6.88 -22.70 -45.57
N TYR A 1250 5.81 -23.48 -45.71
CA TYR A 1250 4.99 -23.83 -44.55
C TYR A 1250 5.83 -24.44 -43.44
N LYS A 1251 6.78 -25.31 -43.79
CA LYS A 1251 7.56 -25.99 -42.75
C LYS A 1251 8.21 -24.99 -41.80
N THR A 1252 8.86 -23.97 -42.35
CA THR A 1252 9.51 -22.96 -41.52
C THR A 1252 8.50 -21.98 -40.94
N TYR A 1253 7.44 -21.66 -41.68
CA TYR A 1253 6.53 -20.60 -41.25
C TYR A 1253 5.65 -21.03 -40.08
N PHE A 1254 5.12 -22.25 -40.13
CA PHE A 1254 4.17 -22.71 -39.15
C PHE A 1254 4.83 -23.37 -37.95
N THR A 1255 6.15 -23.51 -37.96
CA THR A 1255 6.90 -23.97 -36.80
C THR A 1255 7.46 -22.83 -35.97
N ASN A 1256 7.14 -21.59 -36.30
CA ASN A 1256 7.63 -20.41 -35.61
C ASN A 1256 6.48 -19.72 -34.91
N ALA A 1257 6.61 -19.51 -33.59
CA ALA A 1257 5.52 -18.91 -32.82
C ALA A 1257 5.28 -17.47 -33.25
N TRP A 1258 6.34 -16.72 -33.53
CA TRP A 1258 6.16 -15.34 -33.97
C TRP A 1258 5.39 -15.28 -35.27
N CYS A 1259 5.74 -16.14 -36.23
CA CYS A 1259 5.01 -16.19 -37.50
C CYS A 1259 3.56 -16.61 -37.27
N TRP A 1260 3.33 -17.56 -36.37
CA TRP A 1260 1.96 -17.95 -36.05
C TRP A 1260 1.16 -16.77 -35.52
N LEU A 1261 1.77 -16.00 -34.61
CA LEU A 1261 1.08 -14.84 -34.04
C LEU A 1261 0.75 -13.81 -35.11
N ASP A 1262 1.74 -13.49 -35.96
CA ASP A 1262 1.52 -12.51 -37.01
C ASP A 1262 0.41 -12.99 -37.95
N PHE A 1263 0.44 -14.27 -38.32
CA PHE A 1263 -0.59 -14.81 -39.19
C PHE A 1263 -1.97 -14.74 -38.54
N LEU A 1264 -2.04 -14.97 -37.23
CA LEU A 1264 -3.32 -14.86 -36.54
C LEU A 1264 -3.86 -13.43 -36.58
N ILE A 1265 -3.00 -12.44 -36.31
CA ILE A 1265 -3.47 -11.06 -36.36
C ILE A 1265 -3.92 -10.70 -37.77
N VAL A 1266 -3.15 -11.14 -38.78
CA VAL A 1266 -3.52 -10.86 -40.17
C VAL A 1266 -4.86 -11.51 -40.49
N ASP A 1267 -5.10 -12.72 -39.98
CA ASP A 1267 -6.38 -13.37 -40.21
C ASP A 1267 -7.52 -12.60 -39.60
N VAL A 1268 -7.34 -12.10 -38.37
CA VAL A 1268 -8.39 -11.31 -37.72
C VAL A 1268 -8.70 -10.07 -38.55
N SER A 1269 -7.64 -9.38 -38.99
CA SER A 1269 -7.84 -8.17 -39.79
C SER A 1269 -8.54 -8.50 -41.10
N LEU A 1270 -8.15 -9.59 -41.74
CA LEU A 1270 -8.78 -9.98 -43.01
C LEU A 1270 -10.25 -10.30 -42.82
N VAL A 1271 -10.59 -11.00 -41.75
CA VAL A 1271 -11.99 -11.31 -41.47
C VAL A 1271 -12.78 -10.02 -41.27
N THR A 1272 -12.21 -9.07 -40.51
CA THR A 1272 -12.90 -7.81 -40.30
C THR A 1272 -13.12 -7.08 -41.61
N LEU A 1273 -12.10 -7.04 -42.47
CA LEU A 1273 -12.22 -6.36 -43.76
C LEU A 1273 -13.30 -7.02 -44.62
N VAL A 1274 -13.30 -8.35 -44.68
CA VAL A 1274 -14.28 -9.05 -45.50
C VAL A 1274 -15.69 -8.77 -44.98
N ALA A 1275 -15.87 -8.84 -43.67
CA ALA A 1275 -17.18 -8.57 -43.08
C ALA A 1275 -17.64 -7.16 -43.43
N ASN A 1276 -16.78 -6.16 -43.19
CA ASN A 1276 -17.18 -4.78 -43.46
C ASN A 1276 -17.52 -4.57 -44.93
N THR A 1277 -16.70 -5.13 -45.82
CA THR A 1277 -16.98 -4.99 -47.25
C THR A 1277 -18.27 -5.68 -47.66
N LEU A 1278 -18.64 -6.77 -46.99
CA LEU A 1278 -19.88 -7.48 -47.29
C LEU A 1278 -21.04 -7.08 -46.39
N GLY A 1279 -20.84 -6.10 -45.50
CA GLY A 1279 -21.90 -5.66 -44.62
C GLY A 1279 -21.81 -6.26 -43.23
N TYR A 1280 -22.94 -6.62 -42.65
CA TYR A 1280 -22.98 -7.31 -41.36
C TYR A 1280 -22.15 -6.58 -40.31
N SER A 1281 -22.00 -5.26 -40.46
CA SER A 1281 -21.16 -4.51 -39.54
C SER A 1281 -21.74 -4.40 -38.15
N ASP A 1282 -23.04 -4.66 -37.99
CA ASP A 1282 -23.70 -4.58 -36.69
C ASP A 1282 -23.73 -5.90 -35.94
N LEU A 1283 -23.15 -6.96 -36.51
CA LEU A 1283 -23.18 -8.26 -35.87
C LEU A 1283 -22.28 -8.27 -34.64
N GLY A 1284 -22.76 -8.88 -33.56
CA GLY A 1284 -22.07 -8.85 -32.29
C GLY A 1284 -20.72 -9.55 -32.30
N PRO A 1285 -20.67 -10.78 -32.80
CA PRO A 1285 -19.37 -11.47 -32.92
C PRO A 1285 -18.37 -10.70 -33.77
N ILE A 1286 -18.82 -10.10 -34.88
CA ILE A 1286 -17.90 -9.33 -35.72
C ILE A 1286 -17.45 -8.09 -34.97
N LYS A 1287 -18.34 -7.47 -34.18
CA LYS A 1287 -17.94 -6.30 -33.40
C LYS A 1287 -16.90 -6.67 -32.37
N SER A 1288 -17.06 -7.82 -31.72
CA SER A 1288 -16.04 -8.28 -30.76
C SER A 1288 -14.73 -8.57 -31.47
N LEU A 1289 -14.78 -9.19 -32.65
CA LEU A 1289 -13.56 -9.45 -33.40
C LEU A 1289 -12.88 -8.14 -33.79
N ARG A 1290 -13.65 -7.11 -34.09
CA ARG A 1290 -13.08 -5.79 -34.33
C ARG A 1290 -12.42 -5.25 -33.07
N THR A 1291 -13.11 -5.37 -31.94
CA THR A 1291 -12.52 -4.94 -30.67
C THR A 1291 -11.18 -5.64 -30.42
N LEU A 1292 -11.04 -6.87 -30.94
CA LEU A 1292 -9.78 -7.60 -30.80
C LEU A 1292 -8.66 -6.95 -31.60
N ARG A 1293 -8.94 -5.87 -32.32
CA ARG A 1293 -7.88 -5.17 -33.06
C ARG A 1293 -6.81 -4.61 -32.14
N ALA A 1294 -7.08 -4.51 -30.84
CA ALA A 1294 -6.12 -3.96 -29.91
C ALA A 1294 -4.86 -4.82 -29.79
N LEU A 1295 -4.88 -6.05 -30.30
CA LEU A 1295 -3.70 -6.90 -30.35
C LEU A 1295 -2.73 -6.50 -31.45
N ARG A 1296 -3.09 -5.52 -32.28
CA ARG A 1296 -2.19 -5.11 -33.35
C ARG A 1296 -0.77 -4.79 -32.86
N PRO A 1297 -0.57 -4.09 -31.75
CA PRO A 1297 0.80 -3.79 -31.31
C PRO A 1297 1.65 -5.02 -31.06
N LEU A 1298 1.03 -6.17 -30.76
CA LEU A 1298 1.81 -7.37 -30.47
C LEU A 1298 2.70 -7.77 -31.62
N ARG A 1299 2.39 -7.32 -32.84
CA ARG A 1299 3.29 -7.55 -33.97
C ARG A 1299 4.62 -6.85 -33.76
N ALA A 1300 4.67 -5.83 -32.90
CA ALA A 1300 5.94 -5.20 -32.55
C ALA A 1300 6.78 -6.10 -31.65
N LEU A 1301 6.19 -7.09 -31.00
CA LEU A 1301 6.93 -8.00 -30.13
C LEU A 1301 7.55 -9.16 -30.90
N SER A 1302 8.13 -8.87 -32.05
CA SER A 1302 9.03 -9.79 -32.75
C SER A 1302 10.23 -9.11 -33.38
N ARG A 1303 10.14 -7.82 -33.68
CA ARG A 1303 11.17 -7.12 -34.44
C ARG A 1303 12.04 -6.23 -33.57
N PHE A 1304 11.75 -6.12 -32.28
CA PHE A 1304 12.56 -5.37 -31.34
C PHE A 1304 13.33 -6.34 -30.47
N GLU A 1305 14.65 -6.21 -30.48
CA GLU A 1305 15.52 -7.25 -29.92
C GLU A 1305 15.41 -7.30 -28.40
N GLY A 1306 15.39 -6.13 -27.74
CA GLY A 1306 15.22 -6.12 -26.29
C GLY A 1306 13.90 -6.73 -25.87
N MET A 1307 12.82 -6.37 -26.57
CA MET A 1307 11.51 -6.94 -26.25
C MET A 1307 11.53 -8.45 -26.40
N ARG A 1308 12.07 -8.93 -27.53
CA ARG A 1308 12.07 -10.37 -27.78
C ARG A 1308 12.93 -11.10 -26.76
N VAL A 1309 14.08 -10.54 -26.40
CA VAL A 1309 14.97 -11.18 -25.43
C VAL A 1309 14.28 -11.25 -24.07
N VAL A 1310 13.63 -10.17 -23.66
CA VAL A 1310 12.96 -10.17 -22.36
C VAL A 1310 11.83 -11.21 -22.37
N VAL A 1311 11.10 -11.30 -23.48
CA VAL A 1311 10.01 -12.28 -23.55
C VAL A 1311 10.56 -13.69 -23.47
N ASN A 1312 11.67 -13.97 -24.17
CA ASN A 1312 12.28 -15.29 -24.09
C ASN A 1312 12.72 -15.61 -22.68
N ALA A 1313 13.35 -14.64 -22.00
CA ALA A 1313 13.79 -14.87 -20.63
C ALA A 1313 12.62 -15.12 -19.70
N LEU A 1314 11.52 -14.41 -19.90
CA LEU A 1314 10.33 -14.55 -19.08
C LEU A 1314 9.58 -15.85 -19.32
N ILE A 1315 9.58 -16.36 -20.55
CA ILE A 1315 8.85 -17.58 -20.87
C ILE A 1315 9.47 -18.82 -20.22
N GLY A 1316 10.79 -18.86 -20.05
CA GLY A 1316 11.44 -20.03 -19.48
C GLY A 1316 11.21 -20.24 -18.00
N ALA A 1317 10.59 -19.27 -17.32
CA ALA A 1317 10.40 -19.34 -15.88
C ALA A 1317 9.02 -19.87 -15.49
N ILE A 1318 8.10 -20.05 -16.43
CA ILE A 1318 6.76 -20.50 -16.08
C ILE A 1318 6.78 -21.90 -15.47
N PRO A 1319 7.40 -22.91 -16.08
CA PRO A 1319 7.44 -24.23 -15.45
C PRO A 1319 8.13 -24.21 -14.10
N SER A 1320 9.10 -23.33 -13.91
CA SER A 1320 9.81 -23.25 -12.64
C SER A 1320 8.85 -22.92 -11.50
N ILE A 1321 7.93 -22.00 -11.72
CA ILE A 1321 7.06 -21.50 -10.67
C ILE A 1321 5.66 -22.12 -10.74
N MET A 1322 5.42 -23.03 -11.68
CA MET A 1322 4.09 -23.62 -11.80
C MET A 1322 3.72 -24.39 -10.53
N ASN A 1323 4.67 -25.13 -9.95
CA ASN A 1323 4.37 -25.93 -8.76
C ASN A 1323 4.00 -25.04 -7.58
N VAL A 1324 4.79 -23.98 -7.35
CA VAL A 1324 4.48 -23.06 -6.25
C VAL A 1324 3.17 -22.34 -6.51
N LEU A 1325 2.89 -22.02 -7.78
CA LEU A 1325 1.60 -21.41 -8.11
C LEU A 1325 0.45 -22.32 -7.73
N LEU A 1326 0.60 -23.62 -8.02
CA LEU A 1326 -0.46 -24.57 -7.67
C LEU A 1326 -0.60 -24.70 -6.15
N VAL A 1327 0.52 -24.71 -5.42
CA VAL A 1327 0.44 -24.79 -3.97
C VAL A 1327 -0.28 -23.57 -3.40
N CYS A 1328 0.05 -22.39 -3.93
CA CYS A 1328 -0.61 -21.16 -3.48
C CYS A 1328 -2.10 -21.20 -3.81
N LEU A 1329 -2.44 -21.72 -4.99
CA LEU A 1329 -3.85 -21.86 -5.33
C LEU A 1329 -4.58 -22.77 -4.35
N ILE A 1330 -3.94 -23.87 -3.95
CA ILE A 1330 -4.57 -24.80 -3.01
C ILE A 1330 -4.78 -24.11 -1.67
N PHE A 1331 -3.75 -23.42 -1.17
CA PHE A 1331 -3.90 -22.74 0.11
C PHE A 1331 -5.01 -21.69 0.06
N TRP A 1332 -5.03 -20.91 -1.02
CA TRP A 1332 -6.08 -19.90 -1.17
C TRP A 1332 -7.45 -20.54 -1.31
N LEU A 1333 -7.51 -21.74 -1.87
CA LEU A 1333 -8.78 -22.46 -1.93
C LEU A 1333 -9.26 -22.86 -0.54
N ILE A 1334 -8.33 -23.33 0.30
CA ILE A 1334 -8.72 -23.66 1.68
C ILE A 1334 -9.24 -22.41 2.38
N PHE A 1335 -8.52 -21.30 2.22
CA PHE A 1335 -8.97 -20.06 2.86
C PHE A 1335 -10.30 -19.59 2.28
N SER A 1336 -10.52 -19.81 0.98
CA SER A 1336 -11.78 -19.41 0.36
C SER A 1336 -12.94 -20.25 0.86
N ILE A 1337 -12.72 -21.56 1.05
CA ILE A 1337 -13.78 -22.41 1.60
C ILE A 1337 -14.10 -21.99 3.03
N MET A 1338 -13.07 -21.72 3.82
CA MET A 1338 -13.32 -21.24 5.18
C MET A 1338 -14.10 -19.93 5.16
N GLY A 1339 -13.70 -19.00 4.30
CA GLY A 1339 -14.41 -17.73 4.22
C GLY A 1339 -15.83 -17.88 3.76
N VAL A 1340 -16.08 -18.80 2.82
CA VAL A 1340 -17.44 -19.05 2.35
C VAL A 1340 -18.29 -19.60 3.47
N ASN A 1341 -17.76 -20.57 4.23
CA ASN A 1341 -18.50 -21.10 5.36
C ASN A 1341 -18.79 -20.01 6.38
N LEU A 1342 -17.82 -19.13 6.63
CA LEU A 1342 -18.00 -18.08 7.62
C LEU A 1342 -19.02 -17.04 7.18
N PHE A 1343 -18.91 -16.55 5.94
CA PHE A 1343 -19.70 -15.42 5.49
C PHE A 1343 -20.54 -15.75 4.26
N ALA A 1344 -21.19 -16.90 4.25
CA ALA A 1344 -22.01 -17.30 3.10
C ALA A 1344 -23.21 -16.37 3.00
N GLY A 1345 -23.15 -15.41 2.07
CA GLY A 1345 -24.28 -14.54 1.82
C GLY A 1345 -24.72 -13.75 3.03
N LYS A 1346 -23.77 -13.20 3.79
CA LYS A 1346 -24.08 -12.42 4.98
C LYS A 1346 -23.73 -10.95 4.83
N PHE A 1347 -23.38 -10.52 3.62
CA PHE A 1347 -23.08 -9.11 3.34
C PHE A 1347 -24.31 -8.34 2.87
N TYR A 1348 -25.45 -9.00 2.76
CA TYR A 1348 -26.69 -8.32 2.40
C TYR A 1348 -27.06 -7.28 3.45
N GLU A 1349 -27.61 -6.16 3.00
CA GLU A 1349 -27.91 -5.05 3.89
C GLU A 1349 -29.01 -4.19 3.29
N CYS A 1350 -29.89 -3.68 4.15
CA CYS A 1350 -30.88 -2.69 3.74
C CYS A 1350 -30.20 -1.32 3.72
N ILE A 1351 -30.25 -0.65 2.58
CA ILE A 1351 -29.48 0.56 2.34
C ILE A 1351 -30.41 1.66 1.86
N ASN A 1352 -30.24 2.86 2.41
CA ASN A 1352 -30.94 4.05 1.93
C ASN A 1352 -30.12 4.63 0.79
N THR A 1353 -30.57 4.40 -0.44
CA THR A 1353 -29.77 4.77 -1.61
C THR A 1353 -29.54 6.26 -1.73
N THR A 1354 -30.39 7.08 -1.09
CA THR A 1354 -30.20 8.52 -1.18
C THR A 1354 -28.84 8.93 -0.61
N ASP A 1355 -28.48 8.38 0.55
CA ASP A 1355 -27.23 8.70 1.20
C ASP A 1355 -26.39 7.47 1.55
N GLY A 1356 -26.83 6.28 1.21
CA GLY A 1356 -26.06 5.08 1.48
C GLY A 1356 -25.93 4.72 2.94
N SER A 1357 -26.88 5.13 3.79
CA SER A 1357 -26.79 4.83 5.21
C SER A 1357 -27.49 3.50 5.49
N ARG A 1358 -26.74 2.54 6.01
CA ARG A 1358 -27.31 1.27 6.40
C ARG A 1358 -28.31 1.49 7.54
N PHE A 1359 -29.53 1.04 7.34
CA PHE A 1359 -30.57 1.26 8.33
C PHE A 1359 -30.19 0.58 9.65
N PRO A 1360 -30.51 1.17 10.79
CA PRO A 1360 -30.21 0.50 12.07
C PRO A 1360 -30.97 -0.80 12.18
N ALA A 1361 -30.33 -1.80 12.80
CA ALA A 1361 -30.97 -3.09 12.99
C ALA A 1361 -32.19 -3.01 13.90
N SER A 1362 -32.37 -1.90 14.62
CA SER A 1362 -33.55 -1.75 15.46
C SER A 1362 -34.81 -1.46 14.65
N GLN A 1363 -34.67 -1.02 13.41
CA GLN A 1363 -35.81 -0.70 12.55
C GLN A 1363 -36.11 -1.79 11.53
N VAL A 1364 -35.09 -2.25 10.81
CA VAL A 1364 -35.26 -3.29 9.79
C VAL A 1364 -34.36 -4.46 10.15
N PRO A 1365 -34.77 -5.34 11.06
CA PRO A 1365 -33.87 -6.40 11.54
C PRO A 1365 -33.46 -7.40 10.48
N ASN A 1366 -34.21 -7.57 9.40
CA ASN A 1366 -33.88 -8.62 8.44
C ASN A 1366 -34.53 -8.33 7.09
N ARG A 1367 -34.37 -9.29 6.17
CA ARG A 1367 -34.79 -9.12 4.78
C ARG A 1367 -36.30 -8.92 4.67
N SER A 1368 -37.09 -9.63 5.48
CA SER A 1368 -38.53 -9.47 5.43
C SER A 1368 -38.92 -8.03 5.70
N GLU A 1369 -38.35 -7.42 6.74
CA GLU A 1369 -38.69 -6.04 7.06
C GLU A 1369 -38.10 -5.06 6.06
N CYS A 1370 -36.92 -5.35 5.51
CA CYS A 1370 -36.40 -4.49 4.45
C CYS A 1370 -37.33 -4.47 3.25
N PHE A 1371 -37.83 -5.63 2.84
CA PHE A 1371 -38.74 -5.69 1.71
C PHE A 1371 -40.07 -5.03 2.04
N ALA A 1372 -40.57 -5.23 3.26
CA ALA A 1372 -41.78 -4.53 3.67
C ALA A 1372 -41.60 -3.02 3.61
N LEU A 1373 -40.41 -2.54 3.97
CA LEU A 1373 -40.11 -1.12 3.84
C LEU A 1373 -40.04 -0.69 2.38
N MET A 1374 -39.61 -1.57 1.47
CA MET A 1374 -39.64 -1.22 0.06
C MET A 1374 -41.04 -0.85 -0.40
N ASN A 1375 -42.08 -1.42 0.23
CA ASN A 1375 -43.44 -1.16 -0.22
C ASN A 1375 -43.91 0.25 0.10
N VAL A 1376 -43.46 0.83 1.22
CA VAL A 1376 -43.93 2.13 1.64
C VAL A 1376 -42.95 3.22 1.22
N SER A 1377 -41.65 2.96 1.39
CA SER A 1377 -40.64 3.92 1.01
C SER A 1377 -40.28 3.77 -0.46
N GLN A 1378 -39.34 4.61 -0.91
CA GLN A 1378 -38.93 4.65 -2.31
C GLN A 1378 -37.46 4.27 -2.51
N ASN A 1379 -36.55 4.91 -1.78
CA ASN A 1379 -35.11 4.68 -1.96
C ASN A 1379 -34.63 3.71 -0.88
N VAL A 1380 -34.86 2.43 -1.13
CA VAL A 1380 -34.41 1.35 -0.24
C VAL A 1380 -33.96 0.19 -1.12
N ARG A 1381 -32.90 -0.50 -0.69
CA ARG A 1381 -32.35 -1.60 -1.47
C ARG A 1381 -31.76 -2.64 -0.53
N TRP A 1382 -32.05 -3.91 -0.81
CA TRP A 1382 -31.43 -5.03 -0.10
C TRP A 1382 -30.10 -5.36 -0.79
N LYS A 1383 -29.22 -4.37 -0.80
CA LYS A 1383 -27.98 -4.41 -1.57
C LYS A 1383 -27.03 -5.46 -1.02
N ASN A 1384 -26.12 -5.91 -1.88
CA ASN A 1384 -25.10 -6.88 -1.54
C ASN A 1384 -23.77 -6.44 -2.13
N LEU A 1385 -22.70 -6.65 -1.37
CA LEU A 1385 -21.37 -6.24 -1.83
C LEU A 1385 -21.03 -6.94 -3.13
N LYS A 1386 -20.37 -6.22 -4.04
CA LYS A 1386 -20.02 -6.80 -5.33
C LYS A 1386 -18.94 -7.86 -5.17
N VAL A 1387 -17.98 -7.64 -4.29
CA VAL A 1387 -16.89 -8.58 -4.02
C VAL A 1387 -17.14 -9.15 -2.64
N ASN A 1388 -17.68 -10.37 -2.58
CA ASN A 1388 -18.10 -10.98 -1.32
C ASN A 1388 -17.68 -12.44 -1.28
N PHE A 1389 -18.23 -13.21 -0.34
CA PHE A 1389 -17.87 -14.60 -0.12
C PHE A 1389 -19.05 -15.52 -0.38
N ASP A 1390 -19.78 -15.27 -1.48
CA ASP A 1390 -20.94 -16.10 -1.79
C ASP A 1390 -20.56 -17.46 -2.35
N ASN A 1391 -19.46 -17.53 -3.12
CA ASN A 1391 -18.98 -18.79 -3.66
C ASN A 1391 -17.46 -18.74 -3.73
N VAL A 1392 -16.87 -19.80 -4.26
CA VAL A 1392 -15.42 -19.94 -4.17
C VAL A 1392 -14.70 -18.95 -5.08
N GLY A 1393 -15.27 -18.67 -6.26
CA GLY A 1393 -14.64 -17.69 -7.14
C GLY A 1393 -14.66 -16.29 -6.56
N LEU A 1394 -15.81 -15.88 -6.03
CA LEU A 1394 -15.90 -14.57 -5.39
C LEU A 1394 -15.01 -14.52 -4.14
N GLY A 1395 -14.90 -15.64 -3.43
CA GLY A 1395 -13.96 -15.70 -2.32
C GLY A 1395 -12.52 -15.55 -2.78
N TYR A 1396 -12.17 -16.15 -3.92
CA TYR A 1396 -10.84 -15.97 -4.48
C TYR A 1396 -10.57 -14.51 -4.77
N LEU A 1397 -11.54 -13.82 -5.38
CA LEU A 1397 -11.35 -12.40 -5.69
C LEU A 1397 -11.22 -11.58 -4.40
N SER A 1398 -12.06 -11.86 -3.41
CA SER A 1398 -11.97 -11.15 -2.14
C SER A 1398 -10.62 -11.38 -1.47
N LEU A 1399 -10.12 -12.62 -1.51
CA LEU A 1399 -8.81 -12.89 -0.93
C LEU A 1399 -7.71 -12.18 -1.69
N LEU A 1400 -7.84 -12.05 -3.02
CA LEU A 1400 -6.86 -11.27 -3.75
C LEU A 1400 -6.85 -9.83 -3.28
N GLN A 1401 -8.04 -9.24 -3.12
CA GLN A 1401 -8.10 -7.87 -2.63
C GLN A 1401 -7.49 -7.75 -1.24
N VAL A 1402 -7.77 -8.71 -0.36
CA VAL A 1402 -7.22 -8.66 0.99
C VAL A 1402 -5.71 -8.81 0.97
N ALA A 1403 -5.19 -9.73 0.15
CA ALA A 1403 -3.75 -9.95 0.07
C ALA A 1403 -3.03 -8.75 -0.51
N THR A 1404 -3.69 -7.97 -1.37
CA THR A 1404 -3.09 -6.76 -1.91
C THR A 1404 -3.35 -5.52 -1.06
N PHE A 1405 -4.21 -5.61 -0.05
CA PHE A 1405 -4.55 -4.47 0.80
C PHE A 1405 -5.19 -3.34 0.00
N LYS A 1406 -5.92 -3.69 -1.05
CA LYS A 1406 -6.62 -2.72 -1.89
C LYS A 1406 -8.10 -3.11 -1.89
N GLY A 1407 -8.92 -2.33 -1.20
CA GLY A 1407 -10.33 -2.64 -1.05
C GLY A 1407 -10.63 -3.62 0.06
N TRP A 1408 -9.62 -4.07 0.81
CA TRP A 1408 -9.80 -5.06 1.86
C TRP A 1408 -10.66 -4.54 3.01
N THR A 1409 -10.72 -3.22 3.19
CA THR A 1409 -11.35 -2.65 4.38
C THR A 1409 -12.86 -2.77 4.31
N ILE A 1410 -13.45 -2.61 3.12
CA ILE A 1410 -14.89 -2.80 2.98
C ILE A 1410 -15.26 -4.24 3.30
N ILE A 1411 -14.46 -5.19 2.84
CA ILE A 1411 -14.71 -6.59 3.14
C ILE A 1411 -14.63 -6.85 4.64
N MET A 1412 -13.62 -6.30 5.31
CA MET A 1412 -13.56 -6.50 6.76
C MET A 1412 -14.77 -5.90 7.47
N TYR A 1413 -15.18 -4.69 7.06
CA TYR A 1413 -16.33 -4.09 7.73
C TYR A 1413 -17.57 -4.96 7.56
N ALA A 1414 -17.82 -5.43 6.33
CA ALA A 1414 -18.99 -6.24 6.07
C ALA A 1414 -18.90 -7.58 6.80
N ALA A 1415 -17.69 -8.11 6.96
CA ALA A 1415 -17.52 -9.39 7.66
C ALA A 1415 -17.77 -9.23 9.15
N VAL A 1416 -17.16 -8.22 9.77
CA VAL A 1416 -17.30 -8.02 11.21
C VAL A 1416 -18.66 -7.48 11.60
N ASP A 1417 -19.45 -7.01 10.65
CA ASP A 1417 -20.84 -6.68 10.92
C ASP A 1417 -21.78 -7.87 10.71
N SER A 1418 -21.25 -9.05 10.41
CA SER A 1418 -22.07 -10.20 10.08
C SER A 1418 -22.98 -10.59 11.25
N VAL A 1419 -24.19 -11.01 10.91
CA VAL A 1419 -25.14 -11.52 11.91
C VAL A 1419 -25.58 -12.92 11.53
N ASN A 1420 -26.22 -13.05 10.37
CA ASN A 1420 -26.73 -14.33 9.90
C ASN A 1420 -27.25 -14.14 8.48
N VAL A 1421 -27.76 -15.22 7.89
CA VAL A 1421 -28.34 -15.15 6.56
C VAL A 1421 -29.72 -14.53 6.65
N ASP A 1422 -29.99 -13.56 5.78
CA ASP A 1422 -31.24 -12.80 5.80
C ASP A 1422 -31.40 -12.06 7.13
N LYS A 1423 -30.31 -11.47 7.61
CA LYS A 1423 -30.32 -10.68 8.83
C LYS A 1423 -29.62 -9.36 8.57
N GLN A 1424 -30.14 -8.30 9.17
CA GLN A 1424 -29.57 -6.98 9.01
C GLN A 1424 -28.27 -6.87 9.80
N PRO A 1425 -27.14 -6.54 9.18
CA PRO A 1425 -25.89 -6.48 9.92
C PRO A 1425 -25.92 -5.44 11.04
N LYS A 1426 -25.19 -5.73 12.11
CA LYS A 1426 -25.05 -4.85 13.25
C LYS A 1426 -23.59 -4.45 13.41
N TYR A 1427 -23.37 -3.24 13.92
CA TYR A 1427 -22.02 -2.69 14.01
C TYR A 1427 -21.17 -3.52 14.96
N GLU A 1428 -20.05 -4.04 14.45
CA GLU A 1428 -19.10 -4.81 15.26
C GLU A 1428 -19.79 -5.93 16.02
N TYR A 1429 -20.72 -6.60 15.36
CA TYR A 1429 -21.41 -7.74 15.98
C TYR A 1429 -20.53 -8.98 15.99
N SER A 1430 -19.67 -9.14 15.00
CA SER A 1430 -18.76 -10.27 14.93
C SER A 1430 -17.32 -9.74 14.93
N LEU A 1431 -17.04 -8.84 15.87
CA LEU A 1431 -15.79 -8.09 15.84
C LEU A 1431 -14.58 -9.02 15.72
N TYR A 1432 -14.63 -10.18 16.36
CA TYR A 1432 -13.46 -11.06 16.39
C TYR A 1432 -13.31 -11.91 15.14
N MET A 1433 -14.01 -11.56 14.05
CA MET A 1433 -13.69 -12.12 12.74
C MET A 1433 -12.52 -11.42 12.08
N TYR A 1434 -12.04 -10.32 12.67
CA TYR A 1434 -10.81 -9.70 12.18
C TYR A 1434 -9.67 -10.70 12.21
N ILE A 1435 -9.75 -11.68 13.12
CA ILE A 1435 -8.69 -12.66 13.26
C ILE A 1435 -8.60 -13.54 12.02
N TYR A 1436 -9.73 -13.76 11.34
CA TYR A 1436 -9.68 -14.52 10.09
C TYR A 1436 -8.78 -13.83 9.07
N PHE A 1437 -8.95 -12.52 8.90
CA PHE A 1437 -8.14 -11.77 7.96
C PHE A 1437 -6.70 -11.66 8.45
N VAL A 1438 -6.49 -11.51 9.75
CA VAL A 1438 -5.13 -11.47 10.29
C VAL A 1438 -4.41 -12.78 9.98
N VAL A 1439 -5.08 -13.90 10.21
CA VAL A 1439 -4.48 -15.21 9.98
C VAL A 1439 -4.20 -15.38 8.49
N PHE A 1440 -5.14 -14.99 7.64
CA PHE A 1440 -4.92 -15.12 6.21
C PHE A 1440 -3.72 -14.30 5.75
N ILE A 1441 -3.62 -13.06 6.22
CA ILE A 1441 -2.50 -12.22 5.81
C ILE A 1441 -1.18 -12.79 6.32
N ILE A 1442 -1.20 -13.38 7.51
CA ILE A 1442 0.04 -13.95 8.06
C ILE A 1442 0.44 -15.22 7.30
N PHE A 1443 -0.53 -15.99 6.81
CA PHE A 1443 -0.25 -17.31 6.25
C PHE A 1443 -0.17 -17.30 4.72
N GLY A 1444 -1.24 -16.92 4.05
CA GLY A 1444 -1.30 -16.99 2.61
C GLY A 1444 -0.72 -15.80 1.87
N SER A 1445 -0.23 -14.79 2.58
CA SER A 1445 0.36 -13.61 1.97
C SER A 1445 1.81 -13.40 2.36
N PHE A 1446 2.23 -13.91 3.52
CA PHE A 1446 3.60 -13.80 3.99
C PHE A 1446 4.39 -15.07 3.73
N PHE A 1447 3.90 -16.21 4.21
CA PHE A 1447 4.59 -17.47 4.02
C PHE A 1447 4.57 -17.91 2.55
N THR A 1448 3.46 -17.67 1.84
CA THR A 1448 3.41 -18.02 0.42
C THR A 1448 4.41 -17.19 -0.38
N LEU A 1449 4.50 -15.89 -0.08
CA LEU A 1449 5.50 -15.06 -0.74
C LEU A 1449 6.91 -15.54 -0.42
N ASN A 1450 7.14 -15.95 0.83
CA ASN A 1450 8.44 -16.50 1.18
C ASN A 1450 8.75 -17.73 0.36
N LEU A 1451 7.76 -18.61 0.18
CA LEU A 1451 7.96 -19.81 -0.63
C LEU A 1451 8.28 -19.45 -2.07
N PHE A 1452 7.56 -18.47 -2.63
CA PHE A 1452 7.82 -18.05 -4.00
C PHE A 1452 9.26 -17.58 -4.16
N ILE A 1453 9.71 -16.70 -3.26
CA ILE A 1453 11.08 -16.22 -3.35
C ILE A 1453 12.07 -17.36 -3.15
N GLY A 1454 11.76 -18.31 -2.26
CA GLY A 1454 12.63 -19.44 -2.04
C GLY A 1454 12.77 -20.34 -3.25
N VAL A 1455 11.70 -20.50 -4.04
CA VAL A 1455 11.78 -21.30 -5.25
C VAL A 1455 12.37 -20.54 -6.42
N ILE A 1456 12.44 -19.21 -6.35
CA ILE A 1456 13.22 -18.43 -7.31
C ILE A 1456 14.72 -18.51 -7.02
N ILE A 1457 15.10 -18.44 -5.74
CA ILE A 1457 16.53 -18.41 -5.41
C ILE A 1457 17.21 -19.69 -5.85
N ASP A 1458 16.61 -20.85 -5.56
CA ASP A 1458 17.24 -22.10 -5.95
C ASP A 1458 17.25 -22.26 -7.47
N ASN A 1459 16.28 -21.67 -8.16
CA ASN A 1459 16.35 -21.63 -9.61
C ASN A 1459 17.59 -20.89 -10.06
N PHE A 1460 17.90 -19.76 -9.41
CA PHE A 1460 19.15 -19.09 -9.73
C PHE A 1460 20.37 -19.97 -9.46
N ASN A 1461 20.26 -20.93 -8.53
CA ASN A 1461 21.42 -21.70 -8.11
C ASN A 1461 21.67 -22.93 -8.97
N GLN A 1462 20.62 -23.57 -9.49
CA GLN A 1462 20.84 -24.79 -10.27
C GLN A 1462 21.72 -24.57 -11.49
N GLN A 1463 21.79 -23.35 -12.00
CA GLN A 1463 22.52 -23.09 -13.25
C GLN A 1463 24.02 -23.28 -13.06
N LYS A 1464 24.70 -23.67 -14.14
CA LYS A 1464 26.15 -23.81 -14.11
C LYS A 1464 26.86 -22.47 -13.97
N LYS A 1465 26.29 -21.40 -14.55
CA LYS A 1465 26.84 -20.06 -14.39
C LYS A 1465 26.00 -19.27 -13.40
N ASP A 1471 24.37 -11.81 -18.08
CA ASP A 1471 23.00 -11.36 -17.90
C ASP A 1471 22.12 -11.85 -19.05
N ILE A 1472 20.86 -12.16 -18.74
CA ILE A 1472 19.91 -12.66 -19.73
C ILE A 1472 18.78 -11.66 -19.98
N PHE A 1473 18.96 -10.40 -19.59
CA PHE A 1473 18.05 -9.33 -19.96
C PHE A 1473 18.63 -8.40 -21.02
N MET A 1474 19.88 -8.62 -21.41
CA MET A 1474 20.59 -7.72 -22.32
C MET A 1474 20.62 -8.34 -23.71
N THR A 1475 20.77 -7.49 -24.72
CA THR A 1475 20.95 -7.97 -26.08
C THR A 1475 22.44 -7.99 -26.43
N GLU A 1476 22.74 -8.60 -27.57
CA GLU A 1476 24.14 -8.72 -27.98
C GLU A 1476 24.77 -7.35 -28.20
N GLU A 1477 24.03 -6.41 -28.77
CA GLU A 1477 24.57 -5.08 -29.00
C GLU A 1477 24.87 -4.36 -27.69
N GLN A 1478 24.06 -4.59 -26.66
CA GLN A 1478 24.33 -3.99 -25.35
C GLN A 1478 25.44 -4.69 -24.60
N LYS A 1479 25.66 -5.99 -24.86
CA LYS A 1479 26.73 -6.72 -24.19
C LYS A 1479 28.09 -6.06 -24.42
N LYS A 1480 28.36 -5.62 -25.65
CA LYS A 1480 29.69 -5.11 -25.95
C LYS A 1480 30.00 -3.86 -25.14
N TYR A 1481 29.08 -2.88 -25.11
CA TYR A 1481 29.39 -1.69 -24.34
C TYR A 1481 29.23 -1.92 -22.84
N TYR A 1482 28.46 -2.94 -22.44
CA TYR A 1482 28.51 -3.37 -21.04
C TYR A 1482 29.92 -3.76 -20.65
N ASN A 1483 30.54 -4.63 -21.44
CA ASN A 1483 31.92 -5.04 -21.16
C ASN A 1483 32.87 -3.85 -21.24
N ALA A 1484 32.68 -2.98 -22.24
CA ALA A 1484 33.54 -1.81 -22.37
C ALA A 1484 33.45 -0.91 -21.14
N MET A 1485 32.24 -0.69 -20.64
CA MET A 1485 32.00 0.17 -19.49
C MET A 1485 32.40 -0.48 -18.17
N LYS A 1486 32.54 -1.81 -18.13
CA LYS A 1486 32.99 -2.45 -16.90
C LYS A 1486 34.26 -1.79 -16.36
N LYS A 1487 35.22 -1.50 -17.24
CA LYS A 1487 36.49 -0.92 -16.81
C LYS A 1487 36.34 0.51 -16.29
N LEU A 1488 35.25 1.20 -16.62
CA LEU A 1488 35.09 2.58 -16.19
C LEU A 1488 35.10 2.67 -14.67
N GLY A 1489 34.36 1.80 -14.00
CA GLY A 1489 34.39 1.78 -12.54
C GLY A 1489 35.73 1.35 -11.99
N SER A 1490 36.32 0.29 -12.57
CA SER A 1490 37.61 -0.22 -12.13
C SER A 1490 38.74 0.49 -12.87
N LYS A 1491 38.88 1.78 -12.59
CA LYS A 1491 39.89 2.62 -13.22
C LYS A 1491 41.08 2.80 -12.27
N LYS A 1492 42.28 2.83 -12.84
CA LYS A 1492 43.47 3.05 -12.04
C LYS A 1492 43.46 4.46 -11.46
N PRO A 1493 44.15 4.68 -10.34
CA PRO A 1493 44.16 6.03 -9.76
C PRO A 1493 44.64 7.07 -10.75
N GLN A 1494 43.92 8.19 -10.80
CA GLN A 1494 44.26 9.26 -11.72
C GLN A 1494 45.63 9.84 -11.40
N LYS A 1495 46.39 10.14 -12.45
CA LYS A 1495 47.72 10.70 -12.26
C LYS A 1495 47.61 12.07 -11.59
N PRO A 1496 48.34 12.32 -10.51
CA PRO A 1496 48.26 13.64 -9.87
C PRO A 1496 48.78 14.74 -10.78
N ILE A 1497 48.17 15.92 -10.65
CA ILE A 1497 48.60 17.08 -11.43
C ILE A 1497 49.98 17.52 -10.95
N PRO A 1498 50.87 17.96 -11.85
CA PRO A 1498 52.17 18.48 -11.38
C PRO A 1498 52.00 19.80 -10.64
N ARG A 1499 53.01 20.12 -9.83
CA ARG A 1499 53.01 21.34 -9.06
C ARG A 1499 53.58 22.47 -9.92
N PRO A 1500 52.78 23.48 -10.30
CA PRO A 1500 53.34 24.58 -11.09
C PRO A 1500 53.87 25.71 -10.21
N GLY A 1501 55.08 26.18 -10.49
CA GLY A 1501 55.60 27.34 -9.81
C GLY A 1501 55.59 28.57 -10.70
N ASN A 1502 54.59 29.44 -10.50
CA ASN A 1502 54.47 30.66 -11.28
C ASN A 1502 53.88 31.73 -10.35
N LYS A 1503 54.73 32.69 -9.98
CA LYS A 1503 54.31 33.93 -9.34
C LYS A 1503 53.05 33.76 -8.48
N ILE A 1504 51.99 34.51 -8.81
CA ILE A 1504 50.75 34.40 -8.05
C ILE A 1504 50.11 33.02 -8.23
N GLN A 1505 50.16 32.48 -9.45
CA GLN A 1505 49.42 31.27 -9.76
C GLN A 1505 49.73 30.13 -8.80
N GLY A 1506 50.94 30.05 -8.28
CA GLY A 1506 51.31 28.98 -7.38
C GLY A 1506 50.56 29.01 -6.06
N CYS A 1507 50.45 30.20 -5.46
CA CYS A 1507 49.73 30.33 -4.21
C CYS A 1507 48.27 29.93 -4.37
N ILE A 1508 47.71 30.08 -5.58
CA ILE A 1508 46.32 29.69 -5.79
C ILE A 1508 46.18 28.17 -5.82
N PHE A 1509 47.19 27.46 -6.33
CA PHE A 1509 47.22 26.01 -6.20
C PHE A 1509 47.35 25.61 -4.73
N ASP A 1510 48.23 26.29 -3.99
CA ASP A 1510 48.31 26.03 -2.56
C ASP A 1510 46.98 26.32 -1.86
N LEU A 1511 46.18 27.23 -2.42
CA LEU A 1511 44.87 27.52 -1.84
C LEU A 1511 43.88 26.41 -2.15
N VAL A 1512 43.62 26.15 -3.43
CA VAL A 1512 42.83 24.98 -3.81
C VAL A 1512 43.75 23.81 -4.10
N THR A 1513 44.37 23.27 -3.05
CA THR A 1513 44.84 21.88 -3.05
C THR A 1513 44.48 21.14 -1.78
N ASN A 1514 44.16 21.83 -0.68
CA ASN A 1514 44.09 21.25 0.64
C ASN A 1514 42.64 21.05 1.08
N GLN A 1515 42.44 20.15 2.04
CA GLN A 1515 41.11 19.81 2.49
C GLN A 1515 40.56 20.85 3.47
N ALA A 1516 40.63 22.12 3.10
CA ALA A 1516 39.92 23.18 3.79
C ALA A 1516 39.03 23.96 2.85
N PHE A 1517 39.52 24.27 1.65
CA PHE A 1517 38.67 24.93 0.65
C PHE A 1517 37.51 24.02 0.25
N ASP A 1518 37.79 22.73 0.04
CA ASP A 1518 36.73 21.80 -0.34
C ASP A 1518 35.69 21.67 0.77
N ILE A 1519 36.12 21.60 2.03
CA ILE A 1519 35.19 21.44 3.12
C ILE A 1519 34.37 22.71 3.32
N SER A 1520 35.01 23.88 3.17
CA SER A 1520 34.28 25.13 3.23
C SER A 1520 33.23 25.20 2.13
N ILE A 1521 33.58 24.75 0.92
CA ILE A 1521 32.62 24.74 -0.16
C ILE A 1521 31.46 23.81 0.16
N MET A 1522 31.76 22.63 0.72
CA MET A 1522 30.70 21.69 1.06
C MET A 1522 29.74 22.29 2.08
N VAL A 1523 30.27 22.94 3.13
CA VAL A 1523 29.39 23.55 4.11
C VAL A 1523 28.64 24.72 3.49
N LEU A 1524 29.23 25.40 2.50
CA LEU A 1524 28.51 26.44 1.79
C LEU A 1524 27.31 25.87 1.04
N ILE A 1525 27.49 24.71 0.40
CA ILE A 1525 26.36 24.08 -0.29
C ILE A 1525 25.30 23.65 0.73
N CYS A 1526 25.74 23.19 1.91
CA CYS A 1526 24.77 22.83 2.94
C CYS A 1526 23.96 24.05 3.38
N LEU A 1527 24.62 25.18 3.57
CA LEU A 1527 23.92 26.41 3.93
C LEU A 1527 22.97 26.85 2.82
N ASN A 1528 23.40 26.69 1.56
CA ASN A 1528 22.50 26.97 0.45
C ASN A 1528 21.27 26.08 0.50
N MET A 1529 21.47 24.81 0.85
CA MET A 1529 20.33 23.90 1.01
C MET A 1529 19.39 24.39 2.10
N VAL A 1530 19.94 24.86 3.22
CA VAL A 1530 19.08 25.35 4.31
C VAL A 1530 18.27 26.55 3.85
N THR A 1531 18.92 27.49 3.16
CA THR A 1531 18.18 28.65 2.70
C THR A 1531 17.17 28.31 1.60
N MET A 1532 17.36 27.19 0.90
CA MET A 1532 16.31 26.71 0.01
C MET A 1532 15.16 26.07 0.77
N MET A 1533 15.45 25.37 1.87
CA MET A 1533 14.39 24.78 2.67
C MET A 1533 13.57 25.84 3.38
N VAL A 1534 14.18 26.98 3.71
CA VAL A 1534 13.48 28.00 4.50
C VAL A 1534 12.21 28.47 3.79
N GLU A 1535 12.16 28.35 2.47
CA GLU A 1535 11.03 28.88 1.71
C GLU A 1535 9.73 28.19 2.11
N LYS A 1536 8.63 28.95 2.07
CA LYS A 1536 7.31 28.40 2.38
C LYS A 1536 6.26 29.12 1.53
N GLU A 1537 4.99 28.82 1.78
CA GLU A 1537 3.88 29.42 1.05
C GLU A 1537 3.26 30.50 1.92
N GLY A 1538 3.19 31.72 1.38
CA GLY A 1538 2.68 32.85 2.11
C GLY A 1538 3.74 33.68 2.81
N GLN A 1539 5.01 33.43 2.56
CA GLN A 1539 6.06 34.24 3.15
C GLN A 1539 6.05 35.64 2.55
N SER A 1540 6.58 36.60 3.29
CA SER A 1540 6.45 38.00 2.92
C SER A 1540 7.49 38.39 1.88
N GLN A 1541 7.27 39.55 1.27
CA GLN A 1541 8.20 40.07 0.27
C GLN A 1541 9.58 40.33 0.88
N HIS A 1542 9.64 40.68 2.16
CA HIS A 1542 10.94 40.87 2.80
C HIS A 1542 11.72 39.56 2.81
N MET A 1543 11.07 38.46 3.17
CA MET A 1543 11.73 37.16 3.12
C MET A 1543 12.12 36.81 1.69
N THR A 1544 11.25 37.09 0.73
CA THR A 1544 11.58 36.80 -0.66
C THR A 1544 12.84 37.54 -1.10
N GLU A 1545 12.93 38.84 -0.78
CA GLU A 1545 14.10 39.62 -1.15
C GLU A 1545 15.35 39.10 -0.45
N VAL A 1546 15.24 38.78 0.84
CA VAL A 1546 16.41 38.32 1.58
C VAL A 1546 16.94 37.03 0.98
N LEU A 1547 16.04 36.08 0.71
CA LEU A 1547 16.47 34.82 0.11
C LEU A 1547 17.04 35.03 -1.29
N TYR A 1548 16.43 35.92 -2.07
CA TYR A 1548 16.92 36.20 -3.41
C TYR A 1548 18.36 36.72 -3.37
N TRP A 1549 18.63 37.66 -2.46
CA TRP A 1549 19.97 38.24 -2.40
C TRP A 1549 20.98 37.25 -1.81
N ILE A 1550 20.56 36.43 -0.85
CA ILE A 1550 21.46 35.40 -0.34
C ILE A 1550 21.85 34.43 -1.47
N ASN A 1551 20.88 34.05 -2.29
CA ASN A 1551 21.18 33.15 -3.40
C ASN A 1551 22.06 33.84 -4.43
N VAL A 1552 21.87 35.15 -4.64
CA VAL A 1552 22.76 35.90 -5.52
C VAL A 1552 24.20 35.83 -5.02
N VAL A 1553 24.37 36.03 -3.71
CA VAL A 1553 25.71 35.94 -3.12
C VAL A 1553 26.28 34.53 -3.31
N PHE A 1554 25.44 33.52 -3.14
CA PHE A 1554 25.89 32.15 -3.33
C PHE A 1554 26.35 31.91 -4.75
N ILE A 1555 25.61 32.43 -5.73
CA ILE A 1555 26.01 32.29 -7.13
C ILE A 1555 27.34 33.00 -7.37
N ILE A 1556 27.51 34.18 -6.78
CA ILE A 1556 28.76 34.92 -6.95
C ILE A 1556 29.94 34.10 -6.41
N LEU A 1557 29.77 33.53 -5.22
CA LEU A 1557 30.85 32.74 -4.63
C LEU A 1557 31.12 31.47 -5.45
N PHE A 1558 30.06 30.84 -5.96
CA PHE A 1558 30.23 29.60 -6.72
C PHE A 1558 30.87 29.87 -8.08
N THR A 1559 30.67 31.07 -8.62
CA THR A 1559 31.41 31.47 -9.83
C THR A 1559 32.84 31.81 -9.51
N GLY A 1560 33.08 32.45 -8.36
CA GLY A 1560 34.44 32.75 -7.96
C GLY A 1560 35.29 31.51 -7.78
N GLU A 1561 34.74 30.49 -7.13
CA GLU A 1561 35.51 29.25 -6.97
C GLU A 1561 35.83 28.63 -8.32
N CYS A 1562 34.89 28.71 -9.27
CA CYS A 1562 35.13 28.09 -10.58
C CYS A 1562 36.21 28.83 -11.34
N VAL A 1563 36.19 30.17 -11.33
CA VAL A 1563 37.23 30.92 -12.02
C VAL A 1563 38.59 30.67 -11.37
N LEU A 1564 38.62 30.63 -10.04
CA LEU A 1564 39.88 30.37 -9.34
C LEU A 1564 40.39 28.97 -9.68
N LYS A 1565 39.50 27.99 -9.72
CA LYS A 1565 39.89 26.63 -10.09
C LYS A 1565 40.43 26.59 -11.52
N LEU A 1566 39.82 27.36 -12.43
CA LEU A 1566 40.33 27.39 -13.80
C LEU A 1566 41.73 27.98 -13.86
N ILE A 1567 41.93 29.16 -13.27
CA ILE A 1567 43.24 29.81 -13.34
C ILE A 1567 44.29 29.10 -12.51
N SER A 1568 43.90 28.16 -11.65
CA SER A 1568 44.87 27.35 -10.91
C SER A 1568 45.06 25.95 -11.49
N LEU A 1569 44.11 25.45 -12.26
CA LEU A 1569 44.18 24.13 -12.87
C LEU A 1569 44.02 24.27 -14.38
N ARG A 1570 44.66 25.29 -14.94
CA ARG A 1570 44.82 25.43 -16.38
C ARG A 1570 44.98 24.06 -17.04
N HIS A 1571 44.17 23.84 -18.08
CA HIS A 1571 44.21 22.69 -19.00
C HIS A 1571 44.02 21.36 -18.30
N TYR A 1572 43.77 21.36 -16.99
CA TYR A 1572 43.39 20.14 -16.27
C TYR A 1572 41.95 20.19 -15.77
N TYR A 1573 41.40 21.37 -15.55
CA TYR A 1573 39.95 21.51 -15.48
C TYR A 1573 39.34 20.92 -16.75
N PHE A 1574 38.18 20.29 -16.58
CA PHE A 1574 37.48 19.53 -17.61
C PHE A 1574 38.14 18.17 -17.84
N THR A 1575 39.17 17.80 -17.09
CA THR A 1575 39.77 16.47 -17.17
C THR A 1575 39.23 15.53 -16.10
N VAL A 1576 38.32 15.98 -15.24
CA VAL A 1576 37.68 15.16 -14.24
C VAL A 1576 36.18 15.43 -14.30
N GLY A 1577 35.38 14.37 -14.41
CA GLY A 1577 33.95 14.55 -14.63
C GLY A 1577 33.30 15.49 -13.64
N TRP A 1578 33.76 15.47 -12.39
CA TRP A 1578 33.20 16.36 -11.37
C TRP A 1578 33.44 17.82 -11.71
N ASN A 1579 34.60 18.15 -12.28
CA ASN A 1579 34.84 19.54 -12.65
C ASN A 1579 33.91 19.98 -13.79
N ILE A 1580 33.66 19.11 -14.77
CA ILE A 1580 32.70 19.45 -15.82
C ILE A 1580 31.32 19.63 -15.22
N PHE A 1581 30.95 18.77 -14.28
CA PHE A 1581 29.65 18.93 -13.62
C PHE A 1581 29.57 20.27 -12.90
N ASP A 1582 30.65 20.67 -12.22
CA ASP A 1582 30.67 21.95 -11.53
C ASP A 1582 30.52 23.10 -12.51
N PHE A 1583 31.23 23.04 -13.64
CA PHE A 1583 31.14 24.10 -14.63
C PHE A 1583 29.72 24.22 -15.18
N VAL A 1584 29.12 23.09 -15.57
CA VAL A 1584 27.76 23.16 -16.09
C VAL A 1584 26.81 23.65 -15.02
N VAL A 1585 27.05 23.29 -13.76
CA VAL A 1585 26.19 23.75 -12.67
C VAL A 1585 26.28 25.27 -12.53
N VAL A 1586 27.49 25.82 -12.60
CA VAL A 1586 27.66 27.27 -12.50
C VAL A 1586 26.93 27.96 -13.65
N ILE A 1587 27.12 27.43 -14.87
CA ILE A 1587 26.52 28.08 -16.03
C ILE A 1587 25.00 28.01 -15.94
N ILE A 1588 24.44 26.83 -15.63
CA ILE A 1588 22.99 26.70 -15.53
C ILE A 1588 22.46 27.57 -14.41
N SER A 1589 23.25 27.78 -13.35
CA SER A 1589 22.80 28.64 -12.26
C SER A 1589 22.65 30.08 -12.72
N ILE A 1590 23.69 30.61 -13.37
CA ILE A 1590 23.63 31.98 -13.85
C ILE A 1590 22.50 32.15 -14.84
N VAL A 1591 22.39 31.22 -15.80
CA VAL A 1591 21.33 31.30 -16.79
C VAL A 1591 19.96 31.18 -16.15
N GLY A 1592 19.79 30.28 -15.17
CA GLY A 1592 18.50 30.15 -14.52
C GLY A 1592 18.09 31.42 -13.82
N MET A 1593 19.02 32.06 -13.11
CA MET A 1593 18.68 33.31 -12.43
C MET A 1593 18.31 34.39 -13.45
N PHE A 1594 19.05 34.46 -14.56
CA PHE A 1594 18.79 35.50 -15.55
C PHE A 1594 17.42 35.32 -16.20
N LEU A 1595 17.13 34.11 -16.71
CA LEU A 1595 15.80 33.89 -17.28
C LEU A 1595 14.69 33.98 -16.23
N ALA A 1596 14.99 33.68 -14.97
CA ALA A 1596 13.98 33.84 -13.93
C ALA A 1596 13.59 35.31 -13.79
N ASP A 1597 14.59 36.19 -13.65
CA ASP A 1597 14.26 37.60 -13.50
C ASP A 1597 13.72 38.20 -14.79
N LEU A 1598 14.06 37.62 -15.95
CA LEU A 1598 13.48 38.09 -17.20
C LEU A 1598 12.02 37.68 -17.33
N ILE A 1599 11.67 36.46 -16.93
CA ILE A 1599 10.28 36.02 -17.00
C ILE A 1599 9.44 36.76 -15.98
N GLU A 1600 9.98 37.02 -14.78
CA GLU A 1600 9.21 37.77 -13.79
C GLU A 1600 8.86 39.16 -14.29
N THR A 1601 9.85 39.88 -14.85
CA THR A 1601 9.61 41.25 -15.29
C THR A 1601 8.70 41.27 -16.51
N TYR A 1602 8.91 40.36 -17.45
CA TYR A 1602 8.15 40.33 -18.70
C TYR A 1602 7.84 38.88 -19.04
N PHE A 1603 6.79 38.69 -19.84
CA PHE A 1603 6.35 37.36 -20.28
C PHE A 1603 5.99 36.50 -19.06
N VAL A 1604 4.94 36.94 -18.36
CA VAL A 1604 4.50 36.22 -17.16
C VAL A 1604 4.09 34.80 -17.55
N SER A 1605 4.62 33.82 -16.82
CA SER A 1605 4.34 32.42 -17.07
C SER A 1605 4.67 31.62 -15.81
N PRO A 1606 3.72 31.43 -14.89
CA PRO A 1606 4.08 30.79 -13.61
C PRO A 1606 4.70 29.40 -13.76
N THR A 1607 4.14 28.55 -14.62
CA THR A 1607 4.63 27.18 -14.72
C THR A 1607 6.05 27.14 -15.27
N LEU A 1608 6.30 27.85 -16.36
CA LEU A 1608 7.64 27.86 -16.95
C LEU A 1608 8.62 28.56 -16.02
N PHE A 1609 8.16 29.56 -15.27
CA PHE A 1609 9.02 30.20 -14.27
C PHE A 1609 9.44 29.19 -13.21
N ARG A 1610 8.49 28.40 -12.71
CA ARG A 1610 8.83 27.37 -11.73
C ARG A 1610 9.83 26.39 -12.32
N VAL A 1611 9.62 25.97 -13.57
CA VAL A 1611 10.52 25.01 -14.18
C VAL A 1611 11.92 25.60 -14.32
N ILE A 1612 12.03 26.87 -14.70
CA ILE A 1612 13.35 27.48 -14.85
C ILE A 1612 14.02 27.65 -13.49
N ARG A 1613 13.26 28.06 -12.47
CA ARG A 1613 13.83 28.19 -11.14
C ARG A 1613 13.86 26.81 -10.48
N LEU A 1614 14.41 25.84 -11.19
CA LEU A 1614 14.64 24.50 -10.68
C LEU A 1614 16.06 24.04 -10.93
N ALA A 1615 16.87 24.82 -11.65
CA ALA A 1615 18.28 24.53 -11.80
C ALA A 1615 19.10 24.95 -10.58
N ARG A 1616 18.48 25.66 -9.63
CA ARG A 1616 19.18 25.98 -8.39
C ARG A 1616 19.58 24.72 -7.64
N ILE A 1617 18.80 23.64 -7.81
CA ILE A 1617 19.09 22.41 -7.07
C ILE A 1617 20.35 21.74 -7.58
N GLY A 1618 20.93 22.21 -8.67
CA GLY A 1618 22.18 21.64 -9.12
C GLY A 1618 23.26 21.77 -8.06
N ARG A 1619 23.25 22.87 -7.33
CA ARG A 1619 24.24 23.08 -6.28
C ARG A 1619 24.15 22.00 -5.21
N ILE A 1620 22.93 21.69 -4.75
CA ILE A 1620 22.78 20.65 -3.74
C ILE A 1620 22.99 19.26 -4.33
N LEU A 1621 22.60 19.04 -5.58
CA LEU A 1621 22.95 17.80 -6.27
C LEU A 1621 24.46 17.60 -6.32
N ARG A 1622 25.24 18.67 -6.28
CA ARG A 1622 26.69 18.56 -6.25
C ARG A 1622 27.20 18.02 -4.91
N LEU A 1623 26.35 17.97 -3.87
CA LEU A 1623 26.80 17.48 -2.58
C LEU A 1623 27.17 16.00 -2.61
N VAL A 1624 26.67 15.24 -3.57
CA VAL A 1624 26.95 13.81 -3.60
C VAL A 1624 28.45 13.54 -3.72
N LYS A 1625 29.21 14.49 -4.23
CA LYS A 1625 30.66 14.34 -4.27
C LYS A 1625 31.22 14.21 -2.86
N GLY A 1626 32.37 13.54 -2.76
CA GLY A 1626 33.04 13.40 -1.49
C GLY A 1626 32.41 12.42 -0.53
N ALA A 1627 31.46 11.61 -0.99
CA ALA A 1627 30.81 10.61 -0.16
C ALA A 1627 30.75 9.30 -0.94
N LYS A 1628 31.50 8.30 -0.49
CA LYS A 1628 31.54 7.02 -1.19
C LYS A 1628 30.39 6.14 -0.73
N GLY A 1629 29.18 6.69 -0.72
CA GLY A 1629 27.98 5.94 -0.44
C GLY A 1629 26.87 6.24 -1.43
N ILE A 1630 27.08 7.29 -2.23
CA ILE A 1630 26.14 7.67 -3.27
C ILE A 1630 26.70 7.37 -4.65
N ARG A 1631 28.02 7.52 -4.81
CA ARG A 1631 28.63 7.26 -6.12
C ARG A 1631 28.50 5.81 -6.51
N THR A 1632 28.69 4.89 -5.56
CA THR A 1632 28.49 3.47 -5.85
C THR A 1632 27.03 3.18 -6.19
N LEU A 1633 26.11 3.83 -5.48
CA LEU A 1633 24.68 3.71 -5.80
C LEU A 1633 24.43 4.12 -7.24
N LEU A 1634 24.96 5.27 -7.64
CA LEU A 1634 24.76 5.77 -9.00
C LEU A 1634 25.40 4.85 -10.03
N PHE A 1635 26.57 4.28 -9.70
CA PHE A 1635 27.20 3.36 -10.62
C PHE A 1635 26.37 2.09 -10.80
N ALA A 1636 25.78 1.59 -9.71
CA ALA A 1636 24.88 0.46 -9.84
C ALA A 1636 23.68 0.81 -10.73
N LEU A 1637 23.14 2.02 -10.54
CA LEU A 1637 22.11 2.49 -11.45
C LEU A 1637 22.57 2.39 -12.90
N MET A 1638 23.63 3.13 -13.26
CA MET A 1638 24.08 3.18 -14.64
C MET A 1638 24.51 1.81 -15.16
N MET A 1639 24.78 0.86 -14.26
CA MET A 1639 24.96 -0.53 -14.68
C MET A 1639 23.64 -1.19 -15.04
N SER A 1640 22.57 -0.91 -14.30
CA SER A 1640 21.30 -1.62 -14.46
C SER A 1640 20.38 -1.00 -15.52
N LEU A 1641 20.57 0.26 -15.89
CA LEU A 1641 19.64 0.89 -16.83
C LEU A 1641 19.39 0.10 -18.11
N PRO A 1642 20.35 -0.56 -18.75
CA PRO A 1642 20.00 -1.32 -19.96
C PRO A 1642 18.85 -2.31 -19.78
N ALA A 1643 18.96 -3.23 -18.82
CA ALA A 1643 17.91 -4.21 -18.61
C ALA A 1643 16.61 -3.54 -18.18
N LEU A 1644 16.71 -2.51 -17.34
CA LEU A 1644 15.52 -1.77 -16.93
C LEU A 1644 14.84 -1.15 -18.14
N PHE A 1645 15.62 -0.66 -19.09
CA PHE A 1645 15.04 -0.07 -20.31
C PHE A 1645 14.31 -1.11 -21.12
N ASN A 1646 14.92 -2.29 -21.29
CA ASN A 1646 14.24 -3.35 -22.06
C ASN A 1646 12.94 -3.77 -21.38
N ILE A 1647 12.98 -3.97 -20.06
CA ILE A 1647 11.78 -4.37 -19.33
C ILE A 1647 10.73 -3.27 -19.40
N GLY A 1648 11.15 -2.00 -19.32
CA GLY A 1648 10.21 -0.91 -19.45
C GLY A 1648 9.59 -0.82 -20.82
N LEU A 1649 10.36 -1.16 -21.86
CA LEU A 1649 9.80 -1.23 -23.20
C LEU A 1649 8.70 -2.28 -23.27
N LEU A 1650 8.97 -3.47 -22.74
CA LEU A 1650 7.93 -4.49 -22.74
C LEU A 1650 6.72 -4.06 -21.93
N LEU A 1651 6.95 -3.43 -20.77
CA LEU A 1651 5.84 -3.00 -19.93
C LEU A 1651 5.03 -1.92 -20.63
N PHE A 1652 5.68 -1.04 -21.38
CA PHE A 1652 4.95 -0.01 -22.13
C PHE A 1652 4.14 -0.65 -23.24
N LEU A 1653 4.66 -1.69 -23.89
CA LEU A 1653 3.86 -2.40 -24.88
C LEU A 1653 2.59 -2.98 -24.25
N VAL A 1654 2.75 -3.65 -23.11
CA VAL A 1654 1.59 -4.26 -22.45
C VAL A 1654 0.61 -3.17 -22.02
N MET A 1655 1.12 -2.08 -21.46
CA MET A 1655 0.27 -0.99 -21.01
C MET A 1655 -0.45 -0.33 -22.17
N PHE A 1656 0.21 -0.22 -23.32
CA PHE A 1656 -0.42 0.34 -24.51
C PHE A 1656 -1.57 -0.55 -24.98
N ILE A 1657 -1.33 -1.85 -25.05
CA ILE A 1657 -2.38 -2.77 -25.48
C ILE A 1657 -3.56 -2.71 -24.53
N TYR A 1658 -3.29 -2.73 -23.23
CA TYR A 1658 -4.35 -2.70 -22.23
C TYR A 1658 -5.10 -1.38 -22.27
N ALA A 1659 -4.38 -0.28 -22.48
CA ALA A 1659 -5.04 1.02 -22.60
C ALA A 1659 -5.98 1.06 -23.79
N ILE A 1660 -5.53 0.55 -24.94
CA ILE A 1660 -6.38 0.54 -26.13
C ILE A 1660 -7.63 -0.27 -25.87
N PHE A 1661 -7.49 -1.45 -25.28
CA PHE A 1661 -8.66 -2.28 -25.01
C PHE A 1661 -9.58 -1.61 -23.99
N GLY A 1662 -9.00 -0.88 -23.04
CA GLY A 1662 -9.81 -0.13 -22.09
C GLY A 1662 -10.62 0.95 -22.75
N MET A 1663 -10.01 1.73 -23.64
CA MET A 1663 -10.80 2.68 -24.42
C MET A 1663 -11.90 1.96 -25.17
N SER A 1664 -11.60 0.78 -25.72
CA SER A 1664 -12.60 0.06 -26.51
C SER A 1664 -13.80 -0.32 -25.66
N ASN A 1665 -13.59 -0.81 -24.44
CA ASN A 1665 -14.68 -1.38 -23.65
C ASN A 1665 -15.19 -0.45 -22.55
N PHE A 1666 -14.33 -0.01 -21.63
CA PHE A 1666 -14.78 0.65 -20.40
C PHE A 1666 -14.85 2.16 -20.55
N ALA A 1667 -15.14 2.66 -21.75
CA ALA A 1667 -15.20 4.09 -21.99
C ALA A 1667 -16.58 4.68 -21.72
N TYR A 1668 -17.56 3.86 -21.34
CA TYR A 1668 -18.91 4.36 -21.10
C TYR A 1668 -19.53 3.84 -19.81
N VAL A 1669 -18.75 3.16 -18.95
CA VAL A 1669 -19.28 2.74 -17.66
C VAL A 1669 -19.62 3.96 -16.81
N LYS A 1670 -20.47 3.75 -15.81
CA LYS A 1670 -20.87 4.84 -14.94
C LYS A 1670 -19.66 5.40 -14.20
N LYS A 1671 -19.65 6.71 -14.00
CA LYS A 1671 -18.55 7.37 -13.30
C LYS A 1671 -18.81 7.27 -11.80
N GLU A 1672 -18.17 6.29 -11.16
CA GLU A 1672 -18.34 6.04 -9.75
C GLU A 1672 -17.06 5.44 -9.22
N ASP A 1673 -16.90 5.47 -7.89
CA ASP A 1673 -15.76 4.87 -7.21
C ASP A 1673 -14.49 5.52 -7.75
N GLY A 1674 -13.54 4.78 -8.30
CA GLY A 1674 -12.30 5.32 -8.79
C GLY A 1674 -12.31 5.81 -10.22
N ILE A 1675 -13.45 5.75 -10.90
CA ILE A 1675 -13.59 6.26 -12.26
C ILE A 1675 -14.41 7.55 -12.18
N ASN A 1676 -13.79 8.67 -12.53
CA ASN A 1676 -14.43 9.98 -12.40
C ASN A 1676 -14.19 10.76 -13.69
N ASP A 1677 -14.57 12.04 -13.67
CA ASP A 1677 -14.49 12.88 -14.85
C ASP A 1677 -13.07 13.12 -15.32
N MET A 1678 -12.07 12.81 -14.49
CA MET A 1678 -10.67 13.09 -14.82
C MET A 1678 -9.83 11.84 -14.99
N PHE A 1679 -10.22 10.72 -14.39
CA PHE A 1679 -9.49 9.45 -14.47
C PHE A 1679 -10.45 8.38 -14.99
N ASN A 1680 -10.49 8.21 -16.31
CA ASN A 1680 -11.42 7.28 -16.93
C ASN A 1680 -10.71 6.65 -18.12
N PHE A 1681 -11.47 5.91 -18.94
CA PHE A 1681 -10.96 5.28 -20.15
C PHE A 1681 -11.55 5.94 -21.40
N GLU A 1682 -11.89 7.22 -21.30
CA GLU A 1682 -12.48 7.93 -22.43
C GLU A 1682 -11.44 8.48 -23.40
N THR A 1683 -10.15 8.35 -23.09
CA THR A 1683 -9.10 8.88 -23.95
C THR A 1683 -7.82 8.11 -23.67
N PHE A 1684 -6.87 8.20 -24.60
CA PHE A 1684 -5.59 7.53 -24.43
C PHE A 1684 -4.85 8.05 -23.20
N GLY A 1685 -4.85 9.37 -22.99
CA GLY A 1685 -4.16 9.92 -21.84
C GLY A 1685 -4.75 9.45 -20.53
N ASN A 1686 -6.08 9.48 -20.42
CA ASN A 1686 -6.74 9.02 -19.20
C ASN A 1686 -6.49 7.54 -18.98
N SER A 1687 -6.58 6.74 -20.05
CA SER A 1687 -6.33 5.31 -19.92
C SER A 1687 -4.92 5.04 -19.43
N MET A 1688 -3.93 5.73 -19.98
CA MET A 1688 -2.55 5.50 -19.57
C MET A 1688 -2.32 6.00 -18.15
N ILE A 1689 -2.98 7.09 -17.75
CA ILE A 1689 -2.88 7.53 -16.36
C ILE A 1689 -3.40 6.44 -15.42
N CYS A 1690 -4.58 5.89 -15.72
CA CYS A 1690 -5.15 4.85 -14.87
C CYS A 1690 -4.24 3.62 -14.83
N LEU A 1691 -3.71 3.23 -15.99
CA LEU A 1691 -2.90 2.02 -16.05
C LEU A 1691 -1.58 2.21 -15.31
N PHE A 1692 -0.98 3.40 -15.39
CA PHE A 1692 0.21 3.65 -14.58
C PHE A 1692 -0.15 3.62 -13.10
N GLN A 1693 -1.30 4.16 -12.74
CA GLN A 1693 -1.72 4.13 -11.34
C GLN A 1693 -1.77 2.70 -10.83
N ILE A 1694 -2.39 1.79 -11.58
CA ILE A 1694 -2.60 0.43 -11.10
C ILE A 1694 -1.46 -0.51 -11.47
N THR A 1695 -0.43 -0.02 -12.17
CA THR A 1695 0.75 -0.85 -12.37
C THR A 1695 1.33 -1.32 -11.04
N THR A 1696 1.22 -0.48 -10.01
CA THR A 1696 1.62 -0.84 -8.66
C THR A 1696 0.50 -1.47 -7.85
N SER A 1697 -0.66 -1.69 -8.48
CA SER A 1697 -1.86 -2.21 -7.83
C SER A 1697 -2.57 -1.16 -6.98
N ALA A 1698 -2.12 0.09 -7.02
CA ALA A 1698 -2.72 1.15 -6.21
C ALA A 1698 -4.15 1.39 -6.65
N GLY A 1699 -5.10 1.11 -5.75
CA GLY A 1699 -6.50 1.40 -6.03
C GLY A 1699 -7.05 0.68 -7.24
N TRP A 1700 -6.70 -0.59 -7.41
CA TRP A 1700 -7.21 -1.35 -8.56
C TRP A 1700 -8.62 -1.86 -8.32
N ASP A 1701 -9.11 -1.83 -7.08
CA ASP A 1701 -10.49 -2.17 -6.82
C ASP A 1701 -11.43 -1.02 -7.18
N GLY A 1702 -10.95 0.22 -7.05
CA GLY A 1702 -11.81 1.36 -7.33
C GLY A 1702 -12.22 1.44 -8.78
N LEU A 1703 -11.30 1.11 -9.70
CA LEU A 1703 -11.66 1.10 -11.11
C LEU A 1703 -12.49 -0.12 -11.48
N LEU A 1704 -12.28 -1.25 -10.80
CA LEU A 1704 -13.03 -2.45 -11.13
C LEU A 1704 -14.46 -2.40 -10.62
N ALA A 1705 -14.71 -1.71 -9.51
CA ALA A 1705 -16.06 -1.69 -8.94
C ALA A 1705 -17.10 -1.14 -9.90
N PRO A 1706 -16.88 -0.03 -10.61
CA PRO A 1706 -17.89 0.42 -11.58
C PRO A 1706 -18.17 -0.59 -12.67
N ILE A 1707 -17.17 -1.37 -13.06
CA ILE A 1707 -17.32 -2.33 -14.15
C ILE A 1707 -18.09 -3.57 -13.71
N LEU A 1708 -18.14 -3.85 -12.40
CA LEU A 1708 -18.87 -5.01 -11.92
C LEU A 1708 -20.39 -4.83 -12.02
N ASN A 1709 -20.87 -3.64 -12.33
CA ASN A 1709 -22.29 -3.42 -12.53
C ASN A 1709 -22.73 -4.07 -13.83
N SER A 1710 -23.75 -4.93 -13.75
CA SER A 1710 -24.29 -5.61 -14.92
C SER A 1710 -25.76 -5.29 -15.14
N LYS A 1711 -26.58 -5.36 -14.10
CA LYS A 1711 -28.03 -5.28 -14.24
C LYS A 1711 -28.60 -4.19 -13.33
N PRO A 1712 -29.73 -3.59 -13.69
CA PRO A 1712 -30.33 -2.56 -12.83
C PRO A 1712 -30.64 -3.11 -11.45
N PRO A 1713 -30.94 -2.23 -10.47
CA PRO A 1713 -31.06 -0.78 -10.58
C PRO A 1713 -29.71 -0.07 -10.52
N ASP A 1714 -28.60 -0.79 -10.58
CA ASP A 1714 -27.27 -0.21 -10.64
C ASP A 1714 -26.74 -0.09 -12.06
N CYS A 1715 -27.63 0.05 -13.04
CA CYS A 1715 -27.26 0.15 -14.43
C CYS A 1715 -28.35 0.89 -15.18
N ASP A 1716 -28.09 1.21 -16.45
CA ASP A 1716 -29.10 1.75 -17.35
C ASP A 1716 -28.78 1.21 -18.74
N PRO A 1717 -29.31 0.04 -19.08
CA PRO A 1717 -29.02 -0.52 -20.41
C PRO A 1717 -29.39 0.41 -21.55
N LYS A 1718 -30.50 1.14 -21.43
CA LYS A 1718 -30.93 2.10 -22.43
C LYS A 1718 -30.51 3.49 -21.96
N LYS A 1719 -29.22 3.76 -22.05
CA LYS A 1719 -28.64 5.03 -21.64
C LYS A 1719 -28.13 5.74 -22.89
N VAL A 1720 -28.54 6.99 -23.07
CA VAL A 1720 -28.20 7.76 -24.27
C VAL A 1720 -26.98 8.62 -23.97
N HIS A 1721 -25.95 8.48 -24.81
CA HIS A 1721 -24.73 9.27 -24.68
C HIS A 1721 -24.70 10.30 -25.80
N PRO A 1722 -24.97 11.57 -25.53
CA PRO A 1722 -25.02 12.56 -26.62
C PRO A 1722 -23.69 12.65 -27.36
N GLY A 1723 -23.78 12.83 -28.67
CA GLY A 1723 -22.61 12.85 -29.51
C GLY A 1723 -22.14 11.49 -29.98
N SER A 1724 -22.91 10.44 -29.72
CA SER A 1724 -22.54 9.08 -30.12
C SER A 1724 -23.75 8.19 -29.93
N SER A 1725 -23.67 6.99 -30.50
CA SER A 1725 -24.70 5.95 -30.34
C SER A 1725 -23.99 4.70 -29.84
N VAL A 1726 -23.77 4.64 -28.53
CA VAL A 1726 -23.11 3.51 -27.88
C VAL A 1726 -24.01 3.08 -26.73
N GLU A 1727 -25.33 3.22 -26.93
CA GLU A 1727 -26.33 3.04 -25.88
C GLU A 1727 -25.96 1.93 -24.89
N GLY A 1728 -26.01 2.25 -23.60
CA GLY A 1728 -25.60 1.31 -22.54
C GLY A 1728 -24.48 1.92 -21.72
N ASP A 1729 -24.59 1.79 -20.39
CA ASP A 1729 -23.67 2.47 -19.48
C ASP A 1729 -23.09 1.58 -18.40
N CYS A 1730 -22.89 0.29 -18.65
CA CYS A 1730 -22.10 -0.52 -17.74
C CYS A 1730 -21.48 -1.68 -18.50
N GLY A 1731 -20.40 -2.23 -17.95
CA GLY A 1731 -19.56 -3.18 -18.65
C GLY A 1731 -19.85 -4.62 -18.27
N ASN A 1732 -19.07 -5.52 -18.89
CA ASN A 1732 -19.22 -6.94 -18.67
C ASN A 1732 -18.38 -7.36 -17.46
N PRO A 1733 -18.99 -7.88 -16.39
CA PRO A 1733 -18.18 -8.22 -15.21
C PRO A 1733 -17.09 -9.22 -15.51
N SER A 1734 -17.32 -10.19 -16.38
CA SER A 1734 -16.30 -11.19 -16.70
C SER A 1734 -15.08 -10.53 -17.34
N VAL A 1735 -15.32 -9.71 -18.37
CA VAL A 1735 -14.21 -9.05 -19.05
C VAL A 1735 -13.49 -8.10 -18.11
N GLY A 1736 -14.24 -7.39 -17.26
CA GLY A 1736 -13.60 -6.49 -16.32
C GLY A 1736 -12.72 -7.23 -15.32
N ILE A 1737 -13.22 -8.34 -14.77
CA ILE A 1737 -12.45 -9.10 -13.81
C ILE A 1737 -11.17 -9.63 -14.46
N PHE A 1738 -11.30 -10.20 -15.66
CA PHE A 1738 -10.10 -10.73 -16.29
C PHE A 1738 -9.12 -9.60 -16.60
N TYR A 1739 -9.61 -8.49 -17.14
CA TYR A 1739 -8.77 -7.33 -17.38
C TYR A 1739 -7.95 -6.98 -16.14
N PHE A 1740 -8.62 -6.73 -15.03
CA PHE A 1740 -7.96 -6.13 -13.87
C PHE A 1740 -7.21 -7.16 -13.02
N VAL A 1741 -7.46 -8.45 -13.22
CA VAL A 1741 -6.65 -9.45 -12.53
C VAL A 1741 -5.42 -9.77 -13.36
N SER A 1742 -5.63 -9.97 -14.66
CA SER A 1742 -4.49 -10.27 -15.57
C SER A 1742 -3.49 -9.12 -15.52
N TYR A 1743 -3.96 -7.87 -15.62
CA TYR A 1743 -3.02 -6.76 -15.69
C TYR A 1743 -2.15 -6.69 -14.44
N ILE A 1744 -2.76 -6.82 -13.26
CA ILE A 1744 -1.96 -6.75 -12.04
C ILE A 1744 -1.02 -7.93 -11.94
N ILE A 1745 -1.42 -9.12 -12.40
CA ILE A 1745 -0.49 -10.26 -12.37
C ILE A 1745 0.70 -10.01 -13.29
N ILE A 1746 0.46 -9.55 -14.52
CA ILE A 1746 1.56 -9.28 -15.43
C ILE A 1746 2.46 -8.18 -14.87
N SER A 1747 1.86 -7.12 -14.30
CA SER A 1747 2.66 -6.04 -13.74
C SER A 1747 3.52 -6.56 -12.59
N PHE A 1748 2.94 -7.37 -11.70
CA PHE A 1748 3.70 -7.92 -10.60
C PHE A 1748 4.87 -8.76 -11.11
N LEU A 1749 4.63 -9.60 -12.11
CA LEU A 1749 5.69 -10.42 -12.66
C LEU A 1749 6.79 -9.57 -13.28
N VAL A 1750 6.42 -8.58 -14.08
CA VAL A 1750 7.39 -7.75 -14.76
C VAL A 1750 8.24 -6.99 -13.74
N VAL A 1751 7.59 -6.46 -12.71
CA VAL A 1751 8.35 -5.78 -11.65
C VAL A 1751 9.23 -6.76 -10.87
N VAL A 1752 8.82 -8.02 -10.75
CA VAL A 1752 9.68 -8.99 -10.07
C VAL A 1752 10.97 -9.20 -10.86
N ASN A 1753 10.86 -9.38 -12.17
CA ASN A 1753 12.09 -9.48 -12.97
C ASN A 1753 12.86 -8.16 -12.98
N MET A 1754 12.16 -7.03 -12.94
CA MET A 1754 12.85 -5.75 -12.87
C MET A 1754 13.69 -5.65 -11.59
N TYR A 1755 13.12 -6.10 -10.47
CA TYR A 1755 13.88 -6.17 -9.23
C TYR A 1755 15.05 -7.13 -9.35
N ILE A 1756 14.84 -8.28 -10.00
CA ILE A 1756 15.90 -9.28 -10.11
C ILE A 1756 17.09 -8.71 -10.86
N ALA A 1757 16.83 -7.99 -11.95
CA ALA A 1757 17.93 -7.45 -12.74
C ALA A 1757 18.81 -6.53 -11.90
N VAL A 1758 18.20 -5.56 -11.21
CA VAL A 1758 18.97 -4.64 -10.40
C VAL A 1758 19.63 -5.35 -9.23
N ILE A 1759 18.98 -6.35 -8.64
CA ILE A 1759 19.59 -7.07 -7.53
C ILE A 1759 20.83 -7.80 -7.99
N LEU A 1760 20.77 -8.46 -9.15
CA LEU A 1760 21.95 -9.14 -9.67
C LEU A 1760 23.06 -8.14 -10.01
N GLU A 1761 22.68 -7.00 -10.60
CA GLU A 1761 23.69 -5.99 -10.92
C GLU A 1761 24.37 -5.47 -9.66
N ASN A 1762 23.59 -5.24 -8.61
CA ASN A 1762 24.15 -4.83 -7.32
C ASN A 1762 25.05 -5.91 -6.76
N PHE A 1763 24.63 -7.17 -6.84
CA PHE A 1763 25.47 -8.27 -6.38
C PHE A 1763 26.82 -8.26 -7.07
N SER A 1764 26.83 -8.08 -8.39
CA SER A 1764 28.10 -8.03 -9.12
C SER A 1764 28.91 -6.79 -8.76
N VAL A 1765 28.25 -5.64 -8.58
CA VAL A 1765 28.97 -4.41 -8.31
C VAL A 1765 29.65 -4.47 -6.94
N ALA A 1766 28.91 -4.88 -5.92
CA ALA A 1766 29.44 -4.90 -4.55
C ALA A 1766 30.46 -6.00 -4.38
N GLY B 20 -19.51 9.81 -21.61
CA GLY B 20 -20.28 10.93 -21.01
C GLY B 20 -20.99 11.78 -22.05
N CYS B 21 -20.39 12.90 -22.42
CA CYS B 21 -20.89 13.75 -23.48
C CYS B 21 -19.77 14.15 -24.43
N VAL B 22 -20.15 14.35 -25.69
CA VAL B 22 -19.24 14.86 -26.72
C VAL B 22 -19.96 15.96 -27.46
N GLU B 23 -19.24 17.02 -27.81
CA GLU B 23 -19.82 18.19 -28.49
C GLU B 23 -19.49 18.05 -29.97
N VAL B 24 -20.49 17.65 -30.75
CA VAL B 24 -20.33 17.39 -32.18
C VAL B 24 -21.04 18.49 -32.95
N ASP B 25 -20.31 19.17 -33.83
CA ASP B 25 -20.93 20.16 -34.70
C ASP B 25 -21.77 19.46 -35.77
N SER B 26 -22.85 20.11 -36.16
CA SER B 26 -23.79 19.52 -37.10
C SER B 26 -23.23 19.56 -38.52
N GLU B 27 -24.02 19.07 -39.47
CA GLU B 27 -23.66 19.05 -40.87
C GLU B 27 -24.40 20.15 -41.61
N THR B 28 -24.02 20.37 -42.88
CA THR B 28 -24.46 21.53 -43.63
C THR B 28 -24.90 21.17 -45.05
N GLU B 29 -25.36 19.95 -45.28
CA GLU B 29 -25.63 19.49 -46.64
C GLU B 29 -27.02 18.88 -46.77
N ALA B 30 -28.04 19.55 -46.25
CA ALA B 30 -29.39 19.04 -46.37
C ALA B 30 -29.76 18.88 -47.85
N VAL B 31 -30.39 17.76 -48.19
CA VAL B 31 -30.67 17.39 -49.57
C VAL B 31 -32.17 17.48 -49.80
N TYR B 32 -32.56 18.21 -50.85
CA TYR B 32 -33.97 18.44 -51.12
C TYR B 32 -34.76 17.14 -51.07
N GLY B 33 -35.87 17.17 -50.35
CA GLY B 33 -36.78 16.04 -50.28
C GLY B 33 -36.42 15.00 -49.25
N MET B 34 -35.23 15.06 -48.66
CA MET B 34 -34.80 14.10 -47.67
C MET B 34 -34.96 14.69 -46.28
N THR B 35 -34.47 13.96 -45.28
CA THR B 35 -34.56 14.37 -43.89
C THR B 35 -33.19 14.85 -43.41
N PHE B 36 -33.19 15.82 -42.50
CA PHE B 36 -31.95 16.36 -41.95
C PHE B 36 -32.10 16.58 -40.46
N LYS B 37 -31.08 16.17 -39.71
CA LYS B 37 -31.02 16.31 -38.26
C LYS B 37 -30.02 17.39 -37.90
N ILE B 38 -30.47 18.42 -37.20
CA ILE B 38 -29.61 19.49 -36.72
C ILE B 38 -29.33 19.23 -35.26
N LEU B 39 -28.06 19.01 -34.91
CA LEU B 39 -27.68 18.64 -33.55
C LEU B 39 -26.98 19.81 -32.88
N CYS B 40 -27.65 20.39 -31.88
CA CYS B 40 -27.06 21.36 -30.97
C CYS B 40 -26.85 20.67 -29.64
N ILE B 41 -25.61 20.26 -29.37
CA ILE B 41 -25.26 19.56 -28.15
C ILE B 41 -24.46 20.50 -27.27
N SER B 42 -25.00 20.85 -26.10
CA SER B 42 -24.31 21.66 -25.11
C SER B 42 -24.33 20.90 -23.79
N CYS B 43 -23.16 20.68 -23.21
CA CYS B 43 -23.02 19.85 -22.02
C CYS B 43 -22.28 20.60 -20.92
N LYS B 44 -22.50 20.14 -19.69
CA LYS B 44 -21.98 20.81 -18.52
C LYS B 44 -20.49 20.50 -18.35
N ARG B 45 -19.80 21.40 -17.64
CA ARG B 45 -18.40 21.18 -17.32
C ARG B 45 -18.20 20.11 -16.26
N ARG B 46 -19.24 19.79 -15.49
CA ARG B 46 -19.20 18.69 -14.53
C ARG B 46 -20.50 17.92 -14.66
N SER B 47 -20.40 16.64 -15.00
CA SER B 47 -21.58 15.85 -15.34
C SER B 47 -22.42 15.47 -14.13
N GLU B 48 -21.87 15.52 -12.92
CA GLU B 48 -22.62 15.17 -11.73
C GLU B 48 -23.60 16.26 -11.30
N THR B 49 -23.57 17.41 -11.95
CA THR B 49 -24.41 18.53 -11.57
C THR B 49 -25.87 18.27 -11.93
N ASN B 50 -26.77 18.94 -11.22
CA ASN B 50 -28.20 18.89 -11.49
C ASN B 50 -28.63 20.21 -12.12
N ALA B 51 -29.30 20.13 -13.27
CA ALA B 51 -29.71 21.31 -14.01
C ALA B 51 -31.13 21.15 -14.51
N GLU B 52 -31.69 22.26 -15.00
CA GLU B 52 -33.01 22.28 -15.63
C GLU B 52 -32.91 23.13 -16.88
N THR B 53 -32.85 22.48 -18.04
CA THR B 53 -32.48 23.12 -19.29
C THR B 53 -33.67 23.16 -20.24
N PHE B 54 -33.82 24.30 -20.93
CA PHE B 54 -34.74 24.43 -22.06
C PHE B 54 -34.01 25.19 -23.16
N THR B 55 -34.60 25.18 -24.36
CA THR B 55 -33.92 25.67 -25.54
C THR B 55 -34.85 26.48 -26.41
N GLU B 56 -34.26 27.29 -27.30
CA GLU B 56 -34.98 28.02 -28.31
C GLU B 56 -34.17 28.02 -29.60
N TRP B 57 -34.85 27.83 -30.72
CA TRP B 57 -34.23 27.83 -32.04
C TRP B 57 -34.76 29.02 -32.84
N THR B 58 -33.84 29.75 -33.46
CA THR B 58 -34.20 30.85 -34.35
C THR B 58 -33.46 30.67 -35.66
N PHE B 59 -34.10 31.09 -36.76
CA PHE B 59 -33.64 30.78 -38.10
C PHE B 59 -33.72 32.03 -38.96
N ARG B 60 -32.66 32.27 -39.74
CA ARG B 60 -32.57 33.43 -40.63
C ARG B 60 -32.17 32.95 -42.02
N GLN B 61 -33.10 33.06 -42.97
CA GLN B 61 -32.87 32.53 -44.30
C GLN B 61 -31.67 33.21 -44.96
N LYS B 62 -31.26 32.65 -46.10
CA LYS B 62 -30.18 33.25 -46.87
C LYS B 62 -30.56 34.65 -47.35
N GLY B 63 -31.86 34.91 -47.51
CA GLY B 63 -32.32 36.17 -48.04
C GLY B 63 -33.12 37.01 -47.06
N THR B 64 -32.68 37.03 -45.79
CA THR B 64 -33.36 37.81 -44.77
C THR B 64 -32.33 38.32 -43.78
N GLU B 65 -32.72 39.34 -43.01
CA GLU B 65 -31.82 40.04 -42.12
C GLU B 65 -31.92 39.57 -40.67
N GLU B 66 -33.12 39.51 -40.10
CA GLU B 66 -33.30 39.25 -38.68
C GLU B 66 -33.64 37.79 -38.44
N PHE B 67 -33.15 37.26 -37.32
CA PHE B 67 -33.52 35.92 -36.88
C PHE B 67 -34.92 35.93 -36.28
N VAL B 68 -35.68 34.88 -36.55
CA VAL B 68 -37.03 34.73 -36.02
C VAL B 68 -37.07 33.46 -35.19
N LYS B 69 -37.94 33.42 -34.19
CA LYS B 69 -38.09 32.23 -33.37
C LYS B 69 -39.01 31.23 -34.06
N ILE B 70 -38.61 29.96 -34.05
CA ILE B 70 -39.31 28.91 -34.76
C ILE B 70 -39.87 27.86 -33.81
N LEU B 71 -39.16 27.50 -32.75
CA LEU B 71 -39.65 26.50 -31.82
C LEU B 71 -39.08 26.75 -30.43
N ARG B 72 -39.77 26.22 -29.42
CA ARG B 72 -39.37 26.31 -28.02
C ARG B 72 -39.72 24.99 -27.33
N TYR B 73 -38.74 24.42 -26.63
CA TYR B 73 -38.89 23.11 -26.00
C TYR B 73 -38.56 23.25 -24.52
N GLU B 74 -39.56 23.03 -23.67
CA GLU B 74 -39.38 23.13 -22.22
C GLU B 74 -40.28 22.13 -21.54
N ASN B 75 -39.73 21.41 -20.56
CA ASN B 75 -40.50 20.45 -19.76
C ASN B 75 -41.18 19.40 -20.64
N GLU B 76 -40.40 18.87 -21.59
CA GLU B 76 -40.82 17.73 -22.39
C GLU B 76 -42.05 18.03 -23.25
N VAL B 77 -42.19 19.27 -23.70
CA VAL B 77 -43.24 19.64 -24.64
C VAL B 77 -42.62 20.55 -25.70
N LEU B 78 -42.87 20.22 -26.97
CA LEU B 78 -42.38 21.01 -28.09
C LEU B 78 -43.46 21.98 -28.54
N GLN B 79 -43.09 23.23 -28.75
CA GLN B 79 -44.01 24.27 -29.18
C GLN B 79 -43.41 24.97 -30.39
N LEU B 80 -43.99 24.73 -31.56
CA LEU B 80 -43.57 25.40 -32.78
C LEU B 80 -44.35 26.70 -32.95
N GLU B 81 -43.66 27.74 -33.38
CA GLU B 81 -44.33 29.00 -33.67
C GLU B 81 -45.14 28.87 -34.95
N GLU B 82 -46.04 29.83 -35.17
CA GLU B 82 -46.92 29.82 -36.34
C GLU B 82 -46.09 30.18 -37.57
N ASP B 83 -45.28 29.22 -38.01
CA ASP B 83 -44.34 29.42 -39.11
C ASP B 83 -44.66 28.46 -40.24
N GLU B 84 -44.83 29.01 -41.44
CA GLU B 84 -45.23 28.23 -42.60
C GLU B 84 -44.12 27.37 -43.17
N ARG B 85 -42.85 27.75 -42.97
CA ARG B 85 -41.74 26.98 -43.49
C ARG B 85 -41.37 25.79 -42.60
N PHE B 86 -41.99 25.69 -41.42
CA PHE B 86 -41.70 24.57 -40.52
C PHE B 86 -42.97 23.96 -39.93
N GLU B 87 -44.15 24.40 -40.36
CA GLU B 87 -45.40 23.81 -39.87
C GLU B 87 -45.42 22.31 -40.16
N GLY B 88 -45.42 21.50 -39.11
CA GLY B 88 -45.51 20.05 -39.29
C GLY B 88 -44.37 19.47 -40.09
N ARG B 89 -43.18 20.01 -39.95
CA ARG B 89 -42.00 19.48 -40.63
C ARG B 89 -40.77 19.40 -39.75
N VAL B 90 -40.86 19.74 -38.47
CA VAL B 90 -39.77 19.58 -37.51
C VAL B 90 -40.31 18.88 -36.28
N VAL B 91 -39.58 17.87 -35.82
CA VAL B 91 -39.95 17.12 -34.62
C VAL B 91 -38.74 17.03 -33.71
N TRP B 92 -39.00 16.91 -32.42
CA TRP B 92 -37.92 16.85 -31.43
C TRP B 92 -37.11 15.58 -31.64
N ASN B 93 -35.79 15.72 -31.65
CA ASN B 93 -34.88 14.58 -31.65
C ASN B 93 -33.70 14.86 -30.73
N GLY B 94 -33.98 15.43 -29.57
CA GLY B 94 -32.98 15.67 -28.54
C GLY B 94 -33.13 14.73 -27.37
N SER B 95 -32.59 15.17 -26.23
CA SER B 95 -32.70 14.37 -25.02
C SER B 95 -34.16 14.22 -24.61
N ARG B 96 -34.50 13.06 -24.07
CA ARG B 96 -35.87 12.71 -23.74
C ARG B 96 -35.94 12.10 -22.36
N GLY B 97 -37.11 12.24 -21.73
CA GLY B 97 -37.35 11.64 -20.43
C GLY B 97 -36.81 12.40 -19.25
N THR B 98 -36.17 13.54 -19.47
CA THR B 98 -35.49 14.28 -18.41
C THR B 98 -35.81 15.77 -18.54
N LYS B 99 -35.72 16.46 -17.40
CA LYS B 99 -35.77 17.92 -17.40
C LYS B 99 -34.41 18.55 -17.64
N ASP B 100 -33.34 17.76 -17.57
CA ASP B 100 -31.99 18.22 -17.87
C ASP B 100 -31.61 17.76 -19.26
N LEU B 101 -31.41 18.70 -20.17
CA LEU B 101 -31.17 18.41 -21.58
C LEU B 101 -29.73 18.74 -21.93
N GLN B 102 -29.02 17.75 -22.47
CA GLN B 102 -27.67 17.96 -22.98
C GLN B 102 -27.58 17.69 -24.47
N ASP B 103 -28.70 17.62 -25.18
CA ASP B 103 -28.73 17.40 -26.61
C ASP B 103 -30.00 18.03 -27.14
N LEU B 104 -29.87 19.23 -27.72
CA LEU B 104 -31.01 20.02 -28.18
C LEU B 104 -31.26 19.84 -29.67
N SER B 105 -30.99 18.65 -30.19
CA SER B 105 -31.16 18.39 -31.61
C SER B 105 -32.60 18.65 -32.04
N ILE B 106 -32.80 18.82 -33.35
CA ILE B 106 -34.12 18.76 -33.96
C ILE B 106 -34.00 18.04 -35.30
N PHE B 107 -35.14 17.61 -35.82
CA PHE B 107 -35.21 16.82 -37.04
C PHE B 107 -36.10 17.53 -38.05
N ILE B 108 -35.69 17.51 -39.31
CA ILE B 108 -36.52 17.97 -40.42
C ILE B 108 -36.91 16.75 -41.24
N THR B 109 -38.22 16.55 -41.43
CA THR B 109 -38.72 15.36 -42.09
C THR B 109 -38.85 15.52 -43.60
N ASN B 110 -38.83 16.75 -44.11
CA ASN B 110 -38.90 16.99 -45.55
C ASN B 110 -38.14 18.28 -45.84
N VAL B 111 -36.88 18.16 -46.23
CA VAL B 111 -36.04 19.32 -46.48
C VAL B 111 -36.54 20.05 -47.71
N THR B 112 -36.41 21.36 -47.71
CA THR B 112 -36.78 22.21 -48.84
C THR B 112 -35.70 23.27 -49.05
N TYR B 113 -36.00 24.25 -49.90
CA TYR B 113 -35.06 25.33 -50.16
C TYR B 113 -35.25 26.53 -49.25
N ASN B 114 -36.38 26.61 -48.54
CA ASN B 114 -36.55 27.62 -47.51
C ASN B 114 -35.85 27.25 -46.21
N HIS B 115 -35.33 26.03 -46.10
CA HIS B 115 -34.55 25.60 -44.96
C HIS B 115 -33.06 25.85 -45.16
N SER B 116 -32.71 26.80 -46.01
CA SER B 116 -31.34 27.24 -46.18
C SER B 116 -31.14 28.57 -45.47
N GLY B 117 -30.23 28.60 -44.51
CA GLY B 117 -30.03 29.78 -43.70
C GLY B 117 -29.16 29.46 -42.51
N ASP B 118 -29.25 30.31 -41.49
CA ASP B 118 -28.42 30.22 -40.29
C ASP B 118 -29.33 30.03 -39.08
N TYR B 119 -29.05 28.99 -38.30
CA TYR B 119 -29.84 28.65 -37.13
C TYR B 119 -29.11 29.07 -35.87
N GLU B 120 -29.87 29.55 -34.89
CA GLU B 120 -29.36 29.80 -33.55
C GLU B 120 -30.00 28.83 -32.58
N CYS B 121 -29.21 28.27 -31.68
CA CYS B 121 -29.70 27.35 -30.65
C CYS B 121 -29.36 27.96 -29.29
N HIS B 122 -30.32 28.67 -28.71
CA HIS B 122 -30.17 29.26 -27.39
C HIS B 122 -30.57 28.22 -26.35
N VAL B 123 -29.63 27.84 -25.50
CA VAL B 123 -29.89 26.88 -24.42
C VAL B 123 -29.68 27.59 -23.10
N TYR B 124 -30.69 27.55 -22.25
CA TYR B 124 -30.67 28.21 -20.94
C TYR B 124 -30.64 27.14 -19.85
N ARG B 125 -29.62 27.20 -19.00
CA ARG B 125 -29.41 26.20 -17.96
C ARG B 125 -29.52 26.83 -16.59
N LEU B 126 -30.29 26.19 -15.71
CA LEU B 126 -30.44 26.61 -14.31
C LEU B 126 -29.88 25.50 -13.43
N LEU B 127 -28.65 25.70 -12.95
CA LEU B 127 -27.95 24.70 -12.16
C LEU B 127 -28.31 24.88 -10.69
N PHE B 128 -28.53 23.77 -9.99
CA PHE B 128 -28.90 23.78 -8.59
C PHE B 128 -27.74 23.24 -7.76
N PHE B 129 -27.15 24.09 -6.94
CA PHE B 129 -26.12 23.70 -5.99
C PHE B 129 -26.63 23.92 -4.57
N GLU B 130 -25.76 23.71 -3.60
CA GLU B 130 -26.11 23.91 -2.20
C GLU B 130 -26.34 25.39 -1.90
N ASN B 131 -27.60 25.77 -1.68
CA ASN B 131 -27.96 27.17 -1.39
C ASN B 131 -27.41 28.10 -2.45
N TYR B 132 -27.59 27.70 -3.72
CA TYR B 132 -27.06 28.44 -4.85
C TYR B 132 -27.84 28.02 -6.08
N GLU B 133 -28.18 29.01 -6.92
CA GLU B 133 -29.00 28.77 -8.12
C GLU B 133 -28.42 29.63 -9.24
N HIS B 134 -27.62 29.01 -10.11
CA HIS B 134 -26.91 29.71 -11.17
C HIS B 134 -27.68 29.61 -12.47
N ASN B 135 -27.89 30.74 -13.13
CA ASN B 135 -28.58 30.82 -14.40
C ASN B 135 -27.59 31.22 -15.48
N THR B 136 -27.33 30.32 -16.43
CA THR B 136 -26.35 30.55 -17.47
C THR B 136 -27.02 30.40 -18.84
N SER B 137 -26.25 30.68 -19.89
CA SER B 137 -26.77 30.63 -21.25
C SER B 137 -25.65 30.32 -22.22
N VAL B 138 -26.00 29.60 -23.30
CA VAL B 138 -25.07 29.30 -24.38
C VAL B 138 -25.80 29.56 -25.69
N VAL B 139 -25.04 29.80 -26.76
CA VAL B 139 -25.58 30.01 -28.09
C VAL B 139 -24.75 29.20 -29.08
N LYS B 140 -25.42 28.52 -30.00
CA LYS B 140 -24.76 27.71 -31.01
C LYS B 140 -25.28 28.11 -32.38
N LYS B 141 -24.36 28.40 -33.30
CA LYS B 141 -24.69 28.87 -34.64
C LYS B 141 -24.51 27.74 -35.62
N ILE B 142 -25.52 27.49 -36.44
CA ILE B 142 -25.52 26.40 -37.41
C ILE B 142 -25.91 26.97 -38.76
N HIS B 143 -25.05 26.78 -39.76
CA HIS B 143 -25.31 27.23 -41.12
C HIS B 143 -25.62 26.03 -41.99
N ILE B 144 -26.70 26.12 -42.76
CA ILE B 144 -27.19 25.02 -43.58
C ILE B 144 -27.38 25.51 -45.01
N GLU B 145 -26.71 24.85 -45.96
CA GLU B 145 -26.91 25.09 -47.38
C GLU B 145 -27.54 23.86 -47.99
N VAL B 146 -28.69 24.04 -48.63
CA VAL B 146 -29.46 22.92 -49.18
C VAL B 146 -29.00 22.66 -50.61
N VAL B 147 -28.84 21.38 -50.94
CA VAL B 147 -28.47 20.96 -52.28
C VAL B 147 -29.49 19.95 -52.77
N ASP B 148 -29.31 19.43 -53.98
CA ASP B 148 -30.15 18.37 -54.52
C ASP B 148 -29.42 17.04 -54.59
N LYS B 149 -28.11 17.05 -54.84
CA LYS B 149 -27.29 15.85 -54.82
C LYS B 149 -26.18 16.05 -53.81
N ALA B 150 -26.12 15.15 -52.82
CA ALA B 150 -25.10 15.23 -51.77
C ALA B 150 -23.73 14.99 -52.40
N ASN B 151 -22.91 16.03 -52.45
CA ASN B 151 -21.58 15.91 -53.03
C ASN B 151 -20.62 15.33 -52.00
N ARG B 152 -19.78 14.40 -52.45
CA ARG B 152 -18.80 13.80 -51.56
C ARG B 152 -17.79 14.85 -51.11
N ASP B 153 -17.27 14.69 -49.89
CA ASP B 153 -16.40 15.71 -49.33
C ASP B 153 -14.96 15.51 -49.76
N MET B 154 -14.24 16.64 -49.83
CA MET B 154 -12.85 16.63 -50.25
C MET B 154 -12.04 15.65 -49.43
N ALA B 155 -12.31 15.56 -48.12
CA ALA B 155 -11.54 14.67 -47.27
C ALA B 155 -11.62 13.23 -47.76
N SER B 156 -12.85 12.73 -47.94
CA SER B 156 -13.01 11.33 -48.34
C SER B 156 -12.47 11.11 -49.76
N ILE B 157 -12.76 12.04 -50.68
CA ILE B 157 -12.32 11.84 -52.05
C ILE B 157 -10.80 11.77 -52.12
N VAL B 158 -10.13 12.73 -51.47
CA VAL B 158 -8.68 12.79 -51.49
C VAL B 158 -8.09 11.57 -50.79
N SER B 159 -8.70 11.15 -49.67
CA SER B 159 -8.18 10.00 -48.94
C SER B 159 -8.28 8.74 -49.79
N GLU B 160 -9.40 8.54 -50.48
CA GLU B 160 -9.53 7.35 -51.33
C GLU B 160 -8.54 7.39 -52.47
N ILE B 161 -8.40 8.54 -53.13
CA ILE B 161 -7.43 8.63 -54.23
C ILE B 161 -6.04 8.34 -53.72
N MET B 162 -5.68 8.87 -52.55
CA MET B 162 -4.34 8.68 -52.02
C MET B 162 -4.11 7.22 -51.63
N MET B 163 -5.12 6.57 -51.06
CA MET B 163 -4.95 5.15 -50.72
C MET B 163 -4.73 4.33 -51.98
N TYR B 164 -5.49 4.61 -53.04
CA TYR B 164 -5.33 3.84 -54.26
C TYR B 164 -3.97 4.08 -54.90
N VAL B 165 -3.52 5.34 -54.93
CA VAL B 165 -2.22 5.62 -55.54
C VAL B 165 -1.11 5.02 -54.70
N LEU B 166 -1.24 5.02 -53.37
CA LEU B 166 -0.23 4.41 -52.53
C LEU B 166 -0.17 2.91 -52.74
N ILE B 167 -1.32 2.24 -52.84
CA ILE B 167 -1.32 0.81 -53.13
C ILE B 167 -0.66 0.54 -54.48
N VAL B 168 -0.97 1.36 -55.48
CA VAL B 168 -0.43 1.14 -56.82
C VAL B 168 1.08 1.29 -56.80
N VAL B 169 1.59 2.35 -56.16
CA VAL B 169 3.02 2.59 -56.14
C VAL B 169 3.74 1.51 -55.34
N LEU B 170 3.15 1.06 -54.23
CA LEU B 170 3.75 -0.01 -53.47
C LEU B 170 3.84 -1.29 -54.31
N THR B 171 2.76 -1.62 -55.02
CA THR B 171 2.79 -2.80 -55.87
C THR B 171 3.84 -2.67 -56.97
N ILE B 172 3.94 -1.48 -57.58
CA ILE B 172 4.92 -1.27 -58.64
C ILE B 172 6.34 -1.47 -58.10
N TRP B 173 6.63 -0.87 -56.94
CA TRP B 173 7.94 -1.04 -56.34
C TRP B 173 8.22 -2.51 -56.04
N LEU B 174 7.23 -3.21 -55.49
CA LEU B 174 7.44 -4.61 -55.13
C LEU B 174 7.75 -5.45 -56.37
N VAL B 175 6.96 -5.28 -57.43
CA VAL B 175 7.18 -6.08 -58.64
C VAL B 175 8.50 -5.72 -59.30
N ALA B 176 8.86 -4.44 -59.31
CA ALA B 176 10.17 -4.06 -59.86
C ALA B 176 11.29 -4.75 -59.11
N GLU B 177 11.21 -4.75 -57.78
CA GLU B 177 12.25 -5.41 -56.99
C GLU B 177 12.25 -6.92 -57.21
N MET B 178 11.08 -7.54 -57.37
CA MET B 178 11.04 -8.97 -57.65
C MET B 178 11.74 -9.29 -58.96
N ILE B 179 11.45 -8.53 -60.02
CA ILE B 179 12.07 -8.84 -61.31
C ILE B 179 13.57 -8.59 -61.23
N TYR B 180 13.99 -7.51 -60.55
CA TYR B 180 15.41 -7.24 -60.40
C TYR B 180 16.10 -8.38 -59.67
N CYS B 181 15.50 -8.86 -58.58
CA CYS B 181 16.11 -9.94 -57.81
C CYS B 181 16.14 -11.25 -58.60
N TYR B 182 15.08 -11.53 -59.36
CA TYR B 182 15.08 -12.74 -60.19
C TYR B 182 16.23 -12.70 -61.18
N LYS B 183 16.41 -11.57 -61.86
CA LYS B 183 17.53 -11.47 -62.79
C LYS B 183 18.86 -11.60 -62.05
N LYS B 184 18.98 -10.97 -60.88
CA LYS B 184 20.21 -11.04 -60.11
C LYS B 184 20.57 -12.49 -59.77
N ILE B 185 19.62 -13.23 -59.21
CA ILE B 185 19.92 -14.59 -58.77
C ILE B 185 20.10 -15.52 -59.95
N ALA B 186 19.38 -15.30 -61.05
CA ALA B 186 19.61 -16.11 -62.24
C ALA B 186 21.02 -15.89 -62.76
N ALA B 187 21.47 -14.64 -62.79
CA ALA B 187 22.84 -14.35 -63.22
C ALA B 187 23.85 -15.00 -62.29
N ALA B 188 23.61 -14.91 -60.97
CA ALA B 188 24.53 -15.52 -60.02
C ALA B 188 24.61 -17.03 -60.20
N THR B 189 23.45 -17.68 -60.35
CA THR B 189 23.42 -19.12 -60.52
C THR B 189 24.14 -19.53 -61.80
N GLU B 190 23.90 -18.80 -62.91
CA GLU B 190 24.59 -19.13 -64.15
C GLU B 190 26.09 -18.90 -64.04
N THR B 191 26.51 -17.85 -63.33
CA THR B 191 27.93 -17.61 -63.14
C THR B 191 28.57 -18.75 -62.34
N ALA B 192 27.90 -19.20 -61.29
CA ALA B 192 28.42 -20.29 -60.48
C ALA B 192 27.81 -21.63 -60.90
N MET C 30 -16.07 14.59 30.36
CA MET C 30 -16.20 16.05 30.68
C MET C 30 -15.81 16.30 32.13
N GLU C 31 -14.56 16.67 32.36
CA GLU C 31 -14.03 16.84 33.70
C GLU C 31 -14.29 18.26 34.19
N VAL C 32 -14.91 18.38 35.36
CA VAL C 32 -15.16 19.65 36.01
C VAL C 32 -14.48 19.61 37.37
N THR C 33 -13.58 20.57 37.62
CA THR C 33 -12.85 20.66 38.87
C THR C 33 -13.51 21.72 39.75
N VAL C 34 -14.04 21.31 40.89
CA VAL C 34 -14.66 22.24 41.83
C VAL C 34 -14.29 21.85 43.24
N PRO C 35 -14.25 22.83 44.14
CA PRO C 35 -14.01 22.52 45.56
C PRO C 35 -15.25 21.89 46.19
N ALA C 36 -15.01 20.87 47.02
CA ALA C 36 -16.13 20.19 47.67
C ALA C 36 -16.88 21.14 48.60
N THR C 37 -16.17 21.96 49.36
CA THR C 37 -16.78 22.89 50.28
C THR C 37 -15.83 24.08 50.48
N LEU C 38 -16.40 25.28 50.49
CA LEU C 38 -15.63 26.50 50.67
C LEU C 38 -16.25 27.32 51.79
N ASN C 39 -15.42 27.78 52.72
CA ASN C 39 -15.87 28.60 53.84
C ASN C 39 -15.44 30.04 53.60
N VAL C 40 -16.40 30.96 53.67
CA VAL C 40 -16.17 32.37 53.40
C VAL C 40 -16.66 33.18 54.59
N LEU C 41 -15.83 34.09 55.06
CA LEU C 41 -16.20 34.95 56.19
C LEU C 41 -17.33 35.88 55.79
N ASN C 42 -18.21 36.16 56.74
CA ASN C 42 -19.36 37.04 56.48
C ASN C 42 -18.88 38.42 56.05
N GLY C 43 -19.51 38.95 55.01
CA GLY C 43 -19.19 40.28 54.52
C GLY C 43 -18.01 40.35 53.58
N SER C 44 -17.34 39.22 53.30
CA SER C 44 -16.20 39.20 52.42
CA SER C 44 -16.19 39.19 52.42
C SER C 44 -16.63 38.73 51.03
N ASP C 45 -15.65 38.55 50.14
CA ASP C 45 -15.91 38.15 48.77
C ASP C 45 -15.68 36.66 48.61
N ALA C 46 -16.56 36.00 47.85
CA ALA C 46 -16.52 34.56 47.64
C ALA C 46 -16.37 34.26 46.15
N ARG C 47 -15.21 33.72 45.77
CA ARG C 47 -14.92 33.33 44.39
C ARG C 47 -15.05 31.82 44.30
N LEU C 48 -16.11 31.35 43.64
CA LEU C 48 -16.37 29.92 43.54
C LEU C 48 -15.81 29.42 42.21
N PRO C 49 -14.78 28.57 42.21
CA PRO C 49 -14.20 28.13 40.93
C PRO C 49 -15.03 27.04 40.27
N CYS C 50 -15.39 27.27 39.00
CA CYS C 50 -16.01 26.25 38.16
C CYS C 50 -15.22 26.22 36.84
N THR C 51 -14.21 25.36 36.78
CA THR C 51 -13.38 25.21 35.60
C THR C 51 -13.61 23.86 34.95
N PHE C 52 -13.44 23.81 33.63
CA PHE C 52 -13.72 22.61 32.85
C PHE C 52 -12.64 22.44 31.78
N ASN C 53 -12.62 21.25 31.18
CA ASN C 53 -11.66 20.90 30.15
C ASN C 53 -12.38 20.19 29.02
N SER C 54 -12.20 20.69 27.80
CA SER C 54 -12.80 20.12 26.62
C SER C 54 -11.80 20.21 25.49
N CYS C 55 -11.68 19.17 24.67
CA CYS C 55 -10.78 19.28 23.53
C CYS C 55 -11.18 20.38 22.56
N TYR C 56 -12.48 20.63 22.45
CA TYR C 56 -12.99 21.47 21.38
C TYR C 56 -12.84 22.94 21.73
N THR C 57 -12.54 23.74 20.72
CA THR C 57 -12.42 25.18 20.92
C THR C 57 -13.72 25.76 21.45
N VAL C 58 -13.60 26.67 22.41
CA VAL C 58 -14.77 27.32 23.01
C VAL C 58 -15.20 28.45 22.09
N ASN C 59 -16.44 28.37 21.60
CA ASN C 59 -17.00 29.40 20.74
C ASN C 59 -18.31 29.89 21.34
N HIS C 60 -18.43 31.22 21.45
CA HIS C 60 -19.54 31.83 22.17
C HIS C 60 -20.86 31.70 21.43
N LYS C 61 -20.85 31.39 20.13
CA LYS C 61 -22.10 31.26 19.39
C LYS C 61 -22.99 30.17 19.97
N GLN C 62 -22.38 29.13 20.54
CA GLN C 62 -23.14 27.97 21.00
C GLN C 62 -22.73 27.47 22.38
N PHE C 63 -21.79 28.13 23.06
CA PHE C 63 -21.46 27.77 24.43
C PHE C 63 -22.64 28.09 25.35
N SER C 64 -22.92 27.18 26.28
CA SER C 64 -24.04 27.32 27.20
C SER C 64 -23.58 27.07 28.63
N LEU C 65 -24.05 27.90 29.55
CA LEU C 65 -23.70 27.82 30.96
C LEU C 65 -24.91 28.21 31.80
N ASN C 66 -25.21 27.40 32.82
CA ASN C 66 -26.26 27.71 33.77
C ASN C 66 -25.70 27.60 35.19
N TRP C 67 -25.86 28.66 35.96
CA TRP C 67 -25.47 28.72 37.36
C TRP C 67 -26.74 28.70 38.21
N THR C 68 -26.85 27.74 39.11
CA THR C 68 -28.06 27.55 39.91
C THR C 68 -27.72 27.50 41.39
N TYR C 69 -28.68 27.95 42.21
CA TYR C 69 -28.54 28.01 43.66
C TYR C 69 -29.71 27.28 44.31
N GLN C 70 -29.41 26.52 45.36
CA GLN C 70 -30.42 25.85 46.17
C GLN C 70 -30.03 25.94 47.64
N GLU C 71 -31.03 25.93 48.51
CA GLU C 71 -30.78 25.95 49.95
C GLU C 71 -30.28 24.61 50.45
N CYS C 72 -30.65 23.51 49.78
CA CYS C 72 -30.27 22.17 50.18
C CYS C 72 -30.20 21.30 48.95
N ASN C 73 -29.77 20.04 49.14
CA ASN C 73 -29.66 19.13 48.02
C ASN C 73 -31.03 18.86 47.39
N ASN C 74 -32.05 18.69 48.22
CA ASN C 74 -33.41 18.41 47.74
C ASN C 74 -34.20 19.69 47.49
N CYS C 75 -33.69 20.86 47.84
CA CYS C 75 -34.43 22.10 47.66
C CYS C 75 -34.42 22.52 46.20
N SER C 76 -35.28 23.49 45.88
CA SER C 76 -35.39 23.99 44.52
C SER C 76 -34.15 24.80 44.15
N GLU C 77 -33.89 24.89 42.86
CA GLU C 77 -32.74 25.60 42.32
C GLU C 77 -33.15 26.96 41.75
N GLU C 78 -32.27 27.94 41.91
CA GLU C 78 -32.55 29.32 41.52
C GLU C 78 -31.65 29.70 40.34
N MET C 79 -32.26 30.21 39.27
CA MET C 79 -31.56 30.57 38.05
C MET C 79 -31.20 32.04 38.14
N PHE C 80 -29.92 32.34 38.39
CA PHE C 80 -29.51 33.75 38.53
C PHE C 80 -28.49 34.19 37.49
N LEU C 81 -27.53 33.35 37.13
CA LEU C 81 -26.49 33.72 36.17
C LEU C 81 -26.49 32.72 35.03
N GLN C 82 -26.64 33.22 33.80
CA GLN C 82 -26.73 32.37 32.62
C GLN C 82 -25.81 32.89 31.53
N PHE C 83 -25.54 32.03 30.55
CA PHE C 83 -24.72 32.38 29.38
C PHE C 83 -25.30 31.64 28.19
N ARG C 84 -26.16 32.30 27.43
CA ARG C 84 -26.65 31.76 26.16
C ARG C 84 -25.82 32.28 25.00
N MET C 85 -25.71 33.60 24.85
CA MET C 85 -24.77 34.23 23.94
C MET C 85 -23.73 35.02 24.71
N LYS C 86 -24.15 35.99 25.52
CA LYS C 86 -23.28 36.76 26.38
C LYS C 86 -23.63 36.47 27.84
N ILE C 87 -22.94 37.15 28.75
CA ILE C 87 -23.20 36.98 30.18
C ILE C 87 -24.52 37.67 30.52
N ILE C 88 -25.45 36.92 31.12
CA ILE C 88 -26.76 37.43 31.49
C ILE C 88 -26.94 37.21 32.99
N ASN C 89 -27.28 38.28 33.69
CA ASN C 89 -27.53 38.23 35.13
C ASN C 89 -29.02 38.49 35.37
N LEU C 90 -29.69 37.53 36.02
CA LEU C 90 -31.11 37.68 36.30
C LEU C 90 -31.35 38.59 37.50
N LYS C 91 -30.33 38.88 38.30
CA LYS C 91 -30.44 39.78 39.44
C LYS C 91 -31.59 39.36 40.36
N LEU C 92 -31.48 38.15 40.88
CA LEU C 92 -32.51 37.63 41.78
C LEU C 92 -32.58 38.45 43.05
N GLU C 93 -33.77 38.49 43.65
CA GLU C 93 -34.00 39.34 44.81
C GLU C 93 -33.14 38.92 45.99
N ARG C 94 -32.75 37.64 46.06
CA ARG C 94 -32.04 37.14 47.23
C ARG C 94 -30.56 37.52 47.20
N PHE C 95 -29.97 37.67 46.01
CA PHE C 95 -28.61 38.20 45.84
C PHE C 95 -28.55 39.67 45.47
N GLN C 96 -29.68 40.32 45.22
CA GLN C 96 -29.72 41.76 44.85
C GLN C 96 -28.80 41.97 43.63
N ASP C 97 -27.67 42.68 43.77
CA ASP C 97 -26.74 42.93 42.68
C ASP C 97 -25.31 42.63 43.11
N ARG C 98 -25.15 41.63 43.98
CA ARG C 98 -23.85 41.28 44.52
C ARG C 98 -23.15 40.16 43.76
N VAL C 99 -23.73 39.70 42.65
CA VAL C 99 -23.19 38.59 41.87
C VAL C 99 -22.73 39.14 40.52
N GLU C 100 -21.49 38.83 40.16
CA GLU C 100 -20.92 39.24 38.88
C GLU C 100 -20.09 38.09 38.32
N PHE C 101 -19.59 38.28 37.10
CA PHE C 101 -18.80 37.27 36.40
C PHE C 101 -17.32 37.59 36.54
N SER C 102 -16.53 36.57 36.88
CA SER C 102 -15.07 36.71 36.99
C SER C 102 -14.37 35.52 36.36
N GLY C 103 -14.84 35.09 35.18
CA GLY C 103 -14.22 33.98 34.48
C GLY C 103 -13.99 34.28 33.01
N ASN C 104 -13.53 33.29 32.26
CA ASN C 104 -13.33 33.45 30.82
C ASN C 104 -13.62 32.15 30.09
N PRO C 105 -14.67 32.08 29.28
CA PRO C 105 -14.95 30.84 28.54
C PRO C 105 -13.79 30.37 27.69
N SER C 106 -13.06 31.29 27.05
CA SER C 106 -11.92 30.89 26.22
CA SER C 106 -11.92 30.89 26.22
C SER C 106 -10.82 30.24 27.04
N LYS C 107 -10.59 30.71 28.26
CA LYS C 107 -9.61 30.10 29.15
C LYS C 107 -10.20 28.96 29.97
N TYR C 108 -11.48 28.65 29.75
CA TYR C 108 -12.12 27.48 30.36
C TYR C 108 -12.30 27.68 31.86
N ASP C 109 -12.62 28.91 32.26
CA ASP C 109 -12.93 29.22 33.66
C ASP C 109 -14.13 30.14 33.67
N VAL C 110 -15.25 29.67 34.24
CA VAL C 110 -16.50 30.43 34.26
C VAL C 110 -16.85 30.78 35.69
N SER C 111 -15.83 30.96 36.53
CA SER C 111 -16.07 31.31 37.92
CA SER C 111 -16.07 31.31 37.92
C SER C 111 -16.70 32.69 38.02
N VAL C 112 -17.52 32.87 39.06
CA VAL C 112 -18.24 34.12 39.29
C VAL C 112 -17.72 34.76 40.57
N MET C 113 -18.13 36.02 40.77
CA MET C 113 -17.68 36.84 41.89
C MET C 113 -18.89 37.24 42.73
N LEU C 114 -18.90 36.82 43.99
CA LEU C 114 -19.95 37.20 44.94
C LEU C 114 -19.34 38.10 46.01
N ARG C 115 -19.78 39.35 46.04
CA ARG C 115 -19.28 40.33 46.99
C ARG C 115 -20.25 40.49 48.15
N ASN C 116 -19.70 40.87 49.31
CA ASN C 116 -20.48 41.10 50.52
C ASN C 116 -21.37 39.89 50.83
N VAL C 117 -20.72 38.76 51.10
CA VAL C 117 -21.45 37.54 51.42
C VAL C 117 -22.25 37.75 52.71
N GLN C 118 -23.50 37.31 52.68
CA GLN C 118 -24.41 37.43 53.81
C GLN C 118 -24.69 36.07 54.42
N PRO C 119 -25.10 36.02 55.69
CA PRO C 119 -25.40 34.72 56.31
C PRO C 119 -26.44 33.92 55.55
N GLU C 120 -27.44 34.57 54.97
CA GLU C 120 -28.48 33.87 54.22
C GLU C 120 -27.93 33.26 52.93
N ASP C 121 -26.72 33.62 52.52
CA ASP C 121 -26.16 33.11 51.28
C ASP C 121 -25.63 31.68 51.39
N GLU C 122 -25.57 31.12 52.59
CA GLU C 122 -25.12 29.74 52.75
C GLU C 122 -26.03 28.81 51.97
N GLY C 123 -25.43 27.89 51.22
CA GLY C 123 -26.20 26.96 50.40
C GLY C 123 -25.33 26.19 49.45
N ILE C 124 -25.94 25.72 48.37
CA ILE C 124 -25.27 24.89 47.38
C ILE C 124 -25.42 25.55 46.01
N TYR C 125 -24.31 25.63 45.28
CA TYR C 125 -24.27 26.18 43.93
C TYR C 125 -23.89 25.07 42.96
N ASN C 126 -24.62 24.96 41.86
CA ASN C 126 -24.41 23.93 40.86
C ASN C 126 -24.05 24.58 39.53
N CYS C 127 -22.97 24.10 38.92
CA CYS C 127 -22.45 24.68 37.68
C CYS C 127 -22.73 23.73 36.52
N TYR C 128 -23.56 24.17 35.59
CA TYR C 128 -23.99 23.36 34.45
C TYR C 128 -23.42 23.96 33.18
N ILE C 129 -22.68 23.14 32.43
CA ILE C 129 -21.96 23.58 31.23
C ILE C 129 -22.39 22.71 30.06
N MET C 130 -22.61 23.33 28.91
CA MET C 130 -22.87 22.63 27.66
C MET C 130 -21.95 23.21 26.59
N ASN C 131 -20.88 22.49 26.30
CA ASN C 131 -19.90 22.91 25.29
C ASN C 131 -19.97 21.99 24.09
N PRO C 132 -20.63 22.38 23.02
CA PRO C 132 -20.73 21.51 21.84
C PRO C 132 -19.42 21.49 21.08
N PRO C 133 -19.20 20.47 20.23
CA PRO C 133 -20.11 19.37 19.90
C PRO C 133 -20.14 18.26 20.96
N ASP C 134 -19.46 18.44 22.09
CA ASP C 134 -19.54 17.47 23.16
C ASP C 134 -20.94 17.45 23.74
N ARG C 135 -21.41 16.26 24.10
CA ARG C 135 -22.78 16.09 24.58
C ARG C 135 -22.89 15.86 26.08
N HIS C 136 -21.80 15.52 26.76
CA HIS C 136 -21.88 15.28 28.20
C HIS C 136 -22.18 16.60 28.92
N ARG C 137 -22.93 16.50 30.01
CA ARG C 137 -23.35 17.68 30.75
C ARG C 137 -22.41 17.91 31.92
N GLY C 138 -21.68 19.03 31.88
CA GLY C 138 -20.72 19.33 32.91
C GLY C 138 -21.35 19.85 34.18
N HIS C 139 -21.30 19.05 35.25
CA HIS C 139 -21.90 19.41 36.54
C HIS C 139 -20.80 19.69 37.55
N GLY C 140 -20.91 20.82 38.22
CA GLY C 140 -20.00 21.18 39.31
C GLY C 140 -20.76 21.71 40.50
N LYS C 141 -20.66 21.02 41.64
CA LYS C 141 -21.40 21.35 42.85
C LYS C 141 -20.43 21.89 43.90
N ILE C 142 -20.77 23.03 44.49
CA ILE C 142 -20.00 23.64 45.55
C ILE C 142 -20.93 23.97 46.70
N HIS C 143 -20.56 23.53 47.90
CA HIS C 143 -21.33 23.80 49.11
C HIS C 143 -20.67 24.97 49.85
N LEU C 144 -21.27 26.15 49.74
CA LEU C 144 -20.72 27.36 50.34
C LEU C 144 -21.33 27.55 51.73
N GLN C 145 -20.47 27.74 52.72
CA GLN C 145 -20.89 27.98 54.09
C GLN C 145 -20.35 29.32 54.55
N VAL C 146 -21.22 30.12 55.16
CA VAL C 146 -20.87 31.48 55.59
C VAL C 146 -20.31 31.40 57.00
N LEU C 147 -19.09 31.91 57.16
CA LEU C 147 -18.42 31.95 58.46
C LEU C 147 -18.62 33.31 59.12
N MET C 148 -18.40 33.34 60.43
CA MET C 148 -18.55 34.57 61.21
C MET C 148 -17.51 35.60 60.78
C1 NAG D . -33.22 8.19 3.30
C2 NAG D . -34.43 8.38 4.21
C3 NAG D . -35.16 9.68 3.92
C4 NAG D . -34.24 10.88 3.83
C5 NAG D . -33.01 10.55 2.97
C6 NAG D . -31.97 11.66 3.07
C7 NAG D . -35.37 6.22 4.81
C8 NAG D . -36.49 5.24 4.54
N2 NAG D . -35.39 7.30 4.05
O3 NAG D . -36.15 9.88 4.94
O4 NAG D . -35.00 11.92 3.21
O5 NAG D . -32.38 9.34 3.40
O6 NAG D . -31.51 11.78 4.41
O7 NAG D . -34.55 6.04 5.68
C1 NAG D . -35.10 13.20 3.91
C2 NAG D . -35.57 13.03 5.37
C3 NAG D . -34.54 13.63 6.33
C4 NAG D . -34.27 15.08 5.97
C5 NAG D . -33.95 15.20 4.48
C6 NAG D . -32.65 15.96 4.25
C7 NAG D . -37.67 13.44 6.59
C8 NAG D . -37.31 12.42 7.63
N2 NAG D . -36.86 13.67 5.56
O3 NAG D . -33.32 12.88 6.27
O4 NAG D . -35.42 15.88 6.28
O5 NAG D . -33.84 13.89 3.91
O6 NAG D . -31.54 15.18 4.70
O7 NAG D . -38.72 14.07 6.70
C1 NAG E . -32.89 32.28 -16.35
C2 NAG E . -34.22 32.83 -15.86
C3 NAG E . -35.21 32.95 -16.99
C4 NAG E . -34.63 33.83 -18.09
C5 NAG E . -33.29 33.28 -18.54
C6 NAG E . -32.63 34.25 -19.50
C7 NAG E . -34.35 32.05 -13.56
C8 NAG E . -35.09 31.20 -12.58
N2 NAG E . -34.79 32.01 -14.82
O3 NAG E . -36.45 33.50 -16.53
O4 NAG E . -35.55 33.90 -19.19
O5 NAG E . -32.40 33.07 -17.44
O6 NAG E . -31.27 33.85 -19.73
O7 NAG E . -33.42 32.76 -13.23
C1 NAG E . -35.93 35.27 -19.45
C2 NAG E . -37.08 35.26 -20.45
C3 NAG E . -37.56 36.68 -20.75
C4 NAG E . -37.91 37.39 -19.46
C5 NAG E . -36.73 37.31 -18.48
C6 NAG E . -37.09 37.94 -17.13
C7 NAG E . -36.73 33.30 -21.83
C8 NAG E . -36.33 32.76 -23.17
N2 NAG E . -36.69 34.61 -21.69
O3 NAG E . -38.71 36.63 -21.61
O4 NAG E . -38.23 38.75 -19.75
O5 NAG E . -36.36 35.95 -18.26
O6 NAG E . -35.92 37.99 -16.31
O7 NAG E . -37.10 32.56 -20.92
C1 NAG F . -21.14 46.58 0.65
C2 NAG F . -22.30 47.52 0.34
C3 NAG F . -22.74 48.31 1.58
C4 NAG F . -22.91 47.39 2.77
C5 NAG F . -21.65 46.57 2.98
C6 NAG F . -21.74 45.66 4.19
C7 NAG F . -22.83 48.82 -1.64
C8 NAG F . -22.34 49.85 -2.61
N2 NAG F . -21.95 48.46 -0.70
O3 NAG F . -23.97 48.98 1.30
O4 NAG F . -23.21 48.17 3.94
O5 NAG F . -21.40 45.79 1.82
O6 NAG F . -21.62 46.43 5.40
O7 NAG F . -23.96 48.37 -1.69
C1 NAG G . -37.59 -10.98 10.45
C2 NAG G . -37.86 -12.34 11.07
C3 NAG G . -39.06 -12.31 11.99
C4 NAG G . -38.83 -11.17 12.96
C5 NAG G . -39.05 -9.92 12.15
C6 NAG G . -38.98 -8.68 13.03
C7 NAG G . -37.10 -13.75 9.26
C8 NAG G . -37.55 -14.64 8.14
N2 NAG G . -38.09 -13.27 10.00
O3 NAG G . -39.22 -13.57 12.65
O4 NAG G . -39.70 -11.23 14.10
O5 NAG G . -38.03 -9.81 11.16
O6 NAG G . -39.41 -7.54 12.29
O7 NAG G . -35.93 -13.50 9.45
C1 NAG H . -46.44 -4.24 -1.99
C2 NAG H . -45.92 -5.35 -2.92
C3 NAG H . -46.51 -6.71 -2.53
C4 NAG H . -48.03 -6.68 -2.57
C5 NAG H . -48.56 -5.32 -2.15
C6 NAG H . -49.88 -5.45 -1.40
C7 NAG H . -45.66 -3.97 -4.89
C8 NAG H . -46.03 -3.76 -6.33
N2 NAG H . -46.22 -5.03 -4.29
O3 NAG H . -46.07 -7.06 -1.21
O4 NAG H . -48.49 -7.00 -3.89
O5 NAG H . -47.62 -4.67 -1.31
O6 NAG H . -50.35 -4.17 -1.00
O7 NAG H . -44.88 -3.24 -4.30
C10 P0T I . 15.08 -18.65 -14.95
C11 P0T I . 13.83 -15.38 -12.91
C12 P0T I . 13.08 -17.56 -12.22
C13 P0T I . 18.34 -14.71 -12.15
C14 P0T I . 14.25 -18.40 -16.15
C03 P0T I . 15.81 -17.45 -14.36
C04 P0T I . 15.52 -17.28 -12.86
C05 P0T I . 17.32 -17.53 -14.59
C06 P0T I . 18.00 -16.24 -14.14
C07 P0T I . 16.54 -16.42 -12.16
C08 P0T I . 14.11 -16.73 -12.67
C09 P0T I . 17.56 -15.83 -12.77
C15 P0T I . 11.53 -15.72 -12.29
C16 P0T I . 12.55 -14.88 -12.73
C17 P0T I . 11.80 -17.05 -12.03
C18 P0T I . 10.14 -15.16 -12.08
C19 P0T I . 15.19 -19.87 -14.42
C20 P0T I . 9.02 -16.08 -12.53
C21 P0T I . 7.90 -15.35 -13.25
C22 P0T I . 8.31 -14.73 -14.55
C23 P0T I . 7.18 -14.03 -15.25
O01 P0T I . 14.82 -14.55 -13.35
O02 P0T I . 13.33 -18.88 -11.96
C10 P0T J . 5.28 1.54 -13.10
C11 P0T J . 8.03 3.73 -13.32
C12 P0T J . 9.18 1.67 -13.81
C13 P0T J . 8.44 -0.32 -8.79
C14 P0T J . 4.35 2.14 -12.12
C03 P0T J . 6.45 0.74 -12.57
C04 P0T J . 7.48 1.69 -11.92
C05 P0T J . 6.01 -0.37 -11.60
C06 P0T J . 6.32 -0.04 -10.14
C07 P0T J . 8.35 1.01 -10.91
C08 P0T J . 8.25 2.38 -13.03
C09 P0T J . 7.75 0.27 -9.99
C15 P0T J . 9.65 3.64 -15.10
C16 P0T J . 8.73 4.34 -14.35
C17 P0T J . 9.87 2.30 -14.83
C18 P0T J . 10.41 4.32 -16.21
C19 P0T J . 5.07 1.68 -14.41
C20 P0T J . 9.68 4.36 -17.54
C21 P0T J . 8.82 5.60 -17.77
C22 P0T J . 9.63 6.85 -17.98
C23 P0T J . 8.81 8.04 -18.38
O01 P0T J . 7.14 4.45 -12.58
O02 P0T J . 9.40 0.34 -13.54
C P5S K . 19.03 -20.42 -49.02
N P5S K . 17.96 -22.63 -49.21
O P5S K . 19.59 -20.60 -47.92
C1 P5S K . 14.28 -24.60 -46.40
C2 P5S K . 13.95 -25.13 -47.78
C3 P5S K . 14.50 -24.29 -48.90
CA P5S K . 17.71 -21.17 -49.27
CB P5S K . 16.65 -20.77 -48.27
OG P5S K . 15.39 -20.57 -48.97
P12 P5S K . 14.69 -21.79 -49.73
O13 P5S K . 13.32 -21.31 -50.16
O15 P5S K . 15.63 -22.35 -50.76
O16 P5S K . 14.48 -22.88 -48.57
O19 P5S K . 13.69 -25.48 -45.42
O37 P5S K . 12.50 -25.21 -47.93
C38 P5S K . 11.88 -26.31 -47.47
C39 P5S K . 10.38 -26.20 -47.45
C40 P5S K . 9.70 -27.16 -48.37
C41 P5S K . 8.19 -27.22 -48.15
C42 P5S K . 7.48 -25.91 -48.35
C43 P5S K . 7.53 -25.38 -49.77
C44 P5S K . 6.86 -24.03 -49.95
C45 P5S K . 5.39 -24.03 -49.66
C46 P5S K . 4.73 -22.67 -49.72
O47 P5S K . 12.50 -27.28 -47.11
C48 P5S K . 4.74 -22.02 -51.08
C49 P5S K . 3.76 -20.87 -51.22
C50 P5S K . 2.32 -21.29 -51.17
C51 P5S K . 1.34 -20.15 -51.06
C52 P5S K . 1.20 -19.31 -52.30
C53 P5S K . 0.05 -18.32 -52.25
C54 P5S K . -0.16 -17.55 -53.53
C55 P5S K . -1.35 -16.62 -53.51
C56 P5S K . -2.68 -17.31 -53.28
OXT P5S K . 19.45 -19.67 -49.93
CAA Y01 L . -7.62 -19.83 -33.60
CBA Y01 L . -8.08 -20.75 -32.48
CAB Y01 L . -9.43 -21.37 -32.83
CAN Y01 L . -7.04 -21.82 -32.16
CAJ Y01 L . -5.72 -21.30 -31.64
CAO Y01 L . -4.68 -22.40 -31.48
CBB Y01 L . -3.24 -21.89 -31.23
CAC Y01 L . -3.15 -21.24 -29.86
CBE Y01 L . -2.21 -23.01 -31.45
CAP Y01 L . -2.41 -23.73 -32.82
CAQ Y01 L . -1.01 -24.16 -33.31
CBG Y01 L . -0.11 -23.92 -32.11
CBI Y01 L . -0.69 -22.67 -31.43
CAE Y01 L . -0.44 -21.40 -32.26
CAU Y01 L . -0.02 -22.58 -30.07
CAS Y01 L . 1.51 -22.48 -30.19
CBF Y01 L . 2.12 -23.64 -31.00
CBD Y01 L . 1.40 -23.89 -32.33
CAK Y01 L . 1.88 -25.19 -32.96
CAI Y01 L . 3.37 -25.34 -32.87
CAZ Y01 L . 4.17 -24.55 -32.17
CAV Y01 L . 5.67 -24.69 -32.28
CBH Y01 L . 3.67 -23.49 -31.20
CAD Y01 L . 4.04 -22.12 -31.78
CAT Y01 L . 4.38 -23.71 -29.85
CAR Y01 L . 5.90 -23.82 -29.97
CBC Y01 L . 6.30 -24.91 -30.92
OAW Y01 L . 7.75 -24.91 -31.09
CAY Y01 L . 8.30 -25.86 -31.84
OAG Y01 L . 7.71 -26.83 -32.24
CAM Y01 L . 9.74 -25.57 -32.14
CAL Y01 L . 10.42 -26.58 -33.05
CAX Y01 L . 11.86 -26.25 -33.40
OAH Y01 L . 12.49 -27.03 -34.14
OAF Y01 L . 12.35 -25.20 -32.94
CAA Y01 M . -7.32 -30.64 -3.36
CBA Y01 M . -8.30 -30.51 -4.52
CAB Y01 M . -8.68 -29.06 -4.74
CAN Y01 M . -7.70 -31.13 -5.79
CAJ Y01 M . -6.61 -30.33 -6.47
CAO Y01 M . -5.81 -31.13 -7.47
CBB Y01 M . -4.77 -32.07 -6.86
CAC Y01 M . -5.32 -33.50 -6.82
CBE Y01 M . -3.42 -31.98 -7.60
CAP Y01 M . -2.95 -30.51 -7.80
CAQ Y01 M . -1.41 -30.54 -7.89
CBG Y01 M . -1.08 -32.03 -7.91
CBI Y01 M . -2.16 -32.67 -7.01
CAE Y01 M . -2.00 -32.29 -5.54
CAU Y01 M . -2.03 -34.19 -7.21
CAS Y01 M . -0.63 -34.69 -6.85
CBF Y01 M . 0.48 -33.99 -7.64
CBD Y01 M . 0.35 -32.45 -7.59
CAK Y01 M . 1.31 -31.81 -8.58
CAI Y01 M . 2.67 -32.44 -8.54
CAZ Y01 M . 2.96 -33.56 -7.89
CAV Y01 M . 4.40 -34.04 -7.79
CBH Y01 M . 1.92 -34.47 -7.26
CAD Y01 M . 2.13 -34.45 -5.73
CAT Y01 M . 2.15 -35.90 -7.79
CAR Y01 M . 3.59 -36.37 -7.65
CBC Y01 M . 4.55 -35.43 -8.35
OAW Y01 M . 5.93 -35.85 -8.13
CAY Y01 M . 6.89 -35.19 -8.77
OAG Y01 M . 6.68 -34.37 -9.61
CAM Y01 M . 8.26 -35.58 -8.29
CAL Y01 M . 9.40 -34.84 -8.97
CAX Y01 M . 10.78 -35.19 -8.47
OAH Y01 M . 11.76 -34.62 -8.98
OAF Y01 M . 10.87 -36.02 -7.54
C01 9Z9 N . 15.29 -11.60 -3.19
C02 9Z9 N . 16.13 -10.77 -2.22
C03 9Z9 N . 15.26 -9.76 -1.42
C04 9Z9 N . 14.63 -10.63 -0.29
C05 9Z9 N . 15.40 -11.94 -0.24
C06 9Z9 N . 16.66 -11.63 -1.05
C07 9Z9 N . 17.60 -12.77 -1.47
C08 9Z9 N . 18.75 -12.22 -2.34
C09 9Z9 N . 18.28 -11.25 -3.43
C10 9Z9 N . 17.34 -10.16 -2.91
C11 9Z9 N . 19.65 -13.38 -2.88
C12 9Z9 N . 18.96 -14.16 -4.01
C13 9Z9 N . 19.97 -14.36 -1.76
C14 9Z9 N . 19.35 -14.34 -0.58
C15 9Z9 N . 18.18 -13.46 -0.25
C16 9Z9 N . 21.05 -15.38 -2.07
C17 9Z9 N . 22.32 -14.73 -2.55
C18 9Z9 N . 22.03 -13.85 -3.74
C19 9Z9 N . 20.98 -12.78 -3.39
O20 9Z9 N . 23.24 -15.75 -2.93
C21 9Z9 N . 23.79 -16.48 -1.84
C22 9Z9 N . 24.75 -17.51 -2.38
C23 9Z9 N . 25.50 -18.27 -1.28
C24 9Z9 N . 24.55 -19.04 -0.38
O25 9Z9 N . 25.28 -19.62 0.68
C26 9Z9 N . 24.45 -20.33 1.58
C48 9Z9 N . 26.54 -19.19 -1.89
O49 9Z9 N . 27.32 -19.75 -0.86
C50 9Z9 N . 28.32 -20.62 -1.35
O72 9Z9 N . 13.26 -10.76 -0.69
C73 9Z9 N . 12.89 -9.48 -1.16
C74 9Z9 N . 14.05 -9.07 -2.07
C75 9Z9 N . 14.21 -7.58 -2.31
C76 9Z9 N . 11.54 -9.58 -1.84
C77 9Z9 N . 10.41 -9.85 -0.87
C78 9Z9 N . 10.43 -8.80 0.24
C79 9Z9 N . 11.81 -8.81 0.87
O80 9Z9 N . 12.83 -8.54 -0.09
C81 9Z9 N . 9.34 -9.03 1.28
CAA Y01 O . 14.18 -2.55 22.19
CBA Y01 O . 12.92 -3.30 21.75
CAB Y01 O . 13.02 -4.76 22.13
CAN Y01 O . 11.66 -2.65 22.32
CAJ Y01 O . 11.40 -1.22 21.91
CAO Y01 O . 10.25 -0.58 22.64
CBB Y01 O . 10.23 0.96 22.55
CAC Y01 O . 10.08 1.39 21.09
CBE Y01 O . 9.15 1.56 23.47
CAP Y01 O . 9.32 1.12 24.95
CAQ Y01 O . 9.09 2.36 25.83
CBG Y01 O . 8.33 3.31 24.92
CBI Y01 O . 9.00 3.11 23.55
CAE Y01 O . 10.40 3.76 23.50
CAU Y01 O . 8.06 3.76 22.52
CAS Y01 O . 7.86 5.25 22.83
CBF Y01 O . 7.37 5.53 24.27
CBD Y01 O . 8.16 4.75 25.33
CAK Y01 O . 7.45 4.87 26.67
CAI Y01 O . 7.00 6.26 26.95
CAZ Y01 O . 7.00 7.25 26.08
CAV Y01 O . 6.66 8.67 26.49
CBH Y01 O . 7.30 7.06 24.59
CAD Y01 O . 8.63 7.77 24.29
CAT Y01 O . 6.15 7.70 23.79
CAR Y01 O . 5.87 9.15 24.19
CBC Y01 O . 5.54 9.25 25.65
OAW Y01 O . 5.40 10.66 25.99
CAY Y01 O . 4.99 11.00 27.21
OAG Y01 O . 4.71 10.21 28.07
CAM Y01 O . 4.89 12.49 27.37
CAL Y01 O . 4.40 12.97 28.71
CAX Y01 O . 4.33 14.48 28.85
OAH Y01 O . 3.93 14.96 29.94
OAF Y01 O . 4.66 15.19 27.87
CAA Y01 P . -3.44 -20.79 15.49
CBA Y01 P . -3.02 -19.43 14.94
CAB Y01 P . -2.17 -19.62 13.69
CAN Y01 P . -4.24 -18.54 14.66
CAJ Y01 P . -4.69 -17.65 15.80
CAO Y01 P . -4.87 -18.38 17.10
CBB Y01 P . -5.49 -17.57 18.25
CAC Y01 P . -4.63 -16.35 18.56
CBE Y01 P . -6.96 -17.20 17.97
CAP Y01 P . -7.74 -18.30 17.20
CAQ Y01 P . -9.24 -18.06 17.48
CBG Y01 P . -9.27 -16.85 18.41
CBI Y01 P . -7.92 -16.90 19.16
CAE Y01 P . -7.86 -18.05 20.19
CAU Y01 P . -7.76 -15.54 19.85
CAS Y01 P . -8.92 -15.27 20.82
CBF Y01 P . -10.30 -15.37 20.16
CBD Y01 P . -10.47 -16.64 19.31
CAK Y01 P . -11.75 -16.52 18.49
CAI Y01 P . -12.90 -15.98 19.28
CAZ Y01 P . -12.80 -15.46 20.50
CAV Y01 P . -14.04 -15.07 21.28
CBH Y01 P . -11.47 -15.19 21.18
CAD Y01 P . -11.35 -16.16 22.38
CAT Y01 P . -11.49 -13.73 21.70
CAR Y01 P . -12.73 -13.38 22.51
CBC Y01 P . -13.98 -13.62 21.72
OAW Y01 P . -15.15 -13.33 22.54
CAY Y01 P . -16.34 -13.28 21.97
OAG Y01 P . -16.55 -13.61 20.83
CAM Y01 P . -17.39 -12.71 22.88
CAL Y01 P . -18.61 -13.59 23.10
CAX Y01 P . -19.36 -13.94 21.83
OAH Y01 P . -19.79 -13.01 21.13
OAF Y01 P . -19.50 -15.15 21.54
C1 LPE Q . -21.65 -27.74 -10.60
O1 LPE Q . -20.95 -28.74 -9.86
C2 LPE Q . -23.06 -27.67 -10.07
O2H LPE Q . -23.02 -27.40 -8.67
C3 LPE Q . -23.90 -26.61 -10.76
C11 LPE Q . -19.60 -28.97 -10.23
C12 LPE Q . -19.55 -29.54 -11.63
O3 LPE Q . -25.26 -26.63 -10.24
P LPE Q . -25.73 -25.53 -9.16
O31 LPE Q . -24.72 -25.48 -8.04
O32 LPE Q . -26.09 -24.27 -9.91
O33 LPE Q . -27.07 -26.18 -8.56
C31 LPE Q . -28.25 -26.31 -9.40
C32 LPE Q . -28.98 -25.00 -9.47
N LPE Q . -30.29 -24.99 -10.25
C1N LPE Q . -30.90 -23.63 -10.19
C2N LPE Q . -30.04 -25.33 -11.67
C3N LPE Q . -31.25 -25.97 -9.66
C13 LPE Q . -18.24 -30.19 -11.97
C14 LPE Q . -17.05 -29.27 -11.82
C15 LPE Q . -15.73 -29.90 -12.21
C16 LPE Q . -14.53 -29.03 -12.00
C17 LPE Q . -13.23 -29.64 -12.42
C18 LPE Q . -12.02 -28.79 -12.16
C19 LPE Q . -11.77 -28.51 -10.70
C1 LPE R . -16.00 -14.56 -15.04
O1 LPE R . -14.77 -14.49 -14.33
C2 LPE R . -17.13 -14.39 -14.04
O2H LPE R . -16.87 -13.23 -13.25
C3 LPE R . -18.49 -14.23 -14.68
C11 LPE R . -13.60 -14.63 -15.12
C12 LPE R . -12.40 -14.55 -14.21
O3 LPE R . -19.48 -13.95 -13.65
P LPE R . -20.99 -13.61 -14.07
O31 LPE R . -21.57 -14.82 -14.76
O32 LPE R . -21.69 -13.01 -12.87
O33 LPE R . -20.81 -12.45 -15.17
C31 LPE R . -21.97 -11.73 -15.65
C32 LPE R . -22.95 -12.68 -16.30
N LPE R . -24.19 -12.04 -16.91
C13 LPE R . -11.09 -14.92 -14.88
C14 LPE R . -9.96 -15.11 -13.90
C15 LPE R . -8.83 -15.95 -14.41
C16 LPE R . -7.85 -15.21 -15.30
C17 LPE R . -6.81 -14.42 -14.54
C18 LPE R . -5.66 -13.91 -15.38
C19 LPE R . -4.95 -14.99 -16.17
C20 LPE R . -3.65 -14.54 -16.81
C21 LPE R . -2.54 -14.27 -15.84
C22 LPE R . -1.22 -13.92 -16.47
C1 LPE S . -14.49 -24.38 -13.85
O1 LPE S . -13.56 -25.23 -13.20
C2 LPE S . -15.55 -25.21 -14.53
O2H LPE S . -16.11 -26.11 -13.57
C3 LPE S . -16.65 -24.39 -15.15
C11 LPE S . -12.45 -24.59 -12.58
C12 LPE S . -11.48 -24.15 -13.65
O3 LPE S . -17.51 -25.22 -15.98
P LPE S . -18.96 -25.68 -15.42
O31 LPE S . -19.63 -26.48 -16.49
O32 LPE S . -18.80 -26.26 -14.04
O33 LPE S . -19.73 -24.29 -15.26
C31 LPE S . -21.10 -24.30 -14.76
C32 LPE S . -21.60 -22.88 -14.60
N LPE S . -23.01 -22.72 -14.07
C1N LPE S . -23.33 -21.27 -13.96
C2N LPE S . -23.99 -23.35 -14.99
C3N LPE S . -23.13 -23.34 -12.72
C13 LPE S . -10.19 -23.59 -13.10
C14 LPE S . -9.20 -23.20 -14.16
C1 PCW T . -22.18 -18.31 -12.19
C2 PCW T . -21.02 -17.53 -11.61
C3 PCW T . -21.29 -16.97 -10.23
C4 PCW T . -25.93 -18.55 -13.34
C5 PCW T . -26.81 -19.68 -13.83
C6 PCW T . -28.89 -18.69 -12.95
C7 PCW T . -28.90 -20.97 -13.78
C8 PCW T . -27.79 -20.44 -11.70
C11 PCW T . -19.79 -15.17 -10.38
C12 PCW T . -18.38 -14.73 -10.05
C13 PCW T . -17.34 -15.70 -10.53
C14 PCW T . -15.93 -15.24 -10.23
C15 PCW T . -14.86 -16.12 -10.82
C16 PCW T . -13.48 -15.95 -10.21
C17 PCW T . -12.89 -14.56 -10.40
C18 PCW T . -11.56 -14.38 -9.74
C19 PCW T . -10.51 -15.34 -10.19
C20 PCW T . -9.24 -15.28 -9.87
C21 PCW T . -8.61 -14.24 -9.01
C22 PCW T . -7.11 -14.26 -9.04
C23 PCW T . -6.47 -15.36 -8.21
C24 PCW T . -4.98 -15.23 -8.08
C25 PCW T . -4.34 -16.24 -7.16
C26 PCW T . -2.86 -16.01 -6.92
C27 PCW T . -2.23 -16.96 -5.96
C28 PCW T . -0.77 -16.68 -5.68
C31 PCW T . -19.21 -18.76 -12.61
C32 PCW T . -17.75 -19.06 -12.34
C33 PCW T . -16.99 -19.48 -13.55
C34 PCW T . -15.50 -19.23 -13.42
C35 PCW T . -14.88 -19.78 -12.16
C36 PCW T . -13.43 -19.43 -11.97
C37 PCW T . -12.87 -19.84 -10.62
C38 PCW T . -11.44 -19.43 -10.38
C39 PCW T . -10.47 -20.09 -11.31
C40 PCW T . -9.17 -19.95 -11.27
C41 PCW T . -8.43 -19.07 -10.32
C42 PCW T . -6.94 -19.24 -10.38
C43 PCW T . -6.30 -18.84 -11.70
C44 PCW T . -4.84 -19.17 -11.79
C45 PCW T . -4.17 -18.70 -13.06
C46 PCW T . -4.04 -17.19 -13.18
C47 PCW T . -3.22 -16.56 -12.09
N PCW T . -28.09 -19.94 -13.07
O2 PCW T . -19.83 -18.37 -11.49
O3 PCW T . -20.10 -16.31 -9.77
O11 PCW T . -20.55 -14.57 -11.09
O31 PCW T . -19.74 -18.85 -13.68
O1P PCW T . -25.41 -16.43 -11.25
O2P PCW T . -24.04 -18.23 -9.96
O3P PCW T . -23.35 -17.44 -12.26
O4P PCW T . -25.43 -18.81 -12.00
P PCW T . -24.57 -17.67 -11.25
C1 LPE U . -0.07 -9.06 -22.68
O1 LPE U . 0.09 -10.27 -21.94
C2 LPE U . -0.81 -9.30 -23.97
O2H LPE U . 0.00 -10.06 -24.86
C3 LPE U . -2.14 -9.98 -23.80
C11 LPE U . 0.80 -11.35 -22.51
C12 LPE U . 2.21 -10.92 -22.86
O3 LPE U . -3.08 -9.08 -23.16
P LPE U . -4.64 -9.48 -23.09
O31 LPE U . -4.79 -10.60 -22.08
O32 LPE U . -5.13 -9.68 -24.50
O33 LPE U . -5.33 -8.15 -22.52
C31 LPE U . -6.74 -7.91 -22.76
C32 LPE U . -7.61 -8.84 -21.95
N LPE U . -9.11 -8.73 -22.19
C1N LPE U . -9.87 -9.50 -21.19
C2N LPE U . -9.53 -7.30 -22.10
C3N LPE U . -9.44 -9.25 -23.54
C13 LPE U . 2.97 -10.37 -21.67
C14 LPE U . 4.42 -10.03 -21.98
C15 LPE U . 5.37 -11.21 -21.95
C16 LPE U . 5.17 -12.20 -23.05
C1 LPE V . 3.86 -16.20 -27.67
O1 LPE V . 3.45 -14.87 -27.95
C2 LPE V . 5.37 -16.27 -27.80
O2H LPE V . 5.97 -15.77 -26.61
C3 LPE V . 5.88 -17.68 -28.06
C11 LPE V . 3.61 -13.92 -26.89
C12 LPE V . 2.40 -13.97 -26.00
O3 LPE V . 7.25 -17.61 -28.55
P LPE V . 8.45 -18.16 -27.64
O31 LPE V . 8.27 -19.65 -27.50
O32 LPE V . 8.56 -17.30 -26.42
O33 LPE V . 9.74 -17.89 -28.55
C31 LPE V . 11.06 -18.17 -28.01
C32 LPE V . 12.15 -17.83 -29.00
N LPE V . 12.20 -18.63 -30.28
C1N LPE V . 13.40 -18.25 -31.07
C2N LPE V . 12.28 -20.09 -29.98
C3N LPE V . 10.98 -18.38 -31.12
C13 LPE V . 1.12 -13.66 -26.73
C14 LPE V . -0.09 -13.62 -25.84
C15 LPE V . -1.38 -13.34 -26.57
C16 LPE V . -2.59 -13.22 -25.68
C17 LPE V . -3.88 -12.91 -26.41
C18 LPE V . -5.08 -12.75 -25.51
C19 LPE V . -6.36 -12.45 -26.24
C20 LPE V . -7.57 -12.30 -25.35
C21 LPE V . -8.87 -12.13 -26.09
C22 LPE V . -10.09 -12.08 -25.20
C1 PCW W . 3.85 22.50 11.35
C2 PCW W . 4.70 21.46 12.07
C3 PCW W . 4.43 21.39 13.55
C4 PCW W . -1.18 23.78 11.53
C5 PCW W . -2.49 23.00 11.55
C6 PCW W . -4.19 21.61 10.47
C7 PCW W . -3.17 23.40 9.22
C8 PCW W . -1.89 21.43 9.76
C11 PCW W . 5.16 20.07 15.39
C12 PCW W . 6.21 19.09 15.83
C13 PCW W . 6.37 17.94 14.89
C14 PCW W . 7.44 16.95 15.35
C15 PCW W . 7.72 15.85 14.36
C16 PCW W . 8.71 14.83 14.84
C17 PCW W . 8.98 13.70 13.84
C18 PCW W . 9.84 12.59 14.37
C19 PCW W . 10.07 11.51 13.37
C20 PCW W . 10.65 10.36 13.62
C21 PCW W . 11.16 9.91 14.96
C22 PCW W . 11.71 8.52 14.94
C23 PCW W . 12.93 8.34 14.05
C24 PCW W . 13.46 6.92 14.02
C25 PCW W . 13.94 6.39 15.34
C26 PCW W . 14.49 4.98 15.29
C31 PCW W . 5.14 19.81 10.40
C32 PCW W . 5.18 18.33 10.12
C33 PCW W . 6.52 17.72 10.38
C34 PCW W . 6.69 16.35 9.72
C35 PCW W . 8.14 15.92 9.64
C36 PCW W . 8.35 14.52 9.11
C37 PCW W . 7.78 13.42 10.02
C38 PCW W . 8.43 12.09 9.85
C39 PCW W . 8.43 11.58 8.44
C40 PCW W . 9.45 11.10 7.77
C41 PCW W . 10.82 10.80 8.30
C42 PCW W . 11.29 9.41 7.99
C43 PCW W . 10.43 8.32 8.60
N PCW W . -2.93 22.36 10.25
O2 PCW W . 4.50 20.13 11.53
O3 PCW W . 5.36 20.43 14.12
O11 PCW W . 4.26 20.50 16.06
O31 PCW W . 5.65 20.65 9.70
O1P PCW W . 1.53 23.82 9.81
O2P PCW W . 1.63 24.59 12.28
O3P PCW W . 2.44 22.30 11.62
O4P PCW W . -0.04 22.88 11.51
P PCW W . 1.42 23.50 11.27
N P5S X . 33.53 1.45 -7.73
C1 P5S X . 33.14 9.36 -10.06
C2 P5S X . 32.17 8.25 -9.74
C3 P5S X . 32.82 6.88 -9.70
CA P5S X . 32.59 2.60 -7.78
CB P5S X . 33.15 3.67 -8.68
OG P5S X . 34.06 4.50 -7.91
P12 P5S X . 34.91 5.65 -8.63
O13 P5S X . 36.04 6.04 -7.72
O15 P5S X . 35.21 5.19 -10.03
O16 P5S X . 33.91 6.90 -8.74
C17 P5S X . 31.97 10.84 -11.48
O18 P5S X . 32.17 10.12 -12.41
O19 P5S X . 32.43 10.60 -10.25
C20 P5S X . 31.20 12.12 -11.53
C21 P5S X . 30.67 12.45 -12.90
C22 P5S X . 29.86 13.74 -12.94
C23 P5S X . 28.59 13.70 -12.13
C24 P5S X . 27.53 12.76 -12.67
C25 P5S X . 26.34 12.59 -11.76
C26 P5S X . 25.54 13.84 -11.52
C27 P5S X . 24.38 13.67 -10.60
C28 P5S X . 24.75 13.20 -9.22
C29 P5S X . 23.60 13.09 -8.24
C30 P5S X . 22.40 12.34 -8.75
C31 P5S X . 21.31 12.13 -7.73
C32 P5S X . 20.10 11.38 -8.24
C33 P5S X . 20.37 9.95 -8.61
C34 P5S X . 19.18 9.22 -9.18
C35 P5S X . 18.67 9.79 -10.48
O37 P5S X . 31.09 8.22 -10.71
C38 P5S X . 29.96 8.89 -10.44
C39 P5S X . 29.07 9.10 -11.62
C40 P5S X . 27.71 8.51 -11.46
C41 P5S X . 26.75 8.91 -12.59
C42 P5S X . 25.41 8.23 -12.52
C43 P5S X . 24.45 8.67 -13.60
C44 P5S X . 23.10 8.00 -13.54
C45 P5S X . 22.13 8.44 -14.61
C46 P5S X . 21.79 9.91 -14.57
O47 P5S X . 29.72 9.33 -9.33
C1 PCW Y . 32.33 9.70 -17.43
C2 PCW Y . 31.34 10.71 -16.87
C3 PCW Y . 31.59 12.10 -17.40
C4 PCW Y . 36.55 9.55 -16.17
C5 PCW Y . 37.98 9.94 -15.91
C6 PCW Y . 37.87 11.12 -13.73
C7 PCW Y . 38.00 8.70 -13.77
C8 PCW Y . 39.92 10.03 -14.40
C11 PCW Y . 30.55 14.22 -17.38
C12 PCW Y . 29.47 15.06 -16.77
C13 PCW Y . 28.10 14.46 -16.91
C14 PCW Y . 27.01 15.39 -16.42
C15 PCW Y . 26.80 16.63 -17.25
C16 PCW Y . 25.80 17.61 -16.69
C17 PCW Y . 24.40 17.07 -16.51
C18 PCW Y . 23.40 18.10 -16.07
C19 PCW Y . 22.02 17.54 -15.86
C20 PCW Y . 21.29 17.62 -14.78
C21 PCW Y . 21.66 18.23 -13.47
C22 PCW Y . 20.89 19.47 -13.13
C23 PCW Y . 19.38 19.31 -13.21
C24 PCW Y . 18.60 20.54 -12.82
C25 PCW Y . 17.13 20.49 -13.16
C26 PCW Y . 16.40 19.33 -12.52
C27 PCW Y . 14.93 19.26 -12.88
C31 PCW Y . 29.02 10.65 -16.35
C32 PCW Y . 27.62 10.77 -16.91
C33 PCW Y . 26.62 11.17 -15.87
C34 PCW Y . 25.30 11.64 -16.44
C35 PCW Y . 24.37 12.21 -15.40
C36 PCW Y . 23.06 12.71 -15.93
C37 PCW Y . 22.14 13.29 -14.86
C38 PCW Y . 20.81 13.74 -15.36
C39 PCW Y . 19.92 14.26 -14.28
N PCW Y . 38.44 9.95 -14.45
O2 PCW Y . 29.98 10.34 -17.23
O3 PCW Y . 30.56 12.98 -16.88
O11 PCW Y . 31.33 14.59 -18.22
O31 PCW Y . 29.26 10.83 -15.19
O1P PCW Y . 33.89 8.70 -14.91
O2P PCW Y . 33.37 11.25 -14.81
O3P PCW Y . 33.68 10.07 -17.03
O4P PCW Y . 35.63 10.42 -15.47
P PCW Y . 34.06 10.09 -15.47
C1 LPE Z . 17.31 3.88 -19.93
O1 LPE Z . 16.17 3.68 -19.10
C2 LPE Z . 16.89 4.37 -21.29
O2H LPE Z . 16.91 5.79 -21.31
C3 LPE Z . 17.75 3.83 -22.42
C11 LPE Z . 15.33 4.83 -18.90
C12 LPE Z . 14.24 4.45 -17.94
O3 LPE Z . 19.16 4.07 -22.14
P LPE Z . 20.24 3.61 -23.23
O31 LPE Z . 19.97 4.38 -24.50
O32 LPE Z . 21.60 3.67 -22.60
O33 LPE Z . 19.87 2.07 -23.48
C31 LPE Z . 19.86 1.54 -24.84
C32 LPE Z . 21.20 1.76 -25.50
N LPE Z . 21.32 1.28 -26.95
C1N LPE Z . 22.68 1.59 -27.45
C2N LPE Z . 21.10 -0.18 -27.03
C3N LPE Z . 20.32 1.98 -27.80
C13 LPE Z . 13.39 3.29 -18.41
C14 LPE Z . 12.54 3.60 -19.62
C15 LPE Z . 11.52 2.54 -19.93
C16 LPE Z . 10.39 2.98 -20.83
C17 LPE Z . 10.83 3.40 -22.21
C18 LPE Z . 9.68 3.65 -23.16
C19 LPE Z . 8.69 4.69 -22.68
C1 LPE AA . 0.50 11.85 -20.23
O1 LPE AA . 0.03 10.89 -21.16
C2 LPE AA . -0.23 13.15 -20.45
O2H LPE AA . 0.23 13.69 -21.69
C3 LPE AA . -1.73 13.00 -20.47
C11 LPE AA . 0.97 9.88 -21.52
C12 LPE AA . 1.38 9.09 -20.30
O3 LPE AA . -2.45 14.27 -20.36
P LPE AA . -2.47 15.29 -21.61
O31 LPE AA . -2.65 14.49 -22.87
O32 LPE AA . -1.35 16.27 -21.47
O33 LPE AA . -3.84 16.10 -21.38
C31 LPE AA . -4.21 17.15 -22.33
C32 LPE AA . -5.51 17.78 -21.93
N LPE AA . -6.00 18.93 -22.80
C1N LPE AA . -7.24 19.50 -22.22
C2N LPE AA . -4.97 19.99 -22.88
C3N LPE AA . -6.29 18.44 -24.17
C13 LPE AA . 2.39 8.01 -20.59
C14 LPE AA . 2.86 7.27 -19.38
C15 LPE AA . 3.89 6.21 -19.67
C16 LPE AA . 4.37 5.45 -18.45
C17 LPE AA . 5.34 4.34 -18.78
C18 LPE AA . 5.84 3.58 -17.56
C19 LPE AA . 6.71 2.40 -17.90
C1 LPE BA . 1.21 8.65 -29.89
O1 LPE BA . 1.69 7.39 -29.42
C2 LPE BA . -0.29 8.67 -29.94
O2H LPE BA . -0.80 8.30 -28.66
C3 LPE BA . -0.85 10.02 -30.32
C11 LPE BA . 1.48 6.28 -30.28
C12 LPE BA . 2.20 5.08 -29.70
O3 LPE BA . -2.30 10.05 -30.22
P LPE BA . -3.00 10.73 -28.94
O31 LPE BA . -2.46 10.08 -27.70
O32 LPE BA . -4.48 10.77 -29.19
O33 LPE BA . -2.44 12.24 -28.98
C31 LPE BA . -2.81 13.13 -30.06
C32 LPE BA . -4.25 13.56 -29.95
N LPE BA . -4.68 14.75 -30.78
C1N LPE BA . -3.95 15.97 -30.35
C2N LPE BA . -4.40 14.51 -32.22
C3N LPE BA . -6.14 14.99 -30.60
C13 LPE BA . 2.08 3.84 -30.56
C14 LPE BA . 2.78 2.63 -29.98
C15 LPE BA . 4.28 2.79 -29.84
C16 LPE BA . 4.98 1.57 -29.29
C17 LPE BA . 6.48 1.72 -29.19
C18 LPE BA . 7.19 0.47 -28.71
C19 LPE BA . 8.70 0.60 -28.67
C1 LPE CA . 21.13 16.69 4.53
O1 LPE CA . 19.91 16.46 5.24
C2 LPE CA . 22.10 15.55 4.81
O2H LPE CA . 21.45 14.32 4.49
C3 LPE CA . 23.38 15.65 4.02
C11 LPE CA . 18.96 17.48 4.99
C12 LPE CA . 17.65 17.12 5.67
O3 LPE CA . 24.31 14.62 4.44
P LPE CA . 25.73 14.49 3.71
O31 LPE CA . 25.49 14.00 2.31
O32 LPE CA . 26.50 15.76 3.94
O33 LPE CA . 26.45 13.32 4.56
C31 LPE CA . 27.83 12.99 4.26
C32 LPE CA . 28.32 11.94 5.25
N LPE CA . 29.77 11.53 5.14
C1N LPE CA . 30.05 10.95 3.79
C2N LPE CA . 30.66 12.71 5.34
C3N LPE CA . 30.08 10.51 6.18
C13 LPE CA . 17.75 17.06 7.17
C14 LPE CA . 16.40 16.92 7.84
C15 LPE CA . 15.60 15.72 7.38
C16 LPE CA . 14.28 15.54 8.08
C17 LPE CA . 13.32 16.69 7.89
C18 LPE CA . 11.97 16.48 8.51
C19 LPE CA . 11.00 17.62 8.31
C1 LPE DA . 6.91 -25.77 -53.28
O1 LPE DA . 5.53 -25.42 -53.15
C2 LPE DA . 7.10 -27.23 -52.94
O2H LPE DA . 6.85 -28.02 -54.10
C3 LPE DA . 8.48 -27.54 -52.41
C11 LPE DA . 4.64 -26.06 -54.05
C12 LPE DA . 3.22 -25.67 -53.71
O3 LPE DA . 9.49 -27.35 -53.43
P LPE DA . 11.02 -27.66 -53.06
O31 LPE DA . 11.85 -27.53 -54.29
O32 LPE DA . 11.37 -26.84 -51.84
O33 LPE DA . 10.97 -29.20 -52.62
C31 LPE DA . 12.06 -29.77 -51.86
C32 LPE DA . 13.37 -29.61 -52.59
N LPE DA . 14.60 -30.20 -51.91
C1N LPE DA . 15.81 -29.90 -52.73
C2N LPE DA . 14.78 -29.60 -50.56
C3N LPE DA . 14.46 -31.68 -51.77
C13 LPE DA . 2.83 -26.05 -52.30
C14 LPE DA . 1.35 -25.92 -52.01
C15 LPE DA . 0.80 -24.52 -52.22
C16 LPE DA . -0.67 -24.39 -51.91
C17 LPE DA . -1.22 -23.00 -52.09
C18 LPE DA . -2.67 -22.86 -51.71
C19 LPE DA . -3.22 -21.46 -51.87
C1 LPE EA . 3.16 -29.49 -47.72
O1 LPE EA . 1.85 -29.63 -48.25
C2 LPE EA . 4.19 -29.64 -48.81
O2H LPE EA . 3.92 -28.72 -49.86
C3 LPE EA . 5.61 -29.44 -48.34
C11 LPE EA . 1.58 -30.93 -48.76
O3 LPE EA . 5.94 -30.39 -47.29
P LPE EA . 7.25 -30.14 -46.40
O31 LPE EA . 8.44 -30.10 -47.31
O32 LPE EA . 6.97 -28.99 -45.48
O33 LPE EA . 7.35 -31.47 -45.51
C31 LPE EA . 8.23 -31.49 -44.34
C32 LPE EA . 8.28 -32.86 -43.72
N LPE EA . 9.21 -33.86 -44.38
C1N LPE EA . 10.63 -33.46 -44.21
C2N LPE EA . 9.01 -35.21 -43.78
C3N LPE EA . 8.92 -33.95 -45.85
C1 PCW FA . 37.68 22.70 -23.15
C2 PCW FA . 36.53 22.49 -24.10
C3 PCW FA . 35.86 21.14 -23.94
C4 PCW FA . 41.08 24.40 -25.08
C5 PCW FA . 41.96 25.32 -25.89
C6 PCW FA . 43.30 23.54 -26.95
C7 PCW FA . 41.36 24.41 -28.11
C8 PCW FA . 43.34 25.78 -27.86
C11 PCW FA . 34.28 20.11 -22.53
C12 PCW FA . 33.09 20.37 -21.67
C13 PCW FA . 32.02 21.16 -22.35
C14 PCW FA . 30.78 21.36 -21.50
C15 PCW FA . 29.61 21.96 -22.23
C16 PCW FA . 28.35 22.07 -21.43
C17 PCW FA . 27.11 22.42 -22.25
C18 PCW FA . 25.84 22.48 -21.47
C19 PCW FA . 25.74 23.65 -20.56
C20 PCW FA . 24.87 24.64 -20.65
C21 PCW FA . 23.95 24.91 -21.80
C22 PCW FA . 22.51 24.61 -21.50
C23 PCW FA . 21.89 25.48 -20.43
C24 PCW FA . 20.44 25.20 -20.17
C25 PCW FA . 19.80 26.10 -19.14
C26 PCW FA . 18.34 25.85 -18.91
C27 PCW FA . 18.02 24.46 -18.39
C31 PCW FA . 35.80 24.79 -24.18
C32 PCW FA . 34.78 25.76 -23.66
C33 PCW FA . 33.37 25.31 -23.91
C34 PCW FA . 32.36 26.39 -23.57
C35 PCW FA . 30.92 25.96 -23.72
C36 PCW FA . 29.91 27.07 -23.62
C37 PCW FA . 30.01 27.91 -22.36
C38 PCW FA . 28.95 28.96 -22.23
C39 PCW FA . 28.91 29.91 -23.38
N PCW FA . 42.49 24.76 -27.21
O2 PCW FA . 35.53 23.51 -23.85
O3 PCW FA . 34.92 21.23 -22.85
O11 PCW FA . 34.63 19.02 -22.92
O31 PCW FA . 36.77 25.09 -24.84
O1P PCW FA . 40.58 23.03 -22.38
O2P PCW FA . 39.30 25.20 -21.72
O3P PCW FA . 38.53 23.77 -23.65
O4P PCW FA . 40.68 25.07 -23.84
P PCW FA . 39.79 24.25 -22.78
CAA Y01 GA . -6.76 -24.91 -7.31
CBA Y01 GA . -7.99 -25.55 -7.95
CAB Y01 GA . -7.77 -25.74 -9.43
CAN Y01 GA . -9.25 -24.74 -7.66
CAJ Y01 GA . -10.55 -25.34 -8.13
CAO Y01 GA . -11.75 -24.51 -7.74
CBB Y01 GA . -13.10 -24.98 -8.31
CAC Y01 GA . -13.47 -26.36 -7.76
CBE Y01 GA . -14.18 -23.92 -8.05
CAP Y01 GA . -13.80 -22.54 -8.65
CAQ Y01 GA . -15.10 -21.87 -9.12
CBG Y01 GA . -16.19 -22.71 -8.46
CBI Y01 GA . -15.65 -24.15 -8.54
CAE Y01 GA . -15.63 -24.67 -10.00
CAU Y01 GA . -16.56 -25.00 -7.66
CAS Y01 GA . -18.02 -24.91 -8.09
CBF Y01 GA . -18.56 -23.46 -8.11
CBD Y01 GA . -17.63 -22.53 -8.90
CAK Y01 GA . -18.06 -21.07 -8.71
CAI Y01 GA . -19.55 -20.91 -8.75
CAZ Y01 GA . -20.43 -21.89 -8.76
CAV Y01 GA . -21.91 -21.61 -8.93
CBH Y01 GA . -20.04 -23.35 -8.57
CAD Y01 GA . -20.28 -24.09 -9.90
CAT Y01 GA . -20.95 -23.95 -7.47
CAR Y01 GA . -22.44 -23.67 -7.69
CBC Y01 GA . -22.69 -22.19 -7.78
OAW Y01 GA . -24.11 -21.94 -8.03
CAY Y01 GA . -24.55 -20.69 -7.97
OAG Y01 GA . -23.85 -19.74 -7.78
CAM Y01 GA . -26.05 -20.61 -8.12
CAL Y01 GA . -26.63 -19.22 -8.01
CAX Y01 GA . -28.15 -19.16 -8.03
OAH Y01 GA . -28.70 -18.05 -7.94
OAF Y01 GA . -28.77 -20.23 -8.13
C1 NAG HA . -35.10 11.03 -34.90
C2 NAG HA . -35.33 10.01 -33.78
C3 NAG HA . -35.98 8.75 -34.34
C4 NAG HA . -37.25 9.12 -35.09
C5 NAG HA . -36.97 10.20 -36.13
C6 NAG HA . -38.25 10.66 -36.81
C7 NAG HA . -33.67 10.40 -32.06
C8 NAG HA . -32.30 10.06 -31.54
N2 NAG HA . -34.06 9.72 -33.13
O3 NAG HA . -36.29 7.86 -33.26
O4 NAG HA . -37.77 7.95 -35.72
O5 NAG HA . -36.34 11.33 -35.53
O6 NAG HA . -39.15 11.21 -35.84
O7 NAG HA . -34.36 11.26 -31.54
C1 NAG IA . -42.10 15.75 -49.11
C2 NAG IA . -42.28 14.22 -49.11
C3 NAG IA . -42.74 13.73 -50.47
C4 NAG IA . -44.00 14.47 -50.89
C5 NAG IA . -43.73 15.96 -50.89
C6 NAG IA . -45.00 16.75 -51.25
C7 NAG IA . -40.70 13.33 -47.50
C8 NAG IA . -39.44 12.54 -47.29
N2 NAG IA . -41.05 13.53 -48.77
O3 NAG IA . -42.99 12.32 -50.41
O4 NAG IA . -44.40 14.02 -52.20
O5 NAG IA . -43.28 16.39 -49.60
O6 NAG IA . -46.03 16.46 -50.31
O7 NAG IA . -41.36 13.74 -46.56
C1 NAG JA . -40.99 28.52 -49.49
C2 NAG JA . -42.29 27.76 -49.29
C3 NAG JA . -43.19 27.90 -50.50
C4 NAG JA . -43.33 29.36 -50.89
C5 NAG JA . -41.96 30.02 -51.01
C6 NAG JA . -42.11 31.49 -51.36
C7 NAG JA . -41.69 25.89 -47.85
C8 NAG JA . -41.39 24.42 -47.82
N2 NAG JA . -42.00 26.36 -49.05
O3 NAG JA . -44.48 27.35 -50.21
O4 NAG JA . -44.02 29.46 -52.14
O5 NAG JA . -41.28 29.89 -49.76
O6 NAG JA . -40.88 32.17 -51.09
O7 NAG JA . -41.62 26.58 -46.85
C1 LPE KA . 8.37 -11.88 -60.78
O1 LPE KA . 7.65 -11.35 -61.89
C2 LPE KA . 9.59 -12.62 -61.27
O2H LPE KA . 10.32 -13.10 -60.14
C3 LPE KA . 9.26 -13.80 -62.17
C11 LPE KA . 6.49 -10.63 -61.49
O3 LPE KA . 8.46 -13.36 -63.31
P LPE KA . 7.86 -14.44 -64.33
O31 LPE KA . 7.15 -15.48 -63.51
O32 LPE KA . 7.12 -13.69 -65.39
O33 LPE KA . 9.15 -15.11 -64.99
C31 LPE KA . 8.96 -16.17 -65.99
C32 LPE KA . 10.26 -16.61 -66.59
N LPE KA . 11.03 -15.59 -67.43
C1N LPE KA . 11.54 -14.49 -66.57
C2N LPE KA . 12.18 -16.26 -68.09
C3N LPE KA . 10.14 -15.01 -68.47
C1 LPE LA . 7.33 -3.03 -50.07
O1 LPE LA . 6.71 -3.72 -48.99
C2 LPE LA . 8.83 -3.04 -49.90
O2H LPE LA . 9.27 -4.40 -49.85
C3 LPE LA . 9.56 -2.32 -51.01
C11 LPE LA . 5.29 -3.76 -49.10
O3 LPE LA . 10.98 -2.22 -50.73
P LPE LA . 11.88 -3.56 -50.69
O31 LPE LA . 11.61 -4.24 -49.37
O32 LPE LA . 11.69 -4.30 -51.98
O33 LPE LA . 13.37 -2.97 -50.65
C31 LPE LA . 14.50 -3.87 -50.70
C32 LPE LA . 14.50 -4.64 -51.99
N LPE LA . 15.82 -5.29 -52.38
C1N LPE LA . 16.80 -4.25 -52.77
C2N LPE LA . 16.37 -6.07 -51.23
C3N LPE LA . 15.61 -6.21 -53.53
#